data_4ZMK
# 
_entry.id   4ZMK 
# 
_audit_conform.dict_name       mmcif_pdbx.dic 
_audit_conform.dict_version    5.387 
_audit_conform.dict_location   http://mmcif.pdb.org/dictionaries/ascii/mmcif_pdbx.dic 
# 
loop_
_database_2.database_id 
_database_2.database_code 
_database_2.pdbx_database_accession 
_database_2.pdbx_DOI 
PDB   4ZMK         pdb_00004zmk 10.2210/pdb4zmk/pdb 
WWPDB D_1000209540 ?            ?                   
# 
loop_
_pdbx_audit_revision_history.ordinal 
_pdbx_audit_revision_history.data_content_type 
_pdbx_audit_revision_history.major_revision 
_pdbx_audit_revision_history.minor_revision 
_pdbx_audit_revision_history.revision_date 
1 'Structure model' 1 0 2015-09-23 
2 'Structure model' 1 1 2024-03-20 
# 
_pdbx_audit_revision_details.ordinal             1 
_pdbx_audit_revision_details.revision_ordinal    1 
_pdbx_audit_revision_details.data_content_type   'Structure model' 
_pdbx_audit_revision_details.provider            repository 
_pdbx_audit_revision_details.type                'Initial release' 
_pdbx_audit_revision_details.description         ? 
_pdbx_audit_revision_details.details             ? 
# 
loop_
_pdbx_audit_revision_group.ordinal 
_pdbx_audit_revision_group.revision_ordinal 
_pdbx_audit_revision_group.data_content_type 
_pdbx_audit_revision_group.group 
1 2 'Structure model' 'Data collection'      
2 2 'Structure model' 'Database references'  
3 2 'Structure model' 'Derived calculations' 
# 
loop_
_pdbx_audit_revision_category.ordinal 
_pdbx_audit_revision_category.revision_ordinal 
_pdbx_audit_revision_category.data_content_type 
_pdbx_audit_revision_category.category 
1 2 'Structure model' chem_comp_atom        
2 2 'Structure model' chem_comp_bond        
3 2 'Structure model' database_2            
4 2 'Structure model' pdbx_struct_oper_list 
# 
loop_
_pdbx_audit_revision_item.ordinal 
_pdbx_audit_revision_item.revision_ordinal 
_pdbx_audit_revision_item.data_content_type 
_pdbx_audit_revision_item.item 
1 2 'Structure model' '_database_2.pdbx_DOI'                      
2 2 'Structure model' '_database_2.pdbx_database_accession'       
3 2 'Structure model' '_pdbx_struct_oper_list.symmetry_operation' 
# 
_pdbx_database_status.status_code                     REL 
_pdbx_database_status.status_code_sf                  REL 
_pdbx_database_status.status_code_mr                  ? 
_pdbx_database_status.entry_id                        4ZMK 
_pdbx_database_status.recvd_initial_deposition_date   2015-05-04 
_pdbx_database_status.SG_entry                        N 
_pdbx_database_status.deposit_site                    RCSB 
_pdbx_database_status.process_site                    PDBJ 
_pdbx_database_status.status_code_cs                  ? 
_pdbx_database_status.methods_development_category    ? 
_pdbx_database_status.pdb_format_compatible           Y 
_pdbx_database_status.status_code_nmr_data            ? 
# 
_pdbx_database_related.db_name        PDB 
_pdbx_database_related.details        . 
_pdbx_database_related.db_id          4ZMI 
_pdbx_database_related.content_type   unspecified 
# 
loop_
_audit_author.name 
_audit_author.pdbx_ordinal 
'Deng, W.' 1 
'Wu, J.'   2 
'Wang, F.' 3 
'Lei, M.'  4 
# 
_citation.abstract                  ? 
_citation.abstract_id_CAS           ? 
_citation.book_id_ISBN              ? 
_citation.book_publisher            ? 
_citation.book_publisher_city       ? 
_citation.book_title                ? 
_citation.coordinate_linkage        ? 
_citation.country                   CN 
_citation.database_id_Medline       ? 
_citation.details                   ? 
_citation.id                        primary 
_citation.journal_abbrev            'Cell Res.' 
_citation.journal_id_ASTM           ? 
_citation.journal_id_CSD            ? 
_citation.journal_id_ISSN           1001-0602 
_citation.journal_full              ? 
_citation.journal_issue             ? 
_citation.journal_volume            25 
_citation.language                  ? 
_citation.page_first                881 
_citation.page_last                 884 
_citation.title                     
'Fission yeast telomere-binding protein Taz1 is a functional but not a structural counterpart of human TRF1 and TRF2.' 
_citation.year                      2015 
_citation.database_id_CSD           ? 
_citation.pdbx_database_id_DOI      10.1038/cr.2015.76 
_citation.pdbx_database_id_PubMed   26088418 
_citation.unpublished_flag          ? 
# 
loop_
_citation_author.citation_id 
_citation_author.name 
_citation_author.ordinal 
_citation_author.identifier_ORCID 
primary 'Deng, W.'   1 ? 
primary 'Wu, J.'     2 ? 
primary 'Wang, F.'   3 ? 
primary 'Kanoh, J.'  4 ? 
primary 'Dehe, P.M.' 5 ? 
primary 'Inoue, H.'  6 ? 
primary 'Chen, J.'   7 ? 
primary 'Lei, M.'    8 ? 
# 
loop_
_entity.id 
_entity.type 
_entity.src_method 
_entity.pdbx_description 
_entity.formula_weight 
_entity.pdbx_number_of_molecules 
_entity.pdbx_ec 
_entity.pdbx_mutation 
_entity.pdbx_fragment 
_entity.details 
1 polymer man 'Telomere length regulator taz1' 7607.436 1  ? ? 'Dimerization domain (UNP RESIDUES 408-478)' ? 
2 water   nat water                            18.015   60 ? ? ?                                            ? 
# 
_entity_poly.entity_id                      1 
_entity_poly.type                           'polypeptide(L)' 
_entity_poly.nstd_linkage                   no 
_entity_poly.nstd_monomer                   no 
_entity_poly.pdbx_seq_one_letter_code       DTFSERTLGLNSIDNTEISEVVSLGLVSSALDKITGLLSADNLSETVSQARDFSHTLSKSLKSRAKSLSQK 
_entity_poly.pdbx_seq_one_letter_code_can   DTFSERTLGLNSIDNTEISEVVSLGLVSSALDKITGLLSADNLSETVSQARDFSHTLSKSLKSRAKSLSQK 
_entity_poly.pdbx_strand_id                 A 
_entity_poly.pdbx_target_identifier         ? 
# 
_pdbx_entity_nonpoly.entity_id   2 
_pdbx_entity_nonpoly.name        water 
_pdbx_entity_nonpoly.comp_id     HOH 
# 
loop_
_entity_poly_seq.entity_id 
_entity_poly_seq.num 
_entity_poly_seq.mon_id 
_entity_poly_seq.hetero 
1 1  ASP n 
1 2  THR n 
1 3  PHE n 
1 4  SER n 
1 5  GLU n 
1 6  ARG n 
1 7  THR n 
1 8  LEU n 
1 9  GLY n 
1 10 LEU n 
1 11 ASN n 
1 12 SER n 
1 13 ILE n 
1 14 ASP n 
1 15 ASN n 
1 16 THR n 
1 17 GLU n 
1 18 ILE n 
1 19 SER n 
1 20 GLU n 
1 21 VAL n 
1 22 VAL n 
1 23 SER n 
1 24 LEU n 
1 25 GLY n 
1 26 LEU n 
1 27 VAL n 
1 28 SER n 
1 29 SER n 
1 30 ALA n 
1 31 LEU n 
1 32 ASP n 
1 33 LYS n 
1 34 ILE n 
1 35 THR n 
1 36 GLY n 
1 37 LEU n 
1 38 LEU n 
1 39 SER n 
1 40 ALA n 
1 41 ASP n 
1 42 ASN n 
1 43 LEU n 
1 44 SER n 
1 45 GLU n 
1 46 THR n 
1 47 VAL n 
1 48 SER n 
1 49 GLN n 
1 50 ALA n 
1 51 ARG n 
1 52 ASP n 
1 53 PHE n 
1 54 SER n 
1 55 HIS n 
1 56 THR n 
1 57 LEU n 
1 58 SER n 
1 59 LYS n 
1 60 SER n 
1 61 LEU n 
1 62 LYS n 
1 63 SER n 
1 64 ARG n 
1 65 ALA n 
1 66 LYS n 
1 67 SER n 
1 68 LEU n 
1 69 SER n 
1 70 GLN n 
1 71 LYS n 
# 
_entity_src_gen.entity_id                          1 
_entity_src_gen.pdbx_src_id                        1 
_entity_src_gen.pdbx_alt_source_flag               sample 
_entity_src_gen.pdbx_seq_type                      'Biological sequence' 
_entity_src_gen.pdbx_beg_seq_num                   1 
_entity_src_gen.pdbx_end_seq_num                   71 
_entity_src_gen.gene_src_common_name               'Fission yeast' 
_entity_src_gen.gene_src_genus                     ? 
_entity_src_gen.pdbx_gene_src_gene                 'taz1, myb, myb1, SPAC16A10.07c' 
_entity_src_gen.gene_src_species                   ? 
_entity_src_gen.gene_src_strain                    '972 / ATCC 24843' 
_entity_src_gen.gene_src_tissue                    ? 
_entity_src_gen.gene_src_tissue_fraction           ? 
_entity_src_gen.gene_src_details                   ? 
_entity_src_gen.pdbx_gene_src_fragment             ? 
_entity_src_gen.pdbx_gene_src_scientific_name      'Schizosaccharomyces pombe (strain 972 / ATCC 24843)' 
_entity_src_gen.pdbx_gene_src_ncbi_taxonomy_id     284812 
_entity_src_gen.pdbx_gene_src_variant              ? 
_entity_src_gen.pdbx_gene_src_cell_line            ? 
_entity_src_gen.pdbx_gene_src_atcc                 ? 
_entity_src_gen.pdbx_gene_src_organ                ? 
_entity_src_gen.pdbx_gene_src_organelle            ? 
_entity_src_gen.pdbx_gene_src_cell                 ? 
_entity_src_gen.pdbx_gene_src_cellular_location    ? 
_entity_src_gen.host_org_common_name               ? 
_entity_src_gen.pdbx_host_org_scientific_name      'Escherichia coli' 
_entity_src_gen.pdbx_host_org_ncbi_taxonomy_id     469008 
_entity_src_gen.host_org_genus                     ? 
_entity_src_gen.pdbx_host_org_gene                 ? 
_entity_src_gen.pdbx_host_org_organ                ? 
_entity_src_gen.host_org_species                   ? 
_entity_src_gen.pdbx_host_org_tissue               ? 
_entity_src_gen.pdbx_host_org_tissue_fraction      ? 
_entity_src_gen.pdbx_host_org_strain               'BL21(DE3)' 
_entity_src_gen.pdbx_host_org_variant              ? 
_entity_src_gen.pdbx_host_org_cell_line            ? 
_entity_src_gen.pdbx_host_org_atcc                 ? 
_entity_src_gen.pdbx_host_org_culture_collection   ? 
_entity_src_gen.pdbx_host_org_cell                 ? 
_entity_src_gen.pdbx_host_org_organelle            ? 
_entity_src_gen.pdbx_host_org_cellular_location    ? 
_entity_src_gen.pdbx_host_org_vector_type          plasmid 
_entity_src_gen.pdbx_host_org_vector               ? 
_entity_src_gen.host_org_details                   ? 
_entity_src_gen.expression_system_id               ? 
_entity_src_gen.plasmid_name                       pET28a 
_entity_src_gen.plasmid_details                    ? 
_entity_src_gen.pdbx_description                   ? 
# 
loop_
_chem_comp.id 
_chem_comp.type 
_chem_comp.mon_nstd_flag 
_chem_comp.name 
_chem_comp.pdbx_synonyms 
_chem_comp.formula 
_chem_comp.formula_weight 
ALA 'L-peptide linking' y ALANINE         ? 'C3 H7 N O2'     89.093  
ARG 'L-peptide linking' y ARGININE        ? 'C6 H15 N4 O2 1' 175.209 
ASN 'L-peptide linking' y ASPARAGINE      ? 'C4 H8 N2 O3'    132.118 
ASP 'L-peptide linking' y 'ASPARTIC ACID' ? 'C4 H7 N O4'     133.103 
GLN 'L-peptide linking' y GLUTAMINE       ? 'C5 H10 N2 O3'   146.144 
GLU 'L-peptide linking' y 'GLUTAMIC ACID' ? 'C5 H9 N O4'     147.129 
GLY 'peptide linking'   y GLYCINE         ? 'C2 H5 N O2'     75.067  
HIS 'L-peptide linking' y HISTIDINE       ? 'C6 H10 N3 O2 1' 156.162 
HOH non-polymer         . WATER           ? 'H2 O'           18.015  
ILE 'L-peptide linking' y ISOLEUCINE      ? 'C6 H13 N O2'    131.173 
LEU 'L-peptide linking' y LEUCINE         ? 'C6 H13 N O2'    131.173 
LYS 'L-peptide linking' y LYSINE          ? 'C6 H15 N2 O2 1' 147.195 
PHE 'L-peptide linking' y PHENYLALANINE   ? 'C9 H11 N O2'    165.189 
SER 'L-peptide linking' y SERINE          ? 'C3 H7 N O3'     105.093 
THR 'L-peptide linking' y THREONINE       ? 'C4 H9 N O3'     119.119 
VAL 'L-peptide linking' y VALINE          ? 'C5 H11 N O2'    117.146 
# 
loop_
_pdbx_poly_seq_scheme.asym_id 
_pdbx_poly_seq_scheme.entity_id 
_pdbx_poly_seq_scheme.seq_id 
_pdbx_poly_seq_scheme.mon_id 
_pdbx_poly_seq_scheme.ndb_seq_num 
_pdbx_poly_seq_scheme.pdb_seq_num 
_pdbx_poly_seq_scheme.auth_seq_num 
_pdbx_poly_seq_scheme.pdb_mon_id 
_pdbx_poly_seq_scheme.auth_mon_id 
_pdbx_poly_seq_scheme.pdb_strand_id 
_pdbx_poly_seq_scheme.pdb_ins_code 
_pdbx_poly_seq_scheme.hetero 
A 1 1  ASP 1  408 408 ASP ASP A . n 
A 1 2  THR 2  409 409 THR THR A . n 
A 1 3  PHE 3  410 410 PHE PHE A . n 
A 1 4  SER 4  411 411 SER SER A . n 
A 1 5  GLU 5  412 412 GLU GLU A . n 
A 1 6  ARG 6  413 413 ARG ARG A . n 
A 1 7  THR 7  414 414 THR THR A . n 
A 1 8  LEU 8  415 415 LEU LEU A . n 
A 1 9  GLY 9  416 416 GLY GLY A . n 
A 1 10 LEU 10 417 417 LEU LEU A . n 
A 1 11 ASN 11 418 418 ASN ASN A . n 
A 1 12 SER 12 419 419 SER SER A . n 
A 1 13 ILE 13 420 420 ILE ILE A . n 
A 1 14 ASP 14 421 421 ASP ASP A . n 
A 1 15 ASN 15 422 422 ASN ASN A . n 
A 1 16 THR 16 423 423 THR THR A . n 
A 1 17 GLU 17 424 424 GLU GLU A . n 
A 1 18 ILE 18 425 425 ILE ILE A . n 
A 1 19 SER 19 426 426 SER SER A . n 
A 1 20 GLU 20 427 427 GLU GLU A . n 
A 1 21 VAL 21 428 428 VAL VAL A . n 
A 1 22 VAL 22 429 429 VAL VAL A . n 
A 1 23 SER 23 430 430 SER SER A . n 
A 1 24 LEU 24 431 431 LEU LEU A . n 
A 1 25 GLY 25 432 432 GLY GLY A . n 
A 1 26 LEU 26 433 433 LEU LEU A . n 
A 1 27 VAL 27 434 434 VAL VAL A . n 
A 1 28 SER 28 435 435 SER SER A . n 
A 1 29 SER 29 436 436 SER SER A . n 
A 1 30 ALA 30 437 437 ALA ALA A . n 
A 1 31 LEU 31 438 438 LEU LEU A . n 
A 1 32 ASP 32 439 439 ASP ASP A . n 
A 1 33 LYS 33 440 440 LYS LYS A . n 
A 1 34 ILE 34 441 441 ILE ILE A . n 
A 1 35 THR 35 442 442 THR THR A . n 
A 1 36 GLY 36 443 443 GLY GLY A . n 
A 1 37 LEU 37 444 444 LEU LEU A . n 
A 1 38 LEU 38 445 445 LEU LEU A . n 
A 1 39 SER 39 446 446 SER SER A . n 
A 1 40 ALA 40 447 447 ALA ALA A . n 
A 1 41 ASP 41 448 448 ASP ASP A . n 
A 1 42 ASN 42 449 449 ASN ASN A . n 
A 1 43 LEU 43 450 450 LEU LEU A . n 
A 1 44 SER 44 451 451 SER SER A . n 
A 1 45 GLU 45 452 452 GLU GLU A . n 
A 1 46 THR 46 453 453 THR THR A . n 
A 1 47 VAL 47 454 454 VAL VAL A . n 
A 1 48 SER 48 455 455 SER SER A . n 
A 1 49 GLN 49 456 456 GLN GLN A . n 
A 1 50 ALA 50 457 457 ALA ALA A . n 
A 1 51 ARG 51 458 458 ARG ARG A . n 
A 1 52 ASP 52 459 459 ASP ASP A . n 
A 1 53 PHE 53 460 460 PHE PHE A . n 
A 1 54 SER 54 461 461 SER SER A . n 
A 1 55 HIS 55 462 462 HIS HIS A . n 
A 1 56 THR 56 463 463 THR THR A . n 
A 1 57 LEU 57 464 464 LEU LEU A . n 
A 1 58 SER 58 465 465 SER SER A . n 
A 1 59 LYS 59 466 466 LYS LYS A . n 
A 1 60 SER 60 467 467 SER SER A . n 
A 1 61 LEU 61 468 468 LEU LEU A . n 
A 1 62 LYS 62 469 469 LYS LYS A . n 
A 1 63 SER 63 470 470 SER SER A . n 
A 1 64 ARG 64 471 471 ARG ARG A . n 
A 1 65 ALA 65 472 472 ALA ALA A . n 
A 1 66 LYS 66 473 473 LYS LYS A . n 
A 1 67 SER 67 474 474 SER SER A . n 
A 1 68 LEU 68 475 475 LEU LEU A . n 
A 1 69 SER 69 476 476 SER SER A . n 
A 1 70 GLN 70 477 477 GLN GLN A . n 
A 1 71 LYS 71 478 478 LYS LYS A . n 
# 
loop_
_pdbx_nonpoly_scheme.asym_id 
_pdbx_nonpoly_scheme.entity_id 
_pdbx_nonpoly_scheme.mon_id 
_pdbx_nonpoly_scheme.ndb_seq_num 
_pdbx_nonpoly_scheme.pdb_seq_num 
_pdbx_nonpoly_scheme.auth_seq_num 
_pdbx_nonpoly_scheme.pdb_mon_id 
_pdbx_nonpoly_scheme.auth_mon_id 
_pdbx_nonpoly_scheme.pdb_strand_id 
_pdbx_nonpoly_scheme.pdb_ins_code 
B 2 HOH 1  501 32 HOH HOH A . 
B 2 HOH 2  502 8  HOH HOH A . 
B 2 HOH 3  503 7  HOH HOH A . 
B 2 HOH 4  504 17 HOH HOH A . 
B 2 HOH 5  505 34 HOH HOH A . 
B 2 HOH 6  506 28 HOH HOH A . 
B 2 HOH 7  507 29 HOH HOH A . 
B 2 HOH 8  508 52 HOH HOH A . 
B 2 HOH 9  509 13 HOH HOH A . 
B 2 HOH 10 510 22 HOH HOH A . 
B 2 HOH 11 511 5  HOH HOH A . 
B 2 HOH 12 512 9  HOH HOH A . 
B 2 HOH 13 513 43 HOH HOH A . 
B 2 HOH 14 514 4  HOH HOH A . 
B 2 HOH 15 515 39 HOH HOH A . 
B 2 HOH 16 516 57 HOH HOH A . 
B 2 HOH 17 517 36 HOH HOH A . 
B 2 HOH 18 518 50 HOH HOH A . 
B 2 HOH 19 519 54 HOH HOH A . 
B 2 HOH 20 520 1  HOH HOH A . 
B 2 HOH 21 521 41 HOH HOH A . 
B 2 HOH 22 522 6  HOH HOH A . 
B 2 HOH 23 523 24 HOH HOH A . 
B 2 HOH 24 524 19 HOH HOH A . 
B 2 HOH 25 525 20 HOH HOH A . 
B 2 HOH 26 526 42 HOH HOH A . 
B 2 HOH 27 527 10 HOH HOH A . 
B 2 HOH 28 528 27 HOH HOH A . 
B 2 HOH 29 529 35 HOH HOH A . 
B 2 HOH 30 530 14 HOH HOH A . 
B 2 HOH 31 531 38 HOH HOH A . 
B 2 HOH 32 532 15 HOH HOH A . 
B 2 HOH 33 533 25 HOH HOH A . 
B 2 HOH 34 534 31 HOH HOH A . 
B 2 HOH 35 535 46 HOH HOH A . 
B 2 HOH 36 536 11 HOH HOH A . 
B 2 HOH 37 537 2  HOH HOH A . 
B 2 HOH 38 538 59 HOH HOH A . 
B 2 HOH 39 539 16 HOH HOH A . 
B 2 HOH 40 540 21 HOH HOH A . 
B 2 HOH 41 541 3  HOH HOH A . 
B 2 HOH 42 542 47 HOH HOH A . 
B 2 HOH 43 543 18 HOH HOH A . 
B 2 HOH 44 544 60 HOH HOH A . 
B 2 HOH 45 545 55 HOH HOH A . 
B 2 HOH 46 546 48 HOH HOH A . 
B 2 HOH 47 547 37 HOH HOH A . 
B 2 HOH 48 548 26 HOH HOH A . 
B 2 HOH 49 549 56 HOH HOH A . 
B 2 HOH 50 550 51 HOH HOH A . 
B 2 HOH 51 551 30 HOH HOH A . 
B 2 HOH 52 552 23 HOH HOH A . 
B 2 HOH 53 553 44 HOH HOH A . 
B 2 HOH 54 554 40 HOH HOH A . 
B 2 HOH 55 555 49 HOH HOH A . 
B 2 HOH 56 556 45 HOH HOH A . 
B 2 HOH 57 557 53 HOH HOH A . 
B 2 HOH 58 558 12 HOH HOH A . 
B 2 HOH 59 559 58 HOH HOH A . 
B 2 HOH 60 560 33 HOH HOH A . 
# 
loop_
_software.citation_id 
_software.classification 
_software.compiler_name 
_software.compiler_version 
_software.contact_author 
_software.contact_author_email 
_software.date 
_software.description 
_software.dependencies 
_software.hardware 
_software.language 
_software.location 
_software.mods 
_software.name 
_software.os 
_software.os_version 
_software.type 
_software.version 
_software.pdbx_ordinal 
? 'data scaling'    ? ? ? ? ? ? ? ? ? ? ? SCALEPACK   ? ? ? .    1 
? refinement        ? ? ? ? ? ? ? ? ? ? ? PHENIX      ? ? ? .    2 
? 'data extraction' ? ? ? ? ? ? ? ? ? ? ? PDB_EXTRACT ? ? ? 3.15 3 
? 'model building'  ? ? ? ? ? ? ? ? ? ? ? Coot        ? ? ? .    4 
? phasing           ? ? ? ? ? ? ? ? ? ? ? SHARP       ? ? ? .    5 
# 
_cell.angle_alpha                  90.000 
_cell.angle_alpha_esd              ? 
_cell.angle_beta                   90.000 
_cell.angle_beta_esd               ? 
_cell.angle_gamma                  90.000 
_cell.angle_gamma_esd              ? 
_cell.entry_id                     4ZMK 
_cell.details                      ? 
_cell.formula_units_Z              ? 
_cell.length_a                     45.078 
_cell.length_a_esd                 ? 
_cell.length_b                     45.078 
_cell.length_b_esd                 ? 
_cell.length_c                     78.687 
_cell.length_c_esd                 ? 
_cell.volume                       ? 
_cell.volume_esd                   ? 
_cell.Z_PDB                        8 
_cell.reciprocal_angle_alpha       ? 
_cell.reciprocal_angle_beta        ? 
_cell.reciprocal_angle_gamma       ? 
_cell.reciprocal_angle_alpha_esd   ? 
_cell.reciprocal_angle_beta_esd    ? 
_cell.reciprocal_angle_gamma_esd   ? 
_cell.reciprocal_length_a          ? 
_cell.reciprocal_length_b          ? 
_cell.reciprocal_length_c          ? 
_cell.reciprocal_length_a_esd      ? 
_cell.reciprocal_length_b_esd      ? 
_cell.reciprocal_length_c_esd      ? 
_cell.pdbx_unique_axis             ? 
# 
_symmetry.entry_id                         4ZMK 
_symmetry.cell_setting                     ? 
_symmetry.Int_Tables_number                96 
_symmetry.space_group_name_Hall            ? 
_symmetry.space_group_name_H-M             'P 43 21 2' 
_symmetry.pdbx_full_space_group_name_H-M   ? 
# 
_exptl.absorpt_coefficient_mu     ? 
_exptl.absorpt_correction_T_max   ? 
_exptl.absorpt_correction_T_min   ? 
_exptl.absorpt_correction_type    ? 
_exptl.absorpt_process_details    ? 
_exptl.entry_id                   4ZMK 
_exptl.crystals_number            1 
_exptl.details                    ? 
_exptl.method                     'X-RAY DIFFRACTION' 
_exptl.method_details             ? 
# 
_exptl_crystal.colour                      ? 
_exptl_crystal.density_diffrn              ? 
_exptl_crystal.density_Matthews            2.63 
_exptl_crystal.density_method              ? 
_exptl_crystal.density_percent_sol         53.18 
_exptl_crystal.description                 ? 
_exptl_crystal.F_000                       ? 
_exptl_crystal.id                          1 
_exptl_crystal.preparation                 ? 
_exptl_crystal.size_max                    ? 
_exptl_crystal.size_mid                    ? 
_exptl_crystal.size_min                    ? 
_exptl_crystal.size_rad                    ? 
_exptl_crystal.colour_lustre               ? 
_exptl_crystal.colour_modifier             ? 
_exptl_crystal.colour_primary              ? 
_exptl_crystal.density_meas                ? 
_exptl_crystal.density_meas_esd            ? 
_exptl_crystal.density_meas_gt             ? 
_exptl_crystal.density_meas_lt             ? 
_exptl_crystal.density_meas_temp           ? 
_exptl_crystal.density_meas_temp_esd       ? 
_exptl_crystal.density_meas_temp_gt        ? 
_exptl_crystal.density_meas_temp_lt        ? 
_exptl_crystal.pdbx_crystal_image_url      ? 
_exptl_crystal.pdbx_crystal_image_format   ? 
_exptl_crystal.pdbx_mosaicity              ? 
_exptl_crystal.pdbx_mosaicity_esd          ? 
# 
_exptl_crystal_grow.apparatus       ? 
_exptl_crystal_grow.atmosphere      ? 
_exptl_crystal_grow.crystal_id      1 
_exptl_crystal_grow.details         ? 
_exptl_crystal_grow.method          'VAPOR DIFFUSION, SITTING DROP' 
_exptl_crystal_grow.method_ref      ? 
_exptl_crystal_grow.pH              8.5 
_exptl_crystal_grow.pressure        ? 
_exptl_crystal_grow.pressure_esd    ? 
_exptl_crystal_grow.seeding         ? 
_exptl_crystal_grow.seeding_ref     ? 
_exptl_crystal_grow.temp            277 
_exptl_crystal_grow.temp_details    ? 
_exptl_crystal_grow.temp_esd        ? 
_exptl_crystal_grow.time            ? 
_exptl_crystal_grow.pdbx_details    '100mM Bicine pH8.5, 2.3M Ammonium Sulfate, 10mM DTT' 
_exptl_crystal_grow.pdbx_pH_range   ? 
# 
_diffrn.ambient_environment    ? 
_diffrn.ambient_temp           100 
_diffrn.ambient_temp_details   ? 
_diffrn.ambient_temp_esd       ? 
_diffrn.crystal_id             1 
_diffrn.crystal_support        ? 
_diffrn.crystal_treatment      ? 
_diffrn.details                ? 
_diffrn.id                     1 
_diffrn.ambient_pressure       ? 
_diffrn.ambient_pressure_esd   ? 
_diffrn.ambient_pressure_gt    ? 
_diffrn.ambient_pressure_lt    ? 
_diffrn.ambient_temp_gt        ? 
_diffrn.ambient_temp_lt        ? 
# 
_diffrn_detector.details                      ? 
_diffrn_detector.detector                     CCD 
_diffrn_detector.diffrn_id                    1 
_diffrn_detector.type                         'MARMOSAIC 300 mm CCD' 
_diffrn_detector.area_resol_mean              ? 
_diffrn_detector.dtime                        ? 
_diffrn_detector.pdbx_frames_total            ? 
_diffrn_detector.pdbx_collection_time_total   ? 
_diffrn_detector.pdbx_collection_date         2010-09-21 
# 
_diffrn_radiation.collimation                      ? 
_diffrn_radiation.diffrn_id                        1 
_diffrn_radiation.filter_edge                      ? 
_diffrn_radiation.inhomogeneity                    ? 
_diffrn_radiation.monochromator                    ? 
_diffrn_radiation.polarisn_norm                    ? 
_diffrn_radiation.polarisn_ratio                   ? 
_diffrn_radiation.probe                            ? 
_diffrn_radiation.type                             ? 
_diffrn_radiation.xray_symbol                      ? 
_diffrn_radiation.wavelength_id                    1 
_diffrn_radiation.pdbx_monochromatic_or_laue_m_l   M 
_diffrn_radiation.pdbx_wavelength_list             ? 
_diffrn_radiation.pdbx_wavelength                  ? 
_diffrn_radiation.pdbx_diffrn_protocol             'SINGLE WAVELENGTH' 
_diffrn_radiation.pdbx_analyzer                    ? 
_diffrn_radiation.pdbx_scattering_type             x-ray 
# 
_diffrn_radiation_wavelength.id           1 
_diffrn_radiation_wavelength.wavelength   1.0000 
_diffrn_radiation_wavelength.wt           1.0 
# 
_diffrn_source.current                     ? 
_diffrn_source.details                     ? 
_diffrn_source.diffrn_id                   1 
_diffrn_source.power                       ? 
_diffrn_source.size                        ? 
_diffrn_source.source                      SYNCHROTRON 
_diffrn_source.target                      ? 
_diffrn_source.type                        'APS BEAMLINE 21-ID-D' 
_diffrn_source.voltage                     ? 
_diffrn_source.take-off_angle              ? 
_diffrn_source.pdbx_wavelength_list        1.0000 
_diffrn_source.pdbx_wavelength             ? 
_diffrn_source.pdbx_synchrotron_beamline   21-ID-D 
_diffrn_source.pdbx_synchrotron_site       APS 
# 
_reflns.B_iso_Wilson_estimate            16.770 
_reflns.entry_id                         4ZMK 
_reflns.data_reduction_details           ? 
_reflns.data_reduction_method            ? 
_reflns.d_resolution_high                1.500 
_reflns.d_resolution_low                 100.000 
_reflns.details                          ? 
_reflns.limit_h_max                      ? 
_reflns.limit_h_min                      ? 
_reflns.limit_k_max                      ? 
_reflns.limit_k_min                      ? 
_reflns.limit_l_max                      ? 
_reflns.limit_l_min                      ? 
_reflns.number_all                       ? 
_reflns.number_obs                       13259 
_reflns.observed_criterion               ? 
_reflns.observed_criterion_F_max         ? 
_reflns.observed_criterion_F_min         ? 
_reflns.observed_criterion_I_max         ? 
_reflns.observed_criterion_I_min         ? 
_reflns.observed_criterion_sigma_F       ? 
_reflns.observed_criterion_sigma_I       ? 
_reflns.percent_possible_obs             97.100 
_reflns.R_free_details                   ? 
_reflns.Rmerge_F_all                     ? 
_reflns.Rmerge_F_obs                     ? 
_reflns.Friedel_coverage                 ? 
_reflns.number_gt                        ? 
_reflns.threshold_expression             ? 
_reflns.pdbx_redundancy                  6.500 
_reflns.pdbx_Rmerge_I_obs                0.046 
_reflns.pdbx_Rmerge_I_all                ? 
_reflns.pdbx_Rsym_value                  ? 
_reflns.pdbx_netI_over_av_sigmaI         38.643 
_reflns.pdbx_netI_over_sigmaI            18.200 
_reflns.pdbx_res_netI_over_av_sigmaI_2   ? 
_reflns.pdbx_res_netI_over_sigmaI_2      ? 
_reflns.pdbx_chi_squared                 1.185 
_reflns.pdbx_scaling_rejects             ? 
_reflns.pdbx_d_res_high_opt              ? 
_reflns.pdbx_d_res_low_opt               ? 
_reflns.pdbx_d_res_opt_method            ? 
_reflns.phase_calculation_details        ? 
_reflns.pdbx_Rrim_I_all                  ? 
_reflns.pdbx_Rpim_I_all                  ? 
_reflns.pdbx_d_opt                       ? 
_reflns.pdbx_number_measured_all         85864 
_reflns.pdbx_diffrn_id                   1 
_reflns.pdbx_ordinal                     1 
_reflns.pdbx_CC_half                     ? 
_reflns.pdbx_R_split                     ? 
# 
loop_
_reflns_shell.d_res_high 
_reflns_shell.d_res_low 
_reflns_shell.meanI_over_sigI_all 
_reflns_shell.meanI_over_sigI_obs 
_reflns_shell.number_measured_all 
_reflns_shell.number_measured_obs 
_reflns_shell.number_possible 
_reflns_shell.number_unique_all 
_reflns_shell.number_unique_obs 
_reflns_shell.percent_possible_all 
_reflns_shell.percent_possible_obs 
_reflns_shell.Rmerge_F_all 
_reflns_shell.Rmerge_F_obs 
_reflns_shell.Rmerge_I_all 
_reflns_shell.Rmerge_I_obs 
_reflns_shell.meanI_over_sigI_gt 
_reflns_shell.meanI_over_uI_all 
_reflns_shell.meanI_over_uI_gt 
_reflns_shell.number_measured_gt 
_reflns_shell.number_unique_gt 
_reflns_shell.percent_possible_gt 
_reflns_shell.Rmerge_F_gt 
_reflns_shell.Rmerge_I_gt 
_reflns_shell.pdbx_redundancy 
_reflns_shell.pdbx_Rsym_value 
_reflns_shell.pdbx_chi_squared 
_reflns_shell.pdbx_netI_over_sigmaI_all 
_reflns_shell.pdbx_netI_over_sigmaI_obs 
_reflns_shell.pdbx_Rrim_I_all 
_reflns_shell.pdbx_Rpim_I_all 
_reflns_shell.pdbx_rejects 
_reflns_shell.pdbx_ordinal 
_reflns_shell.pdbx_diffrn_id 
_reflns_shell.pdbx_CC_half 
_reflns_shell.pdbx_R_split 
1.500 1.550   ? ? ? ? ? 1141 ? 85.900  ? ? ? ? 0.271 ? ? ? ? ? ? ? ? 4.000 ? 0.944 ? ? ? ? 0 1  1 ? ? 
1.550 1.620   ? ? ? ? ? 1290 ? 96.800  ? ? ? ? 0.220 ? ? ? ? ? ? ? ? 5.300 ? 1.013 ? ? ? ? 0 2  1 ? ? 
1.620 1.690   ? ? ? ? ? 1307 ? 99.000  ? ? ? ? 0.179 ? ? ? ? ? ? ? ? 6.300 ? 0.989 ? ? ? ? 0 3  1 ? ? 
1.690 1.780   ? ? ? ? ? 1334 ? 100.000 ? ? ? ? 0.139 ? ? ? ? ? ? ? ? 6.900 ? 0.931 ? ? ? ? 0 4  1 ? ? 
1.780 1.890   ? ? ? ? ? 1349 ? 100.000 ? ? ? ? 0.097 ? ? ? ? ? ? ? ? 7.100 ? 0.980 ? ? ? ? 0 5  1 ? ? 
1.890 2.040   ? ? ? ? ? 1338 ? 100.000 ? ? ? ? 0.062 ? ? ? ? ? ? ? ? 7.100 ? 1.115 ? ? ? ? 0 6  1 ? ? 
2.040 2.240   ? ? ? ? ? 1359 ? 99.700  ? ? ? ? 0.048 ? ? ? ? ? ? ? ? 7.100 ? 1.391 ? ? ? ? 0 7  1 ? ? 
2.240 2.560   ? ? ? ? ? 1361 ? 99.600  ? ? ? ? 0.047 ? ? ? ? ? ? ? ? 7.000 ? 1.346 ? ? ? ? 0 8  1 ? ? 
2.560 3.230   ? ? ? ? ? 1394 ? 98.900  ? ? ? ? 0.046 ? ? ? ? ? ? ? ? 7.000 ? 1.578 ? ? ? ? 0 9  1 ? ? 
3.230 100.000 ? ? ? ? ? 1386 ? 91.500  ? ? ? ? 0.037 ? ? ? ? ? ? ? ? 6.500 ? 1.331 ? ? ? ? 0 10 1 ? ? 
# 
_refine.aniso_B[1][1]                            ? 
_refine.aniso_B[1][2]                            ? 
_refine.aniso_B[1][3]                            ? 
_refine.aniso_B[2][2]                            ? 
_refine.aniso_B[2][3]                            ? 
_refine.aniso_B[3][3]                            ? 
_refine.B_iso_max                                81.340 
_refine.B_iso_mean                               26.8484 
_refine.B_iso_min                                10.150 
_refine.correlation_coeff_Fo_to_Fc               ? 
_refine.correlation_coeff_Fo_to_Fc_free          ? 
_refine.details                                  ? 
_refine.diff_density_max                         ? 
_refine.diff_density_max_esd                     ? 
_refine.diff_density_min                         ? 
_refine.diff_density_min_esd                     ? 
_refine.diff_density_rms                         ? 
_refine.diff_density_rms_esd                     ? 
_refine.entry_id                                 4ZMK 
_refine.pdbx_refine_id                           'X-RAY DIFFRACTION' 
_refine.ls_abs_structure_details                 ? 
_refine.ls_abs_structure_Flack                   ? 
_refine.ls_abs_structure_Flack_esd               ? 
_refine.ls_abs_structure_Rogers                  ? 
_refine.ls_abs_structure_Rogers_esd              ? 
_refine.ls_d_res_high                            1.50 
_refine.ls_d_res_low                             29.6410 
_refine.ls_extinction_coef                       ? 
_refine.ls_extinction_coef_esd                   ? 
_refine.ls_extinction_expression                 ? 
_refine.ls_extinction_method                     ? 
_refine.ls_goodness_of_fit_all                   ? 
_refine.ls_goodness_of_fit_all_esd               ? 
_refine.ls_goodness_of_fit_obs                   ? 
_refine.ls_goodness_of_fit_obs_esd               ? 
_refine.ls_hydrogen_treatment                    ? 
_refine.ls_matrix_type                           ? 
_refine.ls_number_constraints                    ? 
_refine.ls_number_parameters                     ? 
_refine.ls_number_reflns_all                     ? 
_refine.ls_number_reflns_obs                     12585 
_refine.ls_number_reflns_R_free                  170 
_refine.ls_number_reflns_R_work                  3657 
_refine.ls_number_restraints                     ? 
_refine.ls_percent_reflns_obs                    96.9800 
_refine.ls_percent_reflns_R_free                 4.4400 
_refine.ls_R_factor_all                          ? 
_refine.ls_R_factor_obs                          0.1625 
_refine.ls_R_factor_R_free                       0.2010 
_refine.ls_R_factor_R_free_error                 ? 
_refine.ls_R_factor_R_free_error_details         ? 
_refine.ls_R_factor_R_work                       0.1592 
_refine.ls_R_Fsqd_factor_obs                     ? 
_refine.ls_R_I_factor_obs                        ? 
_refine.ls_redundancy_reflns_all                 ? 
_refine.ls_redundancy_reflns_obs                 ? 
_refine.ls_restrained_S_all                      ? 
_refine.ls_restrained_S_obs                      ? 
_refine.ls_shift_over_esd_max                    ? 
_refine.ls_shift_over_esd_mean                   ? 
_refine.ls_structure_factor_coef                 ? 
_refine.ls_weighting_details                     ? 
_refine.ls_weighting_scheme                      ? 
_refine.ls_wR_factor_all                         ? 
_refine.ls_wR_factor_obs                         ? 
_refine.ls_wR_factor_R_free                      ? 
_refine.ls_wR_factor_R_work                      ? 
_refine.occupancy_max                            ? 
_refine.occupancy_min                            ? 
_refine.solvent_model_details                    'FLAT BULK SOLVENT MODEL' 
_refine.solvent_model_param_bsol                 ? 
_refine.solvent_model_param_ksol                 ? 
_refine.ls_R_factor_gt                           ? 
_refine.ls_goodness_of_fit_gt                    ? 
_refine.ls_goodness_of_fit_ref                   ? 
_refine.ls_shift_over_su_max                     ? 
_refine.ls_shift_over_su_max_lt                  ? 
_refine.ls_shift_over_su_mean                    ? 
_refine.ls_shift_over_su_mean_lt                 ? 
_refine.pdbx_ls_sigma_I                          ? 
_refine.pdbx_ls_sigma_F                          1.410 
_refine.pdbx_ls_sigma_Fsqd                       ? 
_refine.pdbx_data_cutoff_high_absF               ? 
_refine.pdbx_data_cutoff_high_rms_absF           ? 
_refine.pdbx_data_cutoff_low_absF                ? 
_refine.pdbx_isotropic_thermal_model             ? 
_refine.pdbx_ls_cross_valid_method               'FREE R-VALUE' 
_refine.pdbx_method_to_determine_struct          SAD 
_refine.pdbx_starting_model                      ? 
_refine.pdbx_stereochemistry_target_values       ML 
_refine.pdbx_R_Free_selection_details            ? 
_refine.pdbx_stereochem_target_val_spec_case     ? 
_refine.pdbx_overall_ESU_R                       ? 
_refine.pdbx_overall_ESU_R_Free                  ? 
_refine.pdbx_solvent_vdw_probe_radii             1.1100 
_refine.pdbx_solvent_ion_probe_radii             ? 
_refine.pdbx_solvent_shrinkage_radii             0.9000 
_refine.pdbx_real_space_R                        ? 
_refine.pdbx_density_correlation                 ? 
_refine.pdbx_pd_number_of_powder_patterns        ? 
_refine.pdbx_pd_number_of_points                 ? 
_refine.pdbx_pd_meas_number_of_points            ? 
_refine.pdbx_pd_proc_ls_prof_R_factor            ? 
_refine.pdbx_pd_proc_ls_prof_wR_factor           ? 
_refine.pdbx_pd_Marquardt_correlation_coeff      ? 
_refine.pdbx_pd_Fsqrd_R_factor                   ? 
_refine.pdbx_pd_ls_matrix_band_width             ? 
_refine.pdbx_overall_phase_error                 20.4500 
_refine.pdbx_overall_SU_R_free_Cruickshank_DPI   ? 
_refine.pdbx_overall_SU_R_free_Blow_DPI          ? 
_refine.pdbx_overall_SU_R_Blow_DPI               ? 
_refine.pdbx_TLS_residual_ADP_flag               ? 
_refine.pdbx_diffrn_id                           1 
_refine.overall_SU_B                             ? 
_refine.overall_SU_ML                            0.2400 
_refine.overall_SU_R_Cruickshank_DPI             ? 
_refine.overall_SU_R_free                        ? 
_refine.overall_FOM_free_R_set                   ? 
_refine.overall_FOM_work_R_set                   ? 
_refine.pdbx_average_fsc_overall                 ? 
_refine.pdbx_average_fsc_work                    ? 
_refine.pdbx_average_fsc_free                    ? 
# 
_refine_hist.cycle_id                         final 
_refine_hist.pdbx_refine_id                   'X-RAY DIFFRACTION' 
_refine_hist.d_res_high                       1.50 
_refine_hist.d_res_low                        29.6410 
_refine_hist.pdbx_number_atoms_ligand         0 
_refine_hist.number_atoms_solvent             60 
_refine_hist.number_atoms_total               592 
_refine_hist.pdbx_number_residues_total       71 
_refine_hist.pdbx_B_iso_mean_solvent          40.13 
_refine_hist.pdbx_number_atoms_protein        532 
_refine_hist.pdbx_number_atoms_nucleic_acid   0 
# 
loop_
_refine_ls_restr.pdbx_refine_id 
_refine_ls_restr.criterion 
_refine_ls_restr.dev_ideal 
_refine_ls_restr.dev_ideal_target 
_refine_ls_restr.number 
_refine_ls_restr.rejects 
_refine_ls_restr.type 
_refine_ls_restr.weight 
_refine_ls_restr.pdbx_restraint_function 
'X-RAY DIFFRACTION' ? 0.006  ? 592 ? f_bond_d           ? ? 
'X-RAY DIFFRACTION' ? 0.796  ? 812 ? f_angle_d          ? ? 
'X-RAY DIFFRACTION' ? 0.030  ? 103 ? f_chiral_restr     ? ? 
'X-RAY DIFFRACTION' ? 0.003  ? 104 ? f_plane_restr      ? ? 
'X-RAY DIFFRACTION' ? 13.114 ? 240 ? f_dihedral_angle_d ? ? 
# 
_refine_ls_shell.pdbx_refine_id                   'X-RAY DIFFRACTION' 
_refine_ls_shell.d_res_high                       1.50 
_refine_ls_shell.d_res_low                        1.55 
_refine_ls_shell.number_reflns_all                3827 
_refine_ls_shell.number_reflns_obs                ? 
_refine_ls_shell.number_reflns_R_free             170 
_refine_ls_shell.number_reflns_R_work             3657 
_refine_ls_shell.percent_reflns_obs               97.0000 
_refine_ls_shell.percent_reflns_R_free            ? 
_refine_ls_shell.R_factor_all                     ? 
_refine_ls_shell.R_factor_obs                     ? 
_refine_ls_shell.R_factor_R_free                  0.2010 
_refine_ls_shell.R_factor_R_free_error            ? 
_refine_ls_shell.R_factor_R_work                  0.1592 
_refine_ls_shell.redundancy_reflns_all            ? 
_refine_ls_shell.redundancy_reflns_obs            ? 
_refine_ls_shell.wR_factor_all                    ? 
_refine_ls_shell.wR_factor_obs                    ? 
_refine_ls_shell.wR_factor_R_free                 ? 
_refine_ls_shell.wR_factor_R_work                 ? 
_refine_ls_shell.pdbx_total_number_of_bins_used   1 
_refine_ls_shell.pdbx_phase_error                 ? 
_refine_ls_shell.pdbx_fsc_work                    ? 
_refine_ls_shell.pdbx_fsc_free                    ? 
# 
_struct.entry_id                     4ZMK 
_struct.title                        'Crystal structure of the dimerization domain of S. pombe Taz1' 
_struct.pdbx_model_details           ? 
_struct.pdbx_formula_weight          ? 
_struct.pdbx_formula_weight_method   ? 
_struct.pdbx_model_type_details      ? 
_struct.pdbx_CASP_flag               ? 
# 
_struct_keywords.entry_id        4ZMK 
_struct_keywords.text            'telomere, dimerization domain, fission yeast, DNA BINDING PROTEIN' 
_struct_keywords.pdbx_keywords   'DNA BINDING PROTEIN' 
# 
loop_
_struct_asym.id 
_struct_asym.pdbx_blank_PDB_chainid_flag 
_struct_asym.pdbx_modified 
_struct_asym.entity_id 
_struct_asym.details 
A N N 1 ? 
B N N 2 ? 
# 
_struct_ref.id                         1 
_struct_ref.db_name                    UNP 
_struct_ref.db_code                    TAZ1_SCHPO 
_struct_ref.pdbx_db_accession          P79005 
_struct_ref.pdbx_db_isoform            ? 
_struct_ref.entity_id                  1 
_struct_ref.pdbx_seq_one_letter_code   DTFSERTLGLNSIDNTEISEVVSLGLVSSALDKITGLLSADNLSETVSQARDFSHTLSKSLKSRAKSLSQK 
_struct_ref.pdbx_align_begin           408 
# 
_struct_ref_seq.align_id                      1 
_struct_ref_seq.ref_id                        1 
_struct_ref_seq.pdbx_PDB_id_code              4ZMK 
_struct_ref_seq.pdbx_strand_id                A 
_struct_ref_seq.seq_align_beg                 1 
_struct_ref_seq.pdbx_seq_align_beg_ins_code   ? 
_struct_ref_seq.seq_align_end                 71 
_struct_ref_seq.pdbx_seq_align_end_ins_code   ? 
_struct_ref_seq.pdbx_db_accession             P79005 
_struct_ref_seq.db_align_beg                  408 
_struct_ref_seq.pdbx_db_align_beg_ins_code    ? 
_struct_ref_seq.db_align_end                  478 
_struct_ref_seq.pdbx_db_align_end_ins_code    ? 
_struct_ref_seq.pdbx_auth_seq_align_beg       408 
_struct_ref_seq.pdbx_auth_seq_align_end       478 
# 
_pdbx_struct_assembly.id                   1 
_pdbx_struct_assembly.details              author_and_software_defined_assembly 
_pdbx_struct_assembly.method_details       PISA 
_pdbx_struct_assembly.oligomeric_details   dimeric 
_pdbx_struct_assembly.oligomeric_count     2 
# 
loop_
_pdbx_struct_assembly_prop.biol_id 
_pdbx_struct_assembly_prop.type 
_pdbx_struct_assembly_prop.value 
_pdbx_struct_assembly_prop.details 
1 'ABSA (A^2)' 2350 ? 
1 MORE         -17  ? 
1 'SSA (A^2)'  7390 ? 
# 
_pdbx_struct_assembly_gen.assembly_id       1 
_pdbx_struct_assembly_gen.oper_expression   1,2 
_pdbx_struct_assembly_gen.asym_id_list      A,B 
# 
loop_
_pdbx_struct_oper_list.id 
_pdbx_struct_oper_list.type 
_pdbx_struct_oper_list.name 
_pdbx_struct_oper_list.symmetry_operation 
_pdbx_struct_oper_list.matrix[1][1] 
_pdbx_struct_oper_list.matrix[1][2] 
_pdbx_struct_oper_list.matrix[1][3] 
_pdbx_struct_oper_list.vector[1] 
_pdbx_struct_oper_list.matrix[2][1] 
_pdbx_struct_oper_list.matrix[2][2] 
_pdbx_struct_oper_list.matrix[2][3] 
_pdbx_struct_oper_list.vector[2] 
_pdbx_struct_oper_list.matrix[3][1] 
_pdbx_struct_oper_list.matrix[3][2] 
_pdbx_struct_oper_list.matrix[3][3] 
_pdbx_struct_oper_list.vector[3] 
1 'identity operation'         1_555 x,y,z  1.0000000000  0.0000000000 0.0000000000  0.0000000000   0.0000000000 1.0000000000 0.0000000000  0.0000000000 0.0000000000  0.0000000000  1.0000000000  0.0000000000  
2 'crystal symmetry operation' 7_555 y,x,-z -0.7163718610 0.6676065494 -0.2027630437 -11.5240897353 0.6676065494 0.5714185005 -0.4772655366 3.7688011530 -0.2027630437 -0.4772655366 -0.8550466395 -3.7111289019 
# 
loop_
_struct_conf.conf_type_id 
_struct_conf.id 
_struct_conf.pdbx_PDB_helix_id 
_struct_conf.beg_label_comp_id 
_struct_conf.beg_label_asym_id 
_struct_conf.beg_label_seq_id 
_struct_conf.pdbx_beg_PDB_ins_code 
_struct_conf.end_label_comp_id 
_struct_conf.end_label_asym_id 
_struct_conf.end_label_seq_id 
_struct_conf.pdbx_end_PDB_ins_code 
_struct_conf.beg_auth_comp_id 
_struct_conf.beg_auth_asym_id 
_struct_conf.beg_auth_seq_id 
_struct_conf.end_auth_comp_id 
_struct_conf.end_auth_asym_id 
_struct_conf.end_auth_seq_id 
_struct_conf.pdbx_PDB_helix_class 
_struct_conf.details 
_struct_conf.pdbx_PDB_helix_length 
HELX_P HELX_P1 AA1 THR A 2  ? LEU A 8  ? THR A 409 LEU A 415 1 ? 7  
HELX_P HELX_P2 AA2 SER A 19 ? ASP A 41 ? SER A 426 ASP A 448 1 ? 23 
HELX_P HELX_P3 AA3 LEU A 43 ? LYS A 71 ? LEU A 450 LYS A 478 1 ? 29 
# 
_struct_conf_type.id          HELX_P 
_struct_conf_type.criteria    ? 
_struct_conf_type.reference   ? 
# 
loop_
_pdbx_validate_close_contact.id 
_pdbx_validate_close_contact.PDB_model_num 
_pdbx_validate_close_contact.auth_atom_id_1 
_pdbx_validate_close_contact.auth_asym_id_1 
_pdbx_validate_close_contact.auth_comp_id_1 
_pdbx_validate_close_contact.auth_seq_id_1 
_pdbx_validate_close_contact.PDB_ins_code_1 
_pdbx_validate_close_contact.label_alt_id_1 
_pdbx_validate_close_contact.auth_atom_id_2 
_pdbx_validate_close_contact.auth_asym_id_2 
_pdbx_validate_close_contact.auth_comp_id_2 
_pdbx_validate_close_contact.auth_seq_id_2 
_pdbx_validate_close_contact.PDB_ins_code_2 
_pdbx_validate_close_contact.label_alt_id_2 
_pdbx_validate_close_contact.dist 
1 1 O A HOH 541 ? ? O A HOH 545 ? ? 1.99 
2 1 O A HOH 523 ? ? O A HOH 537 ? ? 2.02 
# 
loop_
_pdbx_refine_tls.id 
_pdbx_refine_tls.pdbx_refine_id 
_pdbx_refine_tls.details 
_pdbx_refine_tls.method 
_pdbx_refine_tls.origin_x 
_pdbx_refine_tls.origin_y 
_pdbx_refine_tls.origin_z 
_pdbx_refine_tls.T[1][1] 
_pdbx_refine_tls.T[1][1]_esd 
_pdbx_refine_tls.T[1][2] 
_pdbx_refine_tls.T[1][2]_esd 
_pdbx_refine_tls.T[1][3] 
_pdbx_refine_tls.T[1][3]_esd 
_pdbx_refine_tls.T[2][2] 
_pdbx_refine_tls.T[2][2]_esd 
_pdbx_refine_tls.T[2][3] 
_pdbx_refine_tls.T[2][3]_esd 
_pdbx_refine_tls.T[3][3] 
_pdbx_refine_tls.T[3][3]_esd 
_pdbx_refine_tls.L[1][1] 
_pdbx_refine_tls.L[1][1]_esd 
_pdbx_refine_tls.L[1][2] 
_pdbx_refine_tls.L[1][2]_esd 
_pdbx_refine_tls.L[1][3] 
_pdbx_refine_tls.L[1][3]_esd 
_pdbx_refine_tls.L[2][2] 
_pdbx_refine_tls.L[2][2]_esd 
_pdbx_refine_tls.L[2][3] 
_pdbx_refine_tls.L[2][3]_esd 
_pdbx_refine_tls.L[3][3] 
_pdbx_refine_tls.L[3][3]_esd 
_pdbx_refine_tls.S[1][1] 
_pdbx_refine_tls.S[1][1]_esd 
_pdbx_refine_tls.S[1][2] 
_pdbx_refine_tls.S[1][2]_esd 
_pdbx_refine_tls.S[1][3] 
_pdbx_refine_tls.S[1][3]_esd 
_pdbx_refine_tls.S[2][1] 
_pdbx_refine_tls.S[2][1]_esd 
_pdbx_refine_tls.S[2][2] 
_pdbx_refine_tls.S[2][2]_esd 
_pdbx_refine_tls.S[2][3] 
_pdbx_refine_tls.S[2][3]_esd 
_pdbx_refine_tls.S[3][1] 
_pdbx_refine_tls.S[3][1]_esd 
_pdbx_refine_tls.S[3][2] 
_pdbx_refine_tls.S[3][2]_esd 
_pdbx_refine_tls.S[3][3] 
_pdbx_refine_tls.S[3][3]_esd 
1 'X-RAY DIFFRACTION' ? refined 0.5486 0.0346 -0.1640 0.2019 ? 0.0419 ? -0.0509 ? 0.1841 ? -0.0015 ? 0.0505 ? 2.4145 ? 0.1174 ? -0.2353 ? 2.4538 ? -0.0073 ? 3.3423 ? -0.0816 ? -0.0730 ? -0.0003 ? 0.1852 ? -0.1701 ? -0.2535 ? 0.2955 ? 0.2633 ? -0.1522 ? 
2 'X-RAY DIFFRACTION' ? refined 2.6772 0.9786 0.7484  0.3639 ? 0.0118 ? 0.0378  ? 0.2565 ? -0.0494 ? 0.2179 ? 2.9829 ? 0.6907 ? 0.6141  ? 1.0321 ? 0.0045  ? 1.7373 ? 0.0598  ? -0.1093 ? -0.0011 ? 0.1055 ? -0.0667 ? -0.0987 ? 0.3311 ? 0.2934 ? -0.0025 ? 
# 
loop_
_pdbx_refine_tls_group.id 
_pdbx_refine_tls_group.pdbx_refine_id 
_pdbx_refine_tls_group.refine_tls_id 
_pdbx_refine_tls_group.beg_label_asym_id 
_pdbx_refine_tls_group.beg_label_seq_id 
_pdbx_refine_tls_group.beg_auth_asym_id 
_pdbx_refine_tls_group.beg_auth_seq_id 
_pdbx_refine_tls_group.end_label_asym_id 
_pdbx_refine_tls_group.end_label_seq_id 
_pdbx_refine_tls_group.end_auth_asym_id 
_pdbx_refine_tls_group.end_auth_seq_id 
_pdbx_refine_tls_group.selection 
_pdbx_refine_tls_group.selection_details 
1 'X-RAY DIFFRACTION' 1 ? ? A 408 ? ? A 478 ? 'CHAIN A AND (RESSEQ 408:478)' 
2 'X-RAY DIFFRACTION' 2 ? ? A 501 ? ? A 560 ? 'CHAIN A AND (RESSEQ 501:560)' 
# 
loop_
_chem_comp_atom.comp_id 
_chem_comp_atom.atom_id 
_chem_comp_atom.type_symbol 
_chem_comp_atom.pdbx_aromatic_flag 
_chem_comp_atom.pdbx_stereo_config 
_chem_comp_atom.pdbx_ordinal 
ALA N    N N N 1   
ALA CA   C N S 2   
ALA C    C N N 3   
ALA O    O N N 4   
ALA CB   C N N 5   
ALA OXT  O N N 6   
ALA H    H N N 7   
ALA H2   H N N 8   
ALA HA   H N N 9   
ALA HB1  H N N 10  
ALA HB2  H N N 11  
ALA HB3  H N N 12  
ALA HXT  H N N 13  
ARG N    N N N 14  
ARG CA   C N S 15  
ARG C    C N N 16  
ARG O    O N N 17  
ARG CB   C N N 18  
ARG CG   C N N 19  
ARG CD   C N N 20  
ARG NE   N N N 21  
ARG CZ   C N N 22  
ARG NH1  N N N 23  
ARG NH2  N N N 24  
ARG OXT  O N N 25  
ARG H    H N N 26  
ARG H2   H N N 27  
ARG HA   H N N 28  
ARG HB2  H N N 29  
ARG HB3  H N N 30  
ARG HG2  H N N 31  
ARG HG3  H N N 32  
ARG HD2  H N N 33  
ARG HD3  H N N 34  
ARG HE   H N N 35  
ARG HH11 H N N 36  
ARG HH12 H N N 37  
ARG HH21 H N N 38  
ARG HH22 H N N 39  
ARG HXT  H N N 40  
ASN N    N N N 41  
ASN CA   C N S 42  
ASN C    C N N 43  
ASN O    O N N 44  
ASN CB   C N N 45  
ASN CG   C N N 46  
ASN OD1  O N N 47  
ASN ND2  N N N 48  
ASN OXT  O N N 49  
ASN H    H N N 50  
ASN H2   H N N 51  
ASN HA   H N N 52  
ASN HB2  H N N 53  
ASN HB3  H N N 54  
ASN HD21 H N N 55  
ASN HD22 H N N 56  
ASN HXT  H N N 57  
ASP N    N N N 58  
ASP CA   C N S 59  
ASP C    C N N 60  
ASP O    O N N 61  
ASP CB   C N N 62  
ASP CG   C N N 63  
ASP OD1  O N N 64  
ASP OD2  O N N 65  
ASP OXT  O N N 66  
ASP H    H N N 67  
ASP H2   H N N 68  
ASP HA   H N N 69  
ASP HB2  H N N 70  
ASP HB3  H N N 71  
ASP HD2  H N N 72  
ASP HXT  H N N 73  
GLN N    N N N 74  
GLN CA   C N S 75  
GLN C    C N N 76  
GLN O    O N N 77  
GLN CB   C N N 78  
GLN CG   C N N 79  
GLN CD   C N N 80  
GLN OE1  O N N 81  
GLN NE2  N N N 82  
GLN OXT  O N N 83  
GLN H    H N N 84  
GLN H2   H N N 85  
GLN HA   H N N 86  
GLN HB2  H N N 87  
GLN HB3  H N N 88  
GLN HG2  H N N 89  
GLN HG3  H N N 90  
GLN HE21 H N N 91  
GLN HE22 H N N 92  
GLN HXT  H N N 93  
GLU N    N N N 94  
GLU CA   C N S 95  
GLU C    C N N 96  
GLU O    O N N 97  
GLU CB   C N N 98  
GLU CG   C N N 99  
GLU CD   C N N 100 
GLU OE1  O N N 101 
GLU OE2  O N N 102 
GLU OXT  O N N 103 
GLU H    H N N 104 
GLU H2   H N N 105 
GLU HA   H N N 106 
GLU HB2  H N N 107 
GLU HB3  H N N 108 
GLU HG2  H N N 109 
GLU HG3  H N N 110 
GLU HE2  H N N 111 
GLU HXT  H N N 112 
GLY N    N N N 113 
GLY CA   C N N 114 
GLY C    C N N 115 
GLY O    O N N 116 
GLY OXT  O N N 117 
GLY H    H N N 118 
GLY H2   H N N 119 
GLY HA2  H N N 120 
GLY HA3  H N N 121 
GLY HXT  H N N 122 
HIS N    N N N 123 
HIS CA   C N S 124 
HIS C    C N N 125 
HIS O    O N N 126 
HIS CB   C N N 127 
HIS CG   C Y N 128 
HIS ND1  N Y N 129 
HIS CD2  C Y N 130 
HIS CE1  C Y N 131 
HIS NE2  N Y N 132 
HIS OXT  O N N 133 
HIS H    H N N 134 
HIS H2   H N N 135 
HIS HA   H N N 136 
HIS HB2  H N N 137 
HIS HB3  H N N 138 
HIS HD1  H N N 139 
HIS HD2  H N N 140 
HIS HE1  H N N 141 
HIS HE2  H N N 142 
HIS HXT  H N N 143 
HOH O    O N N 144 
HOH H1   H N N 145 
HOH H2   H N N 146 
ILE N    N N N 147 
ILE CA   C N S 148 
ILE C    C N N 149 
ILE O    O N N 150 
ILE CB   C N S 151 
ILE CG1  C N N 152 
ILE CG2  C N N 153 
ILE CD1  C N N 154 
ILE OXT  O N N 155 
ILE H    H N N 156 
ILE H2   H N N 157 
ILE HA   H N N 158 
ILE HB   H N N 159 
ILE HG12 H N N 160 
ILE HG13 H N N 161 
ILE HG21 H N N 162 
ILE HG22 H N N 163 
ILE HG23 H N N 164 
ILE HD11 H N N 165 
ILE HD12 H N N 166 
ILE HD13 H N N 167 
ILE HXT  H N N 168 
LEU N    N N N 169 
LEU CA   C N S 170 
LEU C    C N N 171 
LEU O    O N N 172 
LEU CB   C N N 173 
LEU CG   C N N 174 
LEU CD1  C N N 175 
LEU CD2  C N N 176 
LEU OXT  O N N 177 
LEU H    H N N 178 
LEU H2   H N N 179 
LEU HA   H N N 180 
LEU HB2  H N N 181 
LEU HB3  H N N 182 
LEU HG   H N N 183 
LEU HD11 H N N 184 
LEU HD12 H N N 185 
LEU HD13 H N N 186 
LEU HD21 H N N 187 
LEU HD22 H N N 188 
LEU HD23 H N N 189 
LEU HXT  H N N 190 
LYS N    N N N 191 
LYS CA   C N S 192 
LYS C    C N N 193 
LYS O    O N N 194 
LYS CB   C N N 195 
LYS CG   C N N 196 
LYS CD   C N N 197 
LYS CE   C N N 198 
LYS NZ   N N N 199 
LYS OXT  O N N 200 
LYS H    H N N 201 
LYS H2   H N N 202 
LYS HA   H N N 203 
LYS HB2  H N N 204 
LYS HB3  H N N 205 
LYS HG2  H N N 206 
LYS HG3  H N N 207 
LYS HD2  H N N 208 
LYS HD3  H N N 209 
LYS HE2  H N N 210 
LYS HE3  H N N 211 
LYS HZ1  H N N 212 
LYS HZ2  H N N 213 
LYS HZ3  H N N 214 
LYS HXT  H N N 215 
PHE N    N N N 216 
PHE CA   C N S 217 
PHE C    C N N 218 
PHE O    O N N 219 
PHE CB   C N N 220 
PHE CG   C Y N 221 
PHE CD1  C Y N 222 
PHE CD2  C Y N 223 
PHE CE1  C Y N 224 
PHE CE2  C Y N 225 
PHE CZ   C Y N 226 
PHE OXT  O N N 227 
PHE H    H N N 228 
PHE H2   H N N 229 
PHE HA   H N N 230 
PHE HB2  H N N 231 
PHE HB3  H N N 232 
PHE HD1  H N N 233 
PHE HD2  H N N 234 
PHE HE1  H N N 235 
PHE HE2  H N N 236 
PHE HZ   H N N 237 
PHE HXT  H N N 238 
SER N    N N N 239 
SER CA   C N S 240 
SER C    C N N 241 
SER O    O N N 242 
SER CB   C N N 243 
SER OG   O N N 244 
SER OXT  O N N 245 
SER H    H N N 246 
SER H2   H N N 247 
SER HA   H N N 248 
SER HB2  H N N 249 
SER HB3  H N N 250 
SER HG   H N N 251 
SER HXT  H N N 252 
THR N    N N N 253 
THR CA   C N S 254 
THR C    C N N 255 
THR O    O N N 256 
THR CB   C N R 257 
THR OG1  O N N 258 
THR CG2  C N N 259 
THR OXT  O N N 260 
THR H    H N N 261 
THR H2   H N N 262 
THR HA   H N N 263 
THR HB   H N N 264 
THR HG1  H N N 265 
THR HG21 H N N 266 
THR HG22 H N N 267 
THR HG23 H N N 268 
THR HXT  H N N 269 
VAL N    N N N 270 
VAL CA   C N S 271 
VAL C    C N N 272 
VAL O    O N N 273 
VAL CB   C N N 274 
VAL CG1  C N N 275 
VAL CG2  C N N 276 
VAL OXT  O N N 277 
VAL H    H N N 278 
VAL H2   H N N 279 
VAL HA   H N N 280 
VAL HB   H N N 281 
VAL HG11 H N N 282 
VAL HG12 H N N 283 
VAL HG13 H N N 284 
VAL HG21 H N N 285 
VAL HG22 H N N 286 
VAL HG23 H N N 287 
VAL HXT  H N N 288 
# 
loop_
_chem_comp_bond.comp_id 
_chem_comp_bond.atom_id_1 
_chem_comp_bond.atom_id_2 
_chem_comp_bond.value_order 
_chem_comp_bond.pdbx_aromatic_flag 
_chem_comp_bond.pdbx_stereo_config 
_chem_comp_bond.pdbx_ordinal 
ALA N   CA   sing N N 1   
ALA N   H    sing N N 2   
ALA N   H2   sing N N 3   
ALA CA  C    sing N N 4   
ALA CA  CB   sing N N 5   
ALA CA  HA   sing N N 6   
ALA C   O    doub N N 7   
ALA C   OXT  sing N N 8   
ALA CB  HB1  sing N N 9   
ALA CB  HB2  sing N N 10  
ALA CB  HB3  sing N N 11  
ALA OXT HXT  sing N N 12  
ARG N   CA   sing N N 13  
ARG N   H    sing N N 14  
ARG N   H2   sing N N 15  
ARG CA  C    sing N N 16  
ARG CA  CB   sing N N 17  
ARG CA  HA   sing N N 18  
ARG C   O    doub N N 19  
ARG C   OXT  sing N N 20  
ARG CB  CG   sing N N 21  
ARG CB  HB2  sing N N 22  
ARG CB  HB3  sing N N 23  
ARG CG  CD   sing N N 24  
ARG CG  HG2  sing N N 25  
ARG CG  HG3  sing N N 26  
ARG CD  NE   sing N N 27  
ARG CD  HD2  sing N N 28  
ARG CD  HD3  sing N N 29  
ARG NE  CZ   sing N N 30  
ARG NE  HE   sing N N 31  
ARG CZ  NH1  sing N N 32  
ARG CZ  NH2  doub N N 33  
ARG NH1 HH11 sing N N 34  
ARG NH1 HH12 sing N N 35  
ARG NH2 HH21 sing N N 36  
ARG NH2 HH22 sing N N 37  
ARG OXT HXT  sing N N 38  
ASN N   CA   sing N N 39  
ASN N   H    sing N N 40  
ASN N   H2   sing N N 41  
ASN CA  C    sing N N 42  
ASN CA  CB   sing N N 43  
ASN CA  HA   sing N N 44  
ASN C   O    doub N N 45  
ASN C   OXT  sing N N 46  
ASN CB  CG   sing N N 47  
ASN CB  HB2  sing N N 48  
ASN CB  HB3  sing N N 49  
ASN CG  OD1  doub N N 50  
ASN CG  ND2  sing N N 51  
ASN ND2 HD21 sing N N 52  
ASN ND2 HD22 sing N N 53  
ASN OXT HXT  sing N N 54  
ASP N   CA   sing N N 55  
ASP N   H    sing N N 56  
ASP N   H2   sing N N 57  
ASP CA  C    sing N N 58  
ASP CA  CB   sing N N 59  
ASP CA  HA   sing N N 60  
ASP C   O    doub N N 61  
ASP C   OXT  sing N N 62  
ASP CB  CG   sing N N 63  
ASP CB  HB2  sing N N 64  
ASP CB  HB3  sing N N 65  
ASP CG  OD1  doub N N 66  
ASP CG  OD2  sing N N 67  
ASP OD2 HD2  sing N N 68  
ASP OXT HXT  sing N N 69  
GLN N   CA   sing N N 70  
GLN N   H    sing N N 71  
GLN N   H2   sing N N 72  
GLN CA  C    sing N N 73  
GLN CA  CB   sing N N 74  
GLN CA  HA   sing N N 75  
GLN C   O    doub N N 76  
GLN C   OXT  sing N N 77  
GLN CB  CG   sing N N 78  
GLN CB  HB2  sing N N 79  
GLN CB  HB3  sing N N 80  
GLN CG  CD   sing N N 81  
GLN CG  HG2  sing N N 82  
GLN CG  HG3  sing N N 83  
GLN CD  OE1  doub N N 84  
GLN CD  NE2  sing N N 85  
GLN NE2 HE21 sing N N 86  
GLN NE2 HE22 sing N N 87  
GLN OXT HXT  sing N N 88  
GLU N   CA   sing N N 89  
GLU N   H    sing N N 90  
GLU N   H2   sing N N 91  
GLU CA  C    sing N N 92  
GLU CA  CB   sing N N 93  
GLU CA  HA   sing N N 94  
GLU C   O    doub N N 95  
GLU C   OXT  sing N N 96  
GLU CB  CG   sing N N 97  
GLU CB  HB2  sing N N 98  
GLU CB  HB3  sing N N 99  
GLU CG  CD   sing N N 100 
GLU CG  HG2  sing N N 101 
GLU CG  HG3  sing N N 102 
GLU CD  OE1  doub N N 103 
GLU CD  OE2  sing N N 104 
GLU OE2 HE2  sing N N 105 
GLU OXT HXT  sing N N 106 
GLY N   CA   sing N N 107 
GLY N   H    sing N N 108 
GLY N   H2   sing N N 109 
GLY CA  C    sing N N 110 
GLY CA  HA2  sing N N 111 
GLY CA  HA3  sing N N 112 
GLY C   O    doub N N 113 
GLY C   OXT  sing N N 114 
GLY OXT HXT  sing N N 115 
HIS N   CA   sing N N 116 
HIS N   H    sing N N 117 
HIS N   H2   sing N N 118 
HIS CA  C    sing N N 119 
HIS CA  CB   sing N N 120 
HIS CA  HA   sing N N 121 
HIS C   O    doub N N 122 
HIS C   OXT  sing N N 123 
HIS CB  CG   sing N N 124 
HIS CB  HB2  sing N N 125 
HIS CB  HB3  sing N N 126 
HIS CG  ND1  sing Y N 127 
HIS CG  CD2  doub Y N 128 
HIS ND1 CE1  doub Y N 129 
HIS ND1 HD1  sing N N 130 
HIS CD2 NE2  sing Y N 131 
HIS CD2 HD2  sing N N 132 
HIS CE1 NE2  sing Y N 133 
HIS CE1 HE1  sing N N 134 
HIS NE2 HE2  sing N N 135 
HIS OXT HXT  sing N N 136 
HOH O   H1   sing N N 137 
HOH O   H2   sing N N 138 
ILE N   CA   sing N N 139 
ILE N   H    sing N N 140 
ILE N   H2   sing N N 141 
ILE CA  C    sing N N 142 
ILE CA  CB   sing N N 143 
ILE CA  HA   sing N N 144 
ILE C   O    doub N N 145 
ILE C   OXT  sing N N 146 
ILE CB  CG1  sing N N 147 
ILE CB  CG2  sing N N 148 
ILE CB  HB   sing N N 149 
ILE CG1 CD1  sing N N 150 
ILE CG1 HG12 sing N N 151 
ILE CG1 HG13 sing N N 152 
ILE CG2 HG21 sing N N 153 
ILE CG2 HG22 sing N N 154 
ILE CG2 HG23 sing N N 155 
ILE CD1 HD11 sing N N 156 
ILE CD1 HD12 sing N N 157 
ILE CD1 HD13 sing N N 158 
ILE OXT HXT  sing N N 159 
LEU N   CA   sing N N 160 
LEU N   H    sing N N 161 
LEU N   H2   sing N N 162 
LEU CA  C    sing N N 163 
LEU CA  CB   sing N N 164 
LEU CA  HA   sing N N 165 
LEU C   O    doub N N 166 
LEU C   OXT  sing N N 167 
LEU CB  CG   sing N N 168 
LEU CB  HB2  sing N N 169 
LEU CB  HB3  sing N N 170 
LEU CG  CD1  sing N N 171 
LEU CG  CD2  sing N N 172 
LEU CG  HG   sing N N 173 
LEU CD1 HD11 sing N N 174 
LEU CD1 HD12 sing N N 175 
LEU CD1 HD13 sing N N 176 
LEU CD2 HD21 sing N N 177 
LEU CD2 HD22 sing N N 178 
LEU CD2 HD23 sing N N 179 
LEU OXT HXT  sing N N 180 
LYS N   CA   sing N N 181 
LYS N   H    sing N N 182 
LYS N   H2   sing N N 183 
LYS CA  C    sing N N 184 
LYS CA  CB   sing N N 185 
LYS CA  HA   sing N N 186 
LYS C   O    doub N N 187 
LYS C   OXT  sing N N 188 
LYS CB  CG   sing N N 189 
LYS CB  HB2  sing N N 190 
LYS CB  HB3  sing N N 191 
LYS CG  CD   sing N N 192 
LYS CG  HG2  sing N N 193 
LYS CG  HG3  sing N N 194 
LYS CD  CE   sing N N 195 
LYS CD  HD2  sing N N 196 
LYS CD  HD3  sing N N 197 
LYS CE  NZ   sing N N 198 
LYS CE  HE2  sing N N 199 
LYS CE  HE3  sing N N 200 
LYS NZ  HZ1  sing N N 201 
LYS NZ  HZ2  sing N N 202 
LYS NZ  HZ3  sing N N 203 
LYS OXT HXT  sing N N 204 
PHE N   CA   sing N N 205 
PHE N   H    sing N N 206 
PHE N   H2   sing N N 207 
PHE CA  C    sing N N 208 
PHE CA  CB   sing N N 209 
PHE CA  HA   sing N N 210 
PHE C   O    doub N N 211 
PHE C   OXT  sing N N 212 
PHE CB  CG   sing N N 213 
PHE CB  HB2  sing N N 214 
PHE CB  HB3  sing N N 215 
PHE CG  CD1  doub Y N 216 
PHE CG  CD2  sing Y N 217 
PHE CD1 CE1  sing Y N 218 
PHE CD1 HD1  sing N N 219 
PHE CD2 CE2  doub Y N 220 
PHE CD2 HD2  sing N N 221 
PHE CE1 CZ   doub Y N 222 
PHE CE1 HE1  sing N N 223 
PHE CE2 CZ   sing Y N 224 
PHE CE2 HE2  sing N N 225 
PHE CZ  HZ   sing N N 226 
PHE OXT HXT  sing N N 227 
SER N   CA   sing N N 228 
SER N   H    sing N N 229 
SER N   H2   sing N N 230 
SER CA  C    sing N N 231 
SER CA  CB   sing N N 232 
SER CA  HA   sing N N 233 
SER C   O    doub N N 234 
SER C   OXT  sing N N 235 
SER CB  OG   sing N N 236 
SER CB  HB2  sing N N 237 
SER CB  HB3  sing N N 238 
SER OG  HG   sing N N 239 
SER OXT HXT  sing N N 240 
THR N   CA   sing N N 241 
THR N   H    sing N N 242 
THR N   H2   sing N N 243 
THR CA  C    sing N N 244 
THR CA  CB   sing N N 245 
THR CA  HA   sing N N 246 
THR C   O    doub N N 247 
THR C   OXT  sing N N 248 
THR CB  OG1  sing N N 249 
THR CB  CG2  sing N N 250 
THR CB  HB   sing N N 251 
THR OG1 HG1  sing N N 252 
THR CG2 HG21 sing N N 253 
THR CG2 HG22 sing N N 254 
THR CG2 HG23 sing N N 255 
THR OXT HXT  sing N N 256 
VAL N   CA   sing N N 257 
VAL N   H    sing N N 258 
VAL N   H2   sing N N 259 
VAL CA  C    sing N N 260 
VAL CA  CB   sing N N 261 
VAL CA  HA   sing N N 262 
VAL C   O    doub N N 263 
VAL C   OXT  sing N N 264 
VAL CB  CG1  sing N N 265 
VAL CB  CG2  sing N N 266 
VAL CB  HB   sing N N 267 
VAL CG1 HG11 sing N N 268 
VAL CG1 HG12 sing N N 269 
VAL CG1 HG13 sing N N 270 
VAL CG2 HG21 sing N N 271 
VAL CG2 HG22 sing N N 272 
VAL CG2 HG23 sing N N 273 
VAL OXT HXT  sing N N 274 
# 
_atom_sites.entry_id                    4ZMK 
_atom_sites.fract_transf_matrix[1][1]   0.01807462 
_atom_sites.fract_transf_matrix[1][2]   0.00667945 
_atom_sites.fract_transf_matrix[1][3]   -0.01099195 
_atom_sites.fract_transf_matrix[2][1]   -0.00626014 
_atom_sites.fract_transf_matrix[2][2]   0.02112957 
_atom_sites.fract_transf_matrix[2][3]   0.00254590 
_atom_sites.fract_transf_matrix[3][1]   0.00643702 
_atom_sites.fract_transf_matrix[3][2]   0.00058867 
_atom_sites.fract_transf_matrix[3][3]   0.01094243 
_atom_sites.fract_transf_vector[1]      0.315063 
_atom_sites.fract_transf_vector[2]      0.172735 
_atom_sites.fract_transf_vector[3]      0.056286 
# 
loop_
_atom_type.symbol 
C 
N 
O 
# 
loop_
_atom_site.group_PDB 
_atom_site.id 
_atom_site.type_symbol 
_atom_site.label_atom_id 
_atom_site.label_alt_id 
_atom_site.label_comp_id 
_atom_site.label_asym_id 
_atom_site.label_entity_id 
_atom_site.label_seq_id 
_atom_site.pdbx_PDB_ins_code 
_atom_site.Cartn_x 
_atom_site.Cartn_y 
_atom_site.Cartn_z 
_atom_site.occupancy 
_atom_site.B_iso_or_equiv 
_atom_site.pdbx_formal_charge 
_atom_site.auth_seq_id 
_atom_site.auth_comp_id 
_atom_site.auth_asym_id 
_atom_site.auth_atom_id 
_atom_site.pdbx_PDB_model_num 
ATOM   1   N N   . ASP A 1 1  ? 13.196  -4.131  1.562   1.00 41.47 ? 408 ASP A N   1 
ATOM   2   C CA  . ASP A 1 1  ? 12.079  -3.200  1.419   1.00 47.20 ? 408 ASP A CA  1 
ATOM   3   C C   . ASP A 1 1  ? 12.470  -1.886  0.725   1.00 42.90 ? 408 ASP A C   1 
ATOM   4   O O   . ASP A 1 1  ? 13.529  -1.321  0.982   1.00 45.39 ? 408 ASP A O   1 
ATOM   5   C CB  . ASP A 1 1  ? 11.476  -2.892  2.793   1.00 59.19 ? 408 ASP A CB  1 
ATOM   6   C CG  . ASP A 1 1  ? 10.747  -4.085  3.394   1.00 70.43 ? 408 ASP A CG  1 
ATOM   7   O OD1 . ASP A 1 1  ? 10.900  -5.208  2.865   1.00 74.55 ? 408 ASP A OD1 1 
ATOM   8   O OD2 . ASP A 1 1  ? 10.021  -3.902  4.399   1.00 71.62 ? 408 ASP A OD2 1 
ATOM   9   N N   . THR A 1 2  ? 11.610  -1.395  -0.156  1.00 33.71 ? 409 THR A N   1 
ATOM   10  C CA  . THR A 1 2  ? 11.797  -0.051  -0.675  1.00 23.96 ? 409 THR A CA  1 
ATOM   11  C C   . THR A 1 2  ? 11.396  0.941   0.406   1.00 22.05 ? 409 THR A C   1 
ATOM   12  O O   . THR A 1 2  ? 10.876  0.556   1.445   1.00 21.75 ? 409 THR A O   1 
ATOM   13  C CB  . THR A 1 2  ? 10.961  0.219   -1.932  1.00 21.05 ? 409 THR A CB  1 
ATOM   14  O OG1 . THR A 1 2  ? 9.577   0.324   -1.573  1.00 23.49 ? 409 THR A OG1 1 
ATOM   15  C CG2 . THR A 1 2  ? 11.134  -0.895  -2.931  1.00 29.18 ? 409 THR A CG2 1 
ATOM   16  N N   . PHE A 1 3  ? 11.634  2.219   0.146   1.00 27.79 ? 410 PHE A N   1 
ATOM   17  C CA  . PHE A 1 3  ? 11.218  3.277   1.052   1.00 24.96 ? 410 PHE A CA  1 
ATOM   18  C C   . PHE A 1 3  ? 9.714   3.230   1.280   1.00 19.76 ? 410 PHE A C   1 
ATOM   19  O O   . PHE A 1 3  ? 9.260   3.286   2.414   1.00 19.66 ? 410 PHE A O   1 
ATOM   20  C CB  . PHE A 1 3  ? 11.632  4.648   0.507   1.00 22.29 ? 410 PHE A CB  1 
ATOM   21  C CG  . PHE A 1 3  ? 11.245  5.784   1.392   1.00 22.26 ? 410 PHE A CG  1 
ATOM   22  C CD1 . PHE A 1 3  ? 10.067  6.483   1.170   1.00 20.70 ? 410 PHE A CD1 1 
ATOM   23  C CD2 . PHE A 1 3  ? 12.051  6.151   2.455   1.00 24.03 ? 410 PHE A CD2 1 
ATOM   24  C CE1 . PHE A 1 3  ? 9.702   7.526   1.989   1.00 20.92 ? 410 PHE A CE1 1 
ATOM   25  C CE2 . PHE A 1 3  ? 11.695  7.192   3.272   1.00 24.24 ? 410 PHE A CE2 1 
ATOM   26  C CZ  . PHE A 1 3  ? 10.516  7.883   3.043   1.00 22.68 ? 410 PHE A CZ  1 
ATOM   27  N N   . SER A 1 4  ? 8.946   3.115   0.202   1.00 18.41 ? 411 SER A N   1 
ATOM   28  C CA  . SER A 1 4  ? 7.492   3.105   0.307   1.00 16.72 ? 411 SER A CA  1 
ATOM   29  C C   . SER A 1 4  ? 6.959   1.840   0.981   1.00 16.43 ? 411 SER A C   1 
ATOM   30  O O   . SER A 1 4  ? 6.069   1.928   1.807   1.00 21.51 ? 411 SER A O   1 
ATOM   31  C CB  . SER A 1 4  ? 6.853   3.274   -1.069  1.00 15.69 ? 411 SER A CB  1 
ATOM   32  O OG  . SER A 1 4  ? 7.206   4.519   -1.632  1.00 19.51 ? 411 SER A OG  1 
ATOM   33  N N   . GLU A 1 5  ? 7.498   0.673   0.637   1.00 17.10 ? 412 GLU A N   1 
ATOM   34  C CA  A GLU A 1 5  ? 7.076   -0.577  1.263   0.50 17.21 ? 412 GLU A CA  1 
ATOM   35  C CA  B GLU A 1 5  ? 7.064   -0.571  1.262   0.50 17.19 ? 412 GLU A CA  1 
ATOM   36  C C   . GLU A 1 5  ? 7.236   -0.516  2.783   1.00 24.38 ? 412 GLU A C   1 
ATOM   37  O O   . GLU A 1 5  ? 6.342   -0.911  3.532   1.00 23.32 ? 412 GLU A O   1 
ATOM   38  C CB  A GLU A 1 5  ? 7.873   -1.757  0.702   0.50 18.37 ? 412 GLU A CB  1 
ATOM   39  C CB  B GLU A 1 5  ? 7.828   -1.765  0.676   0.50 18.32 ? 412 GLU A CB  1 
ATOM   40  C CG  A GLU A 1 5  ? 7.609   -2.037  -0.760  0.50 17.80 ? 412 GLU A CG  1 
ATOM   41  C CG  B GLU A 1 5  ? 7.551   -3.085  1.383   0.50 28.39 ? 412 GLU A CG  1 
ATOM   42  C CD  A GLU A 1 5  ? 8.414   -3.206  -1.287  0.50 33.31 ? 412 GLU A CD  1 
ATOM   43  C CD  B GLU A 1 5  ? 8.018   -4.295  0.589   0.50 36.50 ? 412 GLU A CD  1 
ATOM   44  O OE1 A GLU A 1 5  ? 9.455   -3.536  -0.680  0.50 20.89 ? 412 GLU A OE1 1 
ATOM   45  O OE1 B GLU A 1 5  ? 8.538   -5.253  1.206   0.50 39.03 ? 412 GLU A OE1 1 
ATOM   46  O OE2 A GLU A 1 5  ? 8.002   -3.797  -2.306  0.50 28.76 ? 412 GLU A OE2 1 
ATOM   47  O OE2 B GLU A 1 5  ? 7.855   -4.292  -0.651  0.50 38.64 ? 412 GLU A OE2 1 
ATOM   48  N N   . ARG A 1 6  ? 8.380   -0.008  3.234   1.00 19.42 ? 413 ARG A N   1 
ATOM   49  C CA  . ARG A 1 6  ? 8.666   0.075   4.652   1.00 20.59 ? 413 ARG A CA  1 
ATOM   50  C C   . ARG A 1 6  ? 7.824   1.152   5.323   1.00 19.77 ? 413 ARG A C   1 
ATOM   51  O O   . ARG A 1 6  ? 7.284   0.938   6.406   1.00 20.50 ? 413 ARG A O   1 
ATOM   52  C CB  . ARG A 1 6  ? 10.148  0.343   4.872   1.00 22.61 ? 413 ARG A CB  1 
ATOM   53  C CG  . ARG A 1 6  ? 10.551  0.444   6.327   1.00 25.43 ? 413 ARG A CG  1 
ATOM   54  C CD  . ARG A 1 6  ? 10.854  -0.916  6.935   1.00 27.73 ? 413 ARG A CD  1 
ATOM   55  N NE  . ARG A 1 6  ? 11.375  -0.767  8.292   1.00 32.81 ? 413 ARG A NE  1 
ATOM   56  C CZ  . ARG A 1 6  ? 10.752  -1.187  9.391   1.00 36.68 ? 413 ARG A CZ  1 
ATOM   57  N NH1 . ARG A 1 6  ? 9.582   -1.803  9.299   1.00 40.14 ? 413 ARG A NH1 1 
ATOM   58  N NH2 . ARG A 1 6  ? 11.303  -1.000  10.585  1.00 33.76 ? 413 ARG A NH2 1 
ATOM   59  N N   . THR A 1 7  ? 7.708   2.305   4.677   1.00 19.05 ? 414 THR A N   1 
ATOM   60  C CA  . THR A 1 7  ? 7.021   3.444   5.268   1.00 18.65 ? 414 THR A CA  1 
ATOM   61  C C   . THR A 1 7  ? 5.529   3.148   5.404   1.00 27.08 ? 414 THR A C   1 
ATOM   62  O O   . THR A 1 7  ? 4.900   3.545   6.390   1.00 27.06 ? 414 THR A O   1 
ATOM   63  C CB  . THR A 1 7  ? 7.244   4.728   4.426   1.00 18.46 ? 414 THR A CB  1 
ATOM   64  O OG1 . THR A 1 7  ? 8.634   5.057   4.419   1.00 20.14 ? 414 THR A OG1 1 
ATOM   65  C CG2 . THR A 1 7  ? 6.482   5.902   4.987   1.00 18.25 ? 414 THR A CG2 1 
ATOM   66  N N   . LEU A 1 8  ? 4.974   2.420   4.434   1.00 17.92 ? 415 LEU A N   1 
ATOM   67  C CA  . LEU A 1 8  ? 3.538   2.124   4.403   1.00 16.95 ? 415 LEU A CA  1 
ATOM   68  C C   . LEU A 1 8  ? 3.189   0.821   5.124   1.00 20.48 ? 415 LEU A C   1 
ATOM   69  O O   . LEU A 1 8  ? 2.020   0.447   5.226   1.00 25.19 ? 415 LEU A O   1 
ATOM   70  C CB  . LEU A 1 8  ? 3.034   2.057   2.956   1.00 13.73 ? 415 LEU A CB  1 
ATOM   71  C CG  . LEU A 1 8  ? 3.148   3.347   2.155   1.00 13.41 ? 415 LEU A CG  1 
ATOM   72  C CD1 . LEU A 1 8  ? 2.552   3.178   0.772   1.00 12.48 ? 415 LEU A CD1 1 
ATOM   73  C CD2 . LEU A 1 8  ? 2.470   4.490   2.914   1.00 13.38 ? 415 LEU A CD2 1 
ATOM   74  N N   . GLY A 1 9  ? 4.210   0.126   5.603   1.00 19.12 ? 416 GLY A N   1 
ATOM   75  C CA  . GLY A 1 9  ? 4.003   -1.070  6.400   1.00 17.37 ? 416 GLY A CA  1 
ATOM   76  C C   . GLY A 1 9  ? 3.409   -2.223  5.619   1.00 20.10 ? 416 GLY A C   1 
ATOM   77  O O   . GLY A 1 9  ? 2.559   -2.949  6.131   1.00 22.53 ? 416 GLY A O   1 
ATOM   78  N N   . LEU A 1 10 ? 3.886   -2.412  4.392   1.00 16.49 ? 417 LEU A N   1 
ATOM   79  C CA  . LEU A 1 10 ? 3.248   -3.324  3.460   1.00 20.80 ? 417 LEU A CA  1 
ATOM   80  C C   . LEU A 1 10 ? 3.979   -4.634  3.209   1.00 17.25 ? 417 LEU A C   1 
ATOM   81  O O   . LEU A 1 10 ? 3.560   -5.410  2.357   1.00 26.64 ? 417 LEU A O   1 
ATOM   82  C CB  . LEU A 1 10 ? 3.047   -2.611  2.122   1.00 18.96 ? 417 LEU A CB  1 
ATOM   83  C CG  . LEU A 1 10 ? 2.080   -1.422  2.116   1.00 19.44 ? 417 LEU A CG  1 
ATOM   84  C CD1 . LEU A 1 10 ? 2.007   -0.818  0.707   1.00 16.51 ? 417 LEU A CD1 1 
ATOM   85  C CD2 . LEU A 1 10 ? 0.692   -1.821  2.613   1.00 16.35 ? 417 LEU A CD2 1 
ATOM   86  N N   . ASN A 1 11 ? 5.049   -4.913  3.944   1.00 24.28 ? 418 ASN A N   1 
ATOM   87  C CA  . ASN A 1 11 ? 5.877   -6.052  3.555   1.00 33.53 ? 418 ASN A CA  1 
ATOM   88  C C   . ASN A 1 11 ? 5.241   -7.413  3.820   1.00 30.19 ? 418 ASN A C   1 
ATOM   89  O O   . ASN A 1 11 ? 5.802   -8.431  3.444   1.00 34.56 ? 418 ASN A O   1 
ATOM   90  C CB  . ASN A 1 11 ? 7.260   -5.983  4.215   1.00 40.97 ? 418 ASN A CB  1 
ATOM   91  C CG  . ASN A 1 11 ? 7.217   -6.183  5.705   1.00 60.13 ? 418 ASN A CG  1 
ATOM   92  O OD1 . ASN A 1 11 ? 6.234   -6.665  6.264   1.00 71.89 ? 418 ASN A OD1 1 
ATOM   93  N ND2 . ASN A 1 11 ? 8.301   -5.811  6.368   1.00 66.65 ? 418 ASN A ND2 1 
ATOM   94  N N   . SER A 1 12 ? 4.072   -7.437  4.450   1.00 26.43 ? 419 SER A N   1 
ATOM   95  C CA  . SER A 1 12 ? 3.365   -8.704  4.650   1.00 28.51 ? 419 SER A CA  1 
ATOM   96  C C   . SER A 1 12 ? 1.970   -8.711  4.045   1.00 26.47 ? 419 SER A C   1 
ATOM   97  O O   . SER A 1 12 ? 1.234   -9.669  4.233   1.00 21.73 ? 419 SER A O   1 
ATOM   98  C CB  . SER A 1 12 ? 3.245   -9.045  6.145   1.00 30.99 ? 419 SER A CB  1 
ATOM   99  O OG  . SER A 1 12 ? 4.505   -9.311  6.730   1.00 36.12 ? 419 SER A OG  1 
ATOM   100 N N   . ILE A 1 13 ? 1.596   -7.660  3.322   1.00 24.41 ? 420 ILE A N   1 
ATOM   101 C CA  . ILE A 1 13 ? 0.196   -7.515  2.941   1.00 23.50 ? 420 ILE A CA  1 
ATOM   102 C C   . ILE A 1 13 ? -0.263  -8.590  1.953   1.00 21.24 ? 420 ILE A C   1 
ATOM   103 O O   . ILE A 1 13 ? -1.455  -8.810  1.784   1.00 25.90 ? 420 ILE A O   1 
ATOM   104 C CB  . ILE A 1 13 ? -0.088  -6.113  2.363   1.00 21.60 ? 420 ILE A CB  1 
ATOM   105 C CG1 . ILE A 1 13 ? -1.586  -5.805  2.457   1.00 23.29 ? 420 ILE A CG1 1 
ATOM   106 C CG2 . ILE A 1 13 ? 0.428   -5.994  0.948   1.00 21.52 ? 420 ILE A CG2 1 
ATOM   107 C CD1 . ILE A 1 13 ? -1.929  -4.371  2.204   1.00 26.16 ? 420 ILE A CD1 1 
ATOM   108 N N   . ASP A 1 14 ? 0.671   -9.293  1.326   1.00 20.57 ? 421 ASP A N   1 
ATOM   109 C CA  . ASP A 1 14 ? 0.276   -10.329 0.378   1.00 29.06 ? 421 ASP A CA  1 
ATOM   110 C C   . ASP A 1 14 ? 0.386   -11.712 1.001   1.00 29.56 ? 421 ASP A C   1 
ATOM   111 O O   . ASP A 1 14 ? 0.320   -12.725 0.305   1.00 36.21 ? 421 ASP A O   1 
ATOM   112 C CB  . ASP A 1 14 ? 1.109   -10.250 -0.903  1.00 43.47 ? 421 ASP A CB  1 
ATOM   113 C CG  . ASP A 1 14 ? 2.584   -10.386 -0.647  1.00 54.40 ? 421 ASP A CG  1 
ATOM   114 O OD1 . ASP A 1 14 ? 3.019   -10.120 0.495   1.00 53.89 ? 421 ASP A OD1 1 
ATOM   115 O OD2 . ASP A 1 14 ? 3.309   -10.747 -1.598  1.00 61.68 ? 421 ASP A OD2 1 
ATOM   116 N N   . ASN A 1 15 ? 0.553   -11.740 2.321   1.00 29.86 ? 422 ASN A N   1 
ATOM   117 C CA  . ASN A 1 15 ? 0.477   -12.973 3.097   1.00 27.97 ? 422 ASN A CA  1 
ATOM   118 C C   . ASN A 1 15 ? -0.986  -13.314 3.312   1.00 26.80 ? 422 ASN A C   1 
ATOM   119 O O   . ASN A 1 15 ? -1.727  -12.517 3.876   1.00 25.80 ? 422 ASN A O   1 
ATOM   120 C CB  . ASN A 1 15 ? 1.210   -12.812 4.438   1.00 28.28 ? 422 ASN A CB  1 
ATOM   121 C CG  . ASN A 1 15 ? 1.221   -14.089 5.286   1.00 38.01 ? 422 ASN A CG  1 
ATOM   122 O OD1 . ASN A 1 15 ? 0.392   -14.986 5.122   1.00 40.50 ? 422 ASN A OD1 1 
ATOM   123 N ND2 . ASN A 1 15 ? 2.163   -14.154 6.221   1.00 43.13 ? 422 ASN A ND2 1 
ATOM   124 N N   . THR A 1 16 ? -1.403  -14.493 2.866   1.00 25.42 ? 423 THR A N   1 
ATOM   125 C CA  . THR A 1 16 ? -2.813  -14.861 2.931   1.00 25.67 ? 423 THR A CA  1 
ATOM   126 C C   . THR A 1 16 ? -3.301  -15.162 4.348   1.00 33.08 ? 423 THR A C   1 
ATOM   127 O O   . THR A 1 16 ? -4.508  -15.277 4.575   1.00 36.41 ? 423 THR A O   1 
ATOM   128 C CB  . THR A 1 16 ? -3.110  -16.086 2.058   1.00 34.80 ? 423 THR A CB  1 
ATOM   129 O OG1 . THR A 1 16 ? -2.414  -17.218 2.588   1.00 40.56 ? 423 THR A OG1 1 
ATOM   130 C CG2 . THR A 1 16 ? -2.680  -15.843 0.608   1.00 30.22 ? 423 THR A CG2 1 
ATOM   131 N N   . GLU A 1 17 ? -2.380  -15.298 5.299   1.00 27.82 ? 424 GLU A N   1 
ATOM   132 C CA  A GLU A 1 17 ? -2.771  -15.537 6.685   0.50 36.95 ? 424 GLU A CA  1 
ATOM   133 C CA  B GLU A 1 17 ? -2.760  -15.528 6.688   0.50 36.93 ? 424 GLU A CA  1 
ATOM   134 C C   . GLU A 1 17 ? -3.379  -14.270 7.283   1.00 38.68 ? 424 GLU A C   1 
ATOM   135 O O   . GLU A 1 17 ? -4.087  -14.329 8.287   1.00 42.27 ? 424 GLU A O   1 
ATOM   136 C CB  A GLU A 1 17 ? -1.579  -16.016 7.525   0.50 36.19 ? 424 GLU A CB  1 
ATOM   137 C CB  B GLU A 1 17 ? -1.554  -15.972 7.519   0.50 36.82 ? 424 GLU A CB  1 
ATOM   138 C CG  A GLU A 1 17 ? -1.980  -16.707 8.830   0.50 35.74 ? 424 GLU A CG  1 
ATOM   139 C CG  B GLU A 1 17 ? -1.038  -17.358 7.166   0.50 38.81 ? 424 GLU A CG  1 
ATOM   140 C CD  A GLU A 1 17 ? -0.807  -17.363 9.549   0.50 42.79 ? 424 GLU A CD  1 
ATOM   141 C CD  B GLU A 1 17 ? -2.067  -18.443 7.421   0.50 43.80 ? 424 GLU A CD  1 
ATOM   142 O OE1 A GLU A 1 17 ? 0.347   -17.194 9.102   0.50 45.54 ? 424 GLU A OE1 1 
ATOM   143 O OE1 B GLU A 1 17 ? -2.902  -18.277 8.334   0.50 47.01 ? 424 GLU A OE1 1 
ATOM   144 O OE2 A GLU A 1 17 ? -1.041  -18.057 10.563  0.50 44.18 ? 424 GLU A OE2 1 
ATOM   145 O OE2 B GLU A 1 17 ? -2.042  -19.464 6.705   0.50 46.42 ? 424 GLU A OE2 1 
ATOM   146 N N   . ILE A 1 18 ? -3.098  -13.132 6.651   1.00 37.15 ? 425 ILE A N   1 
ATOM   147 C CA  . ILE A 1 18 ? -3.666  -11.851 7.042   1.00 23.58 ? 425 ILE A CA  1 
ATOM   148 C C   . ILE A 1 18 ? -5.105  -11.780 6.572   1.00 27.11 ? 425 ILE A C   1 
ATOM   149 O O   . ILE A 1 18 ? -5.373  -11.972 5.389   1.00 26.70 ? 425 ILE A O   1 
ATOM   150 C CB  . ILE A 1 18 ? -2.871  -10.693 6.446   1.00 23.30 ? 425 ILE A CB  1 
ATOM   151 C CG1 . ILE A 1 18 ? -1.494  -10.630 7.089   1.00 27.17 ? 425 ILE A CG1 1 
ATOM   152 C CG2 . ILE A 1 18 ? -3.587  -9.383  6.657   1.00 21.35 ? 425 ILE A CG2 1 
ATOM   153 C CD1 . ILE A 1 18 ? -0.684  -9.470  6.621   1.00 29.61 ? 425 ILE A CD1 1 
ATOM   154 N N   . SER A 1 19 ? -6.034  -11.526 7.488   1.00 23.44 ? 426 SER A N   1 
ATOM   155 C CA  . SER A 1 19 ? -7.450  -11.499 7.140   1.00 23.35 ? 426 SER A CA  1 
ATOM   156 C C   . SER A 1 19 ? -7.809  -10.263 6.328   1.00 21.27 ? 426 SER A C   1 
ATOM   157 O O   . SER A 1 19 ? -7.054  -9.295  6.292   1.00 21.59 ? 426 SER A O   1 
ATOM   158 C CB  . SER A 1 19 ? -8.308  -11.542 8.394   1.00 24.66 ? 426 SER A CB  1 
ATOM   159 O OG  . SER A 1 19 ? -8.259  -10.297 9.064   1.00 30.63 ? 426 SER A OG  1 
ATOM   160 N N   . GLU A 1 20 ? -8.973  -10.286 5.692   1.00 22.10 ? 427 GLU A N   1 
ATOM   161 C CA  . GLU A 1 20 ? -9.374  -9.165  4.857   1.00 19.57 ? 427 GLU A CA  1 
ATOM   162 C C   . GLU A 1 20 ? -9.484  -7.877  5.659   1.00 18.77 ? 427 GLU A C   1 
ATOM   163 O O   . GLU A 1 20 ? -9.036  -6.836  5.202   1.00 23.36 ? 427 GLU A O   1 
ATOM   164 C CB  . GLU A 1 20 ? -10.695 -9.446  4.153   1.00 20.11 ? 427 GLU A CB  1 
ATOM   165 C CG  . GLU A 1 20 ? -11.009 -8.418  3.082   1.00 18.65 ? 427 GLU A CG  1 
ATOM   166 C CD  . GLU A 1 20 ? -12.244 -8.763  2.270   1.00 19.46 ? 427 GLU A CD  1 
ATOM   167 O OE1 . GLU A 1 20 ? -12.935 -9.737  2.620   1.00 30.78 ? 427 GLU A OE1 1 
ATOM   168 O OE2 . GLU A 1 20 ? -12.536 -8.056  1.282   1.00 24.08 ? 427 GLU A OE2 1 
ATOM   169 N N   . VAL A 1 21 ? -10.065 -7.944  6.855   1.00 19.93 ? 428 VAL A N   1 
ATOM   170 C CA  . VAL A 1 21 ? -10.255 -6.742  7.669   1.00 19.53 ? 428 VAL A CA  1 
ATOM   171 C C   . VAL A 1 21 ? -8.902  -6.140  8.055   1.00 18.77 ? 428 VAL A C   1 
ATOM   172 O O   . VAL A 1 21 ? -8.713  -4.935  7.977   1.00 17.71 ? 428 VAL A O   1 
ATOM   173 C CB  . VAL A 1 21 ? -11.114 -7.033  8.947   1.00 24.39 ? 428 VAL A CB  1 
ATOM   174 C CG1 . VAL A 1 21 ? -10.923 -5.959  10.013  1.00 21.32 ? 428 VAL A CG1 1 
ATOM   175 C CG2 . VAL A 1 21 ? -12.580 -7.149  8.583   1.00 22.04 ? 428 VAL A CG2 1 
ATOM   176 N N   . VAL A 1 22 ? -7.955  -6.979  8.445   1.00 19.53 ? 429 VAL A N   1 
ATOM   177 C CA  . VAL A 1 22 ? -6.624  -6.493  8.768   1.00 19.11 ? 429 VAL A CA  1 
ATOM   178 C C   . VAL A 1 22 ? -5.976  -5.870  7.532   1.00 17.45 ? 429 VAL A C   1 
ATOM   179 O O   . VAL A 1 22 ? -5.376  -4.808  7.618   1.00 18.56 ? 429 VAL A O   1 
ATOM   180 C CB  . VAL A 1 22 ? -5.727  -7.614  9.328   1.00 20.56 ? 429 VAL A CB  1 
ATOM   181 C CG1 . VAL A 1 22 ? -4.298  -7.115  9.527   1.00 20.29 ? 429 VAL A CG1 1 
ATOM   182 C CG2 . VAL A 1 22 ? -6.307  -8.141  10.636  1.00 22.44 ? 429 VAL A CG2 1 
ATOM   183 N N   . SER A 1 23 ? -6.116  -6.525  6.383   1.00 17.13 ? 430 SER A N   1 
ATOM   184 C CA  A SER A 1 23 ? -5.626  -6.000  5.114   0.50 15.79 ? 430 SER A CA  1 
ATOM   185 C CA  B SER A 1 23 ? -5.576  -5.975  5.144   0.50 15.79 ? 430 SER A CA  1 
ATOM   186 C C   . SER A 1 23 ? -6.209  -4.616  4.834   1.00 14.63 ? 430 SER A C   1 
ATOM   187 O O   . SER A 1 23 ? -5.505  -3.693  4.454   1.00 17.55 ? 430 SER A O   1 
ATOM   188 C CB  A SER A 1 23 ? -5.971  -6.968  3.976   0.50 15.99 ? 430 SER A CB  1 
ATOM   189 C CB  B SER A 1 23 ? -5.775  -6.943  3.969   0.50 15.95 ? 430 SER A CB  1 
ATOM   190 O OG  A SER A 1 23 ? -5.666  -6.420  2.711   0.50 14.87 ? 430 SER A OG  1 
ATOM   191 O OG  B SER A 1 23 ? -7.106  -6.927  3.492   0.50 15.88 ? 430 SER A OG  1 
ATOM   192 N N   . LEU A 1 24 ? -7.518  -4.484  5.027   1.00 14.90 ? 431 LEU A N   1 
ATOM   193 C CA  . LEU A 1 24 ? -8.194  -3.210  4.783   1.00 14.17 ? 431 LEU A CA  1 
ATOM   194 C C   . LEU A 1 24 ? -7.682  -2.126  5.729   1.00 14.06 ? 431 LEU A C   1 
ATOM   195 O O   . LEU A 1 24 ? -7.634  -0.965  5.366   1.00 13.35 ? 431 LEU A O   1 
ATOM   196 C CB  . LEU A 1 24 ? -9.708  -3.362  4.922   1.00 14.91 ? 431 LEU A CB  1 
ATOM   197 C CG  . LEU A 1 24 ? -10.347 -4.174  3.796   1.00 15.09 ? 431 LEU A CG  1 
ATOM   198 C CD1 . LEU A 1 24 ? -11.843 -4.382  4.032   1.00 16.22 ? 431 LEU A CD1 1 
ATOM   199 C CD2 . LEU A 1 24 ? -10.083 -3.499  2.459   1.00 13.94 ? 431 LEU A CD2 1 
ATOM   200 N N   . GLY A 1 25 ? -7.282  -2.517  6.933   1.00 15.01 ? 432 GLY A N   1 
ATOM   201 C CA  . GLY A 1 25 ? -6.668  -1.592  7.868   1.00 15.23 ? 432 GLY A CA  1 
ATOM   202 C C   . GLY A 1 25 ? -5.324  -1.089  7.380   1.00 14.50 ? 432 GLY A C   1 
ATOM   203 O O   . GLY A 1 25 ? -4.987  0.065   7.583   1.00 14.71 ? 432 GLY A O   1 
ATOM   204 N N   . LEU A 1 26 ? -4.552  -1.958  6.735   1.00 14.34 ? 433 LEU A N   1 
ATOM   205 C CA  . LEU A 1 26 ? -3.244  -1.580  6.220   1.00 13.91 ? 433 LEU A CA  1 
ATOM   206 C C   . LEU A 1 26 ? -3.383  -0.667  5.001   1.00 17.17 ? 433 LEU A C   1 
ATOM   207 O O   . LEU A 1 26 ? -2.626  0.285   4.850   1.00 18.72 ? 433 LEU A O   1 
ATOM   208 C CB  . LEU A 1 26 ? -2.424  -2.828  5.865   1.00 15.42 ? 433 LEU A CB  1 
ATOM   209 C CG  . LEU A 1 26 ? -2.004  -3.730  7.030   1.00 15.89 ? 433 LEU A CG  1 
ATOM   210 C CD1 . LEU A 1 26 ? -1.302  -4.969  6.526   1.00 16.55 ? 433 LEU A CD1 1 
ATOM   211 C CD2 . LEU A 1 26 ? -1.123  -2.984  7.990   1.00 16.53 ? 433 LEU A CD2 1 
ATOM   212 N N   . VAL A 1 27 ? -4.358  -0.955  4.141   1.00 12.24 ? 434 VAL A N   1 
ATOM   213 C CA  . VAL A 1 27 ? -4.588  -0.149  2.944   1.00 11.38 ? 434 VAL A CA  1 
ATOM   214 C C   . VAL A 1 27 ? -5.099  1.238   3.322   1.00 11.27 ? 434 VAL A C   1 
ATOM   215 O O   . VAL A 1 27 ? -4.581  2.249   2.849   1.00 19.10 ? 434 VAL A O   1 
ATOM   216 C CB  . VAL A 1 27 ? -5.567  -0.847  1.995   1.00 11.23 ? 434 VAL A CB  1 
ATOM   217 C CG1 . VAL A 1 27 ? -5.773  -0.022  0.756   1.00 10.59 ? 434 VAL A CG1 1 
ATOM   218 C CG2 . VAL A 1 27 ? -5.022  -2.210  1.632   1.00 11.62 ? 434 VAL A CG2 1 
ATOM   219 N N   . SER A 1 28 ? -6.108  1.273   4.187   1.00 11.80 ? 435 SER A N   1 
ATOM   220 C CA  A SER A 1 28 ? -6.651  2.515   4.722   0.50 14.87 ? 435 SER A CA  1 
ATOM   221 C CA  B SER A 1 28 ? -6.641  2.529   4.698   0.50 13.80 ? 435 SER A CA  1 
ATOM   222 C C   . SER A 1 28 ? -5.550  3.418   5.274   1.00 12.29 ? 435 SER A C   1 
ATOM   223 O O   . SER A 1 28 ? -5.510  4.607   4.996   1.00 23.55 ? 435 SER A O   1 
ATOM   224 C CB  A SER A 1 28 ? -7.675  2.200   5.822   0.50 19.48 ? 435 SER A CB  1 
ATOM   225 C CB  B SER A 1 28 ? -7.700  2.269   5.771   0.50 19.04 ? 435 SER A CB  1 
ATOM   226 O OG  A SER A 1 28 ? -8.273  3.371   6.344   0.50 13.56 ? 435 SER A OG  1 
ATOM   227 O OG  B SER A 1 28 ? -8.932  1.907   5.180   0.50 27.15 ? 435 SER A OG  1 
ATOM   228 N N   . SER A 1 29 ? -4.676  2.829   6.082   1.00 16.15 ? 436 SER A N   1 
ATOM   229 C CA  A SER A 1 29 ? -3.566  3.546   6.693   0.50 13.32 ? 436 SER A CA  1 
ATOM   230 C CA  B SER A 1 29 ? -3.560  3.553   6.688   0.50 13.32 ? 436 SER A CA  1 
ATOM   231 C C   . SER A 1 29 ? -2.639  4.131   5.624   1.00 14.00 ? 436 SER A C   1 
ATOM   232 O O   . SER A 1 29 ? -2.210  5.276   5.724   1.00 13.46 ? 436 SER A O   1 
ATOM   233 C CB  A SER A 1 29 ? -2.792  2.610   7.623   0.50 14.16 ? 436 SER A CB  1 
ATOM   234 C CB  B SER A 1 29 ? -2.752  2.642   7.610   0.50 14.16 ? 436 SER A CB  1 
ATOM   235 O OG  A SER A 1 29 ? -1.694  3.270   8.215   0.50 14.93 ? 436 SER A OG  1 
ATOM   236 O OG  B SER A 1 29 ? -3.599  1.941   8.491   0.50 36.83 ? 436 SER A OG  1 
ATOM   237 N N   . ALA A 1 30 ? -2.335  3.325   4.611   1.00 12.10 ? 437 ALA A N   1 
ATOM   238 C CA  . ALA A 1 30 ? -1.481  3.755   3.515   1.00 11.73 ? 437 ALA A CA  1 
ATOM   239 C C   . ALA A 1 30 ? -2.133  4.884   2.723   1.00 11.32 ? 437 ALA A C   1 
ATOM   240 O O   . ALA A 1 30 ? -1.489  5.893   2.430   1.00 22.86 ? 437 ALA A O   1 
ATOM   241 C CB  . ALA A 1 30 ? -1.145  2.579   2.606   1.00 12.27 ? 437 ALA A CB  1 
ATOM   242 N N   . LEU A 1 31 ? -3.414  4.736   2.407   1.00 15.29 ? 438 LEU A N   1 
ATOM   243 C CA  . LEU A 1 31 ? -4.142  5.796   1.703   1.00 10.85 ? 438 LEU A CA  1 
ATOM   244 C C   . LEU A 1 31 ? -4.222  7.105   2.492   1.00 11.59 ? 438 LEU A C   1 
ATOM   245 O O   . LEU A 1 31 ? -4.180  8.187   1.917   1.00 20.83 ? 438 LEU A O   1 
ATOM   246 C CB  . LEU A 1 31 ? -5.550  5.330   1.358   1.00 10.65 ? 438 LEU A CB  1 
ATOM   247 C CG  . LEU A 1 31 ? -5.662  4.330   0.225   1.00 10.15 ? 438 LEU A CG  1 
ATOM   248 C CD1 . LEU A 1 31 ? -7.043  3.692   0.249   1.00 10.73 ? 438 LEU A CD1 1 
ATOM   249 C CD2 . LEU A 1 31 ? -5.422  5.035   -1.091  1.00 17.16 ? 438 LEU A CD2 1 
ATOM   250 N N   . ASP A 1 32 ? -4.363  7.012   3.806   1.00 12.18 ? 439 ASP A N   1 
ATOM   251 C CA  . ASP A 1 32 ? -4.410  8.211   4.643   1.00 13.17 ? 439 ASP A CA  1 
ATOM   252 C C   . ASP A 1 32 ? -3.076  8.975   4.618   1.00 15.81 ? 439 ASP A C   1 
ATOM   253 O O   . ASP A 1 32 ? -3.052  10.200  4.717   1.00 19.70 ? 439 ASP A O   1 
ATOM   254 C CB  . ASP A 1 32 ? -4.765  7.849   6.093   1.00 19.97 ? 439 ASP A CB  1 
ATOM   255 C CG  . ASP A 1 32 ? -6.206  7.392   6.251   1.00 21.83 ? 439 ASP A CG  1 
ATOM   256 O OD1 . ASP A 1 32 ? -6.981  7.517   5.280   1.00 19.51 ? 439 ASP A OD1 1 
ATOM   257 O OD2 . ASP A 1 32 ? -6.568  6.921   7.354   1.00 23.61 ? 439 ASP A OD2 1 
ATOM   258 N N   . LYS A 1 33 ? -1.971  8.243   4.513   1.00 14.02 ? 440 LYS A N   1 
ATOM   259 C CA  . LYS A 1 33 ? -0.659  8.857   4.385   1.00 14.07 ? 440 LYS A CA  1 
ATOM   260 C C   . LYS A 1 33 ? -0.504  9.539   3.017   1.00 13.78 ? 440 LYS A C   1 
ATOM   261 O O   . LYS A 1 33 ? 0.126   10.584  2.915   1.00 23.97 ? 440 LYS A O   1 
ATOM   262 C CB  . LYS A 1 33 ? 0.435   7.815   4.610   1.00 14.14 ? 440 LYS A CB  1 
ATOM   263 C CG  . LYS A 1 33 ? 0.379   7.203   6.008   1.00 18.46 ? 440 LYS A CG  1 
ATOM   264 C CD  . LYS A 1 33 ? 1.405   6.100   6.199   1.00 25.16 ? 440 LYS A CD  1 
ATOM   265 C CE  . LYS A 1 33 ? 1.429   5.618   7.648   1.00 27.20 ? 440 LYS A CE  1 
ATOM   266 N NZ  . LYS A 1 33 ? 2.478   4.581   7.882   1.00 28.07 ? 440 LYS A NZ  1 
ATOM   267 N N   . ILE A 1 34 ? -1.089  8.950   1.979   1.00 13.81 ? 441 ILE A N   1 
ATOM   268 C CA  . ILE A 1 34 ? -1.146  9.574   0.655   1.00 12.67 ? 441 ILE A CA  1 
ATOM   269 C C   . ILE A 1 34 ? -1.989  10.851  0.678   1.00 13.31 ? 441 ILE A C   1 
ATOM   270 O O   . ILE A 1 34 ? -1.587  11.879  0.141   1.00 19.39 ? 441 ILE A O   1 
ATOM   271 C CB  . ILE A 1 34 ? -1.721  8.587   -0.396  1.00 12.69 ? 441 ILE A CB  1 
ATOM   272 C CG1 . ILE A 1 34 ? -0.739  7.449   -0.636  1.00 11.39 ? 441 ILE A CG1 1 
ATOM   273 C CG2 . ILE A 1 34 ? -2.049  9.278   -1.711  1.00 11.78 ? 441 ILE A CG2 1 
ATOM   274 C CD1 . ILE A 1 34 ? -1.340  6.317   -1.433  1.00 10.66 ? 441 ILE A CD1 1 
ATOM   275 N N   . THR A 1 35 ? -3.165  10.772  1.290   1.00 16.45 ? 442 THR A N   1 
ATOM   276 C CA  . THR A 1 35 ? -4.014  11.946  1.480   1.00 15.87 ? 442 THR A CA  1 
ATOM   277 C C   . THR A 1 35 ? -3.266  13.055  2.212   1.00 15.48 ? 442 THR A C   1 
ATOM   278 O O   . THR A 1 35 ? -3.342  14.224  1.843   1.00 18.40 ? 442 THR A O   1 
ATOM   279 C CB  . THR A 1 35 ? -5.289  11.592  2.265   1.00 14.21 ? 442 THR A CB  1 
ATOM   280 O OG1 . THR A 1 35 ? -6.010  10.589  1.555   1.00 14.93 ? 442 THR A OG1 1 
ATOM   281 C CG2 . THR A 1 35 ? -6.182  12.799  2.426   1.00 15.42 ? 442 THR A CG2 1 
ATOM   282 N N   . GLY A 1 36 ? -2.531  12.678  3.248   1.00 18.52 ? 443 GLY A N   1 
ATOM   283 C CA  . GLY A 1 36 ? -1.775  13.641  4.023   1.00 17.19 ? 443 GLY A CA  1 
ATOM   284 C C   . GLY A 1 36 ? -0.717  14.339  3.197   1.00 17.78 ? 443 GLY A C   1 
ATOM   285 O O   . GLY A 1 36 ? -0.581  15.555  3.273   1.00 28.10 ? 443 GLY A O   1 
ATOM   286 N N   . LEU A 1 37 ? 0.036   13.574  2.414   1.00 16.92 ? 444 LEU A N   1 
ATOM   287 C CA  . LEU A 1 37 ? 1.031   14.162  1.534   1.00 17.61 ? 444 LEU A CA  1 
ATOM   288 C C   . LEU A 1 37 ? 0.376   15.172  0.599   1.00 18.08 ? 444 LEU A C   1 
ATOM   289 O O   . LEU A 1 37 ? 0.830   16.306  0.484   1.00 30.92 ? 444 LEU A O   1 
ATOM   290 C CB  . LEU A 1 37 ? 1.764   13.089  0.736   1.00 16.67 ? 444 LEU A CB  1 
ATOM   291 C CG  . LEU A 1 37 ? 2.818   12.300  1.507   1.00 16.88 ? 444 LEU A CG  1 
ATOM   292 C CD1 . LEU A 1 37 ? 3.716   11.534  0.552   1.00 19.59 ? 444 LEU A CD1 1 
ATOM   293 C CD2 . LEU A 1 37 ? 3.645   13.226  2.358   1.00 18.65 ? 444 LEU A CD2 1 
ATOM   294 N N   . LEU A 1 38 ? -0.725  14.768  -0.020  1.00 18.47 ? 445 LEU A N   1 
ATOM   295 C CA  . LEU A 1 38 ? -1.415  15.604  -0.996  1.00 19.22 ? 445 LEU A CA  1 
ATOM   296 C C   . LEU A 1 38 ? -2.184  16.770  -0.379  1.00 23.70 ? 445 LEU A C   1 
ATOM   297 O O   . LEU A 1 38 ? -2.769  17.573  -1.095  1.00 37.12 ? 445 LEU A O   1 
ATOM   298 C CB  . LEU A 1 38 ? -2.371  14.746  -1.821  1.00 16.30 ? 445 LEU A CB  1 
ATOM   299 C CG  . LEU A 1 38 ? -1.653  13.613  -2.528  1.00 15.22 ? 445 LEU A CG  1 
ATOM   300 C CD1 . LEU A 1 38 ? -2.648  12.730  -3.254  1.00 14.18 ? 445 LEU A CD1 1 
ATOM   301 C CD2 . LEU A 1 38 ? -0.625  14.202  -3.480  1.00 16.09 ? 445 LEU A CD2 1 
ATOM   302 N N   . SER A 1 39 ? -2.196  16.862  0.941   1.00 24.91 ? 446 SER A N   1 
ATOM   303 C CA  . SER A 1 39 ? -2.953  17.913  1.608   1.00 26.25 ? 446 SER A CA  1 
ATOM   304 C C   . SER A 1 39 ? -2.052  19.057  2.016   1.00 32.68 ? 446 SER A C   1 
ATOM   305 O O   . SER A 1 39 ? -2.513  20.174  2.239   1.00 39.16 ? 446 SER A O   1 
ATOM   306 C CB  . SER A 1 39 ? -3.671  17.364  2.841   1.00 30.07 ? 446 SER A CB  1 
ATOM   307 O OG  . SER A 1 39 ? -4.659  16.415  2.483   1.00 34.76 ? 446 SER A OG  1 
ATOM   308 N N   . ALA A 1 40 ? -0.765  18.764  2.132   1.00 42.86 ? 447 ALA A N   1 
ATOM   309 C CA  . ALA A 1 40 ? 0.212   19.751  2.566   1.00 55.77 ? 447 ALA A CA  1 
ATOM   310 C C   . ALA A 1 40 ? 0.533   20.745  1.456   1.00 65.42 ? 447 ALA A C   1 
ATOM   311 O O   . ALA A 1 40 ? 0.311   21.945  1.598   1.00 81.34 ? 447 ALA A O   1 
ATOM   312 C CB  . ALA A 1 40 ? 1.484   19.057  3.038   1.00 58.77 ? 447 ALA A CB  1 
ATOM   313 N N   . ASP A 1 41 ? 1.052   20.233  0.348   1.00 60.81 ? 448 ASP A N   1 
ATOM   314 C CA  . ASP A 1 41 ? 1.561   21.076  -0.725  1.00 56.20 ? 448 ASP A CA  1 
ATOM   315 C C   . ASP A 1 41 ? 1.584   20.324  -2.050  1.00 48.72 ? 448 ASP A C   1 
ATOM   316 O O   . ASP A 1 41 ? 1.365   19.107  -2.086  1.00 47.54 ? 448 ASP A O   1 
ATOM   317 C CB  . ASP A 1 41 ? 2.965   21.567  -0.388  1.00 57.27 ? 448 ASP A CB  1 
ATOM   318 C CG  . ASP A 1 41 ? 3.957   20.429  -0.250  1.00 52.85 ? 448 ASP A CG  1 
ATOM   319 O OD1 . ASP A 1 41 ? 4.637   20.105  -1.241  1.00 49.95 ? 448 ASP A OD1 1 
ATOM   320 O OD2 . ASP A 1 41 ? 4.052   19.853  0.853   1.00 54.74 ? 448 ASP A OD2 1 
ATOM   321 N N   . ASN A 1 42 ? 1.854   21.048  -3.133  1.00 40.67 ? 449 ASN A N   1 
ATOM   322 C CA  . ASN A 1 42 ? 1.896   20.435  -4.454  1.00 38.16 ? 449 ASN A CA  1 
ATOM   323 C C   . ASN A 1 42 ? 3.262   20.558  -5.108  1.00 39.38 ? 449 ASN A C   1 
ATOM   324 O O   . ASN A 1 42 ? 3.368   20.579  -6.334  1.00 43.58 ? 449 ASN A O   1 
ATOM   325 C CB  . ASN A 1 42 ? 0.819   21.030  -5.370  1.00 43.04 ? 449 ASN A CB  1 
ATOM   326 C CG  . ASN A 1 42 ? 0.236   22.317  -4.833  1.00 51.97 ? 449 ASN A CG  1 
ATOM   327 O OD1 . ASN A 1 42 ? 0.769   23.400  -5.088  1.00 59.63 ? 449 ASN A OD1 1 
ATOM   328 N ND2 . ASN A 1 42 ? -0.871  22.210  -4.093  1.00 43.93 ? 449 ASN A ND2 1 
ATOM   329 N N   . LEU A 1 43 ? 4.302   20.641  -4.283  1.00 35.53 ? 450 LEU A N   1 
ATOM   330 C CA  . LEU A 1 43 ? 5.670   20.523  -4.775  1.00 28.38 ? 450 LEU A CA  1 
ATOM   331 C C   . LEU A 1 43 ? 5.850   19.217  -5.509  1.00 26.62 ? 450 LEU A C   1 
ATOM   332 O O   . LEU A 1 43 ? 5.243   18.204  -5.161  1.00 25.03 ? 450 LEU A O   1 
ATOM   333 C CB  . LEU A 1 43 ? 6.676   20.594  -3.640  1.00 31.25 ? 450 LEU A CB  1 
ATOM   334 C CG  . LEU A 1 43 ? 6.819   21.955  -2.978  1.00 43.01 ? 450 LEU A CG  1 
ATOM   335 C CD1 . LEU A 1 43 ? 7.745   21.844  -1.781  1.00 51.15 ? 450 LEU A CD1 1 
ATOM   336 C CD2 . LEU A 1 43 ? 7.342   22.955  -3.989  1.00 44.72 ? 450 LEU A CD2 1 
ATOM   337 N N   . SER A 1 44 ? 6.685   19.254  -6.531  1.00 27.66 ? 451 SER A N   1 
ATOM   338 C CA  . SER A 1 44 ? 6.955   18.089  -7.336  1.00 26.47 ? 451 SER A CA  1 
ATOM   339 C C   . SER A 1 44 ? 7.417   16.904  -6.476  1.00 25.15 ? 451 SER A C   1 
ATOM   340 O O   . SER A 1 44 ? 6.946   15.785  -6.659  1.00 29.19 ? 451 SER A O   1 
ATOM   341 C CB  . SER A 1 44 ? 7.999   18.437  -8.392  1.00 42.55 ? 451 SER A CB  1 
ATOM   342 O OG  . SER A 1 44 ? 8.291   17.320  -9.204  1.00 60.26 ? 451 SER A OG  1 
ATOM   343 N N   . GLU A 1 45 ? 8.318   17.156  -5.526  1.00 26.29 ? 452 GLU A N   1 
ATOM   344 C CA  . GLU A 1 45 ? 8.883   16.092  -4.698  1.00 25.53 ? 452 GLU A CA  1 
ATOM   345 C C   . GLU A 1 45 ? 7.820   15.436  -3.840  1.00 26.34 ? 452 GLU A C   1 
ATOM   346 O O   . GLU A 1 45 ? 7.810   14.223  -3.677  1.00 26.83 ? 452 GLU A O   1 
ATOM   347 C CB  . GLU A 1 45 ? 10.003  16.612  -3.794  1.00 27.53 ? 452 GLU A CB  1 
ATOM   348 C CG  . GLU A 1 45 ? 11.307  16.891  -4.510  1.00 29.69 ? 452 GLU A CG  1 
ATOM   349 C CD  . GLU A 1 45 ? 11.373  18.307  -5.073  1.00 42.17 ? 452 GLU A CD  1 
ATOM   350 O OE1 . GLU A 1 45 ? 10.432  19.099  -4.817  1.00 36.71 ? 452 GLU A OE1 1 
ATOM   351 O OE2 . GLU A 1 45 ? 12.368  18.632  -5.766  1.00 43.38 ? 452 GLU A OE2 1 
ATOM   352 N N   . THR A 1 46 ? 6.947   16.250  -3.272  1.00 23.52 ? 453 THR A N   1 
ATOM   353 C CA  . THR A 1 46 ? 5.834   15.749  -2.495  1.00 21.87 ? 453 THR A CA  1 
ATOM   354 C C   . THR A 1 46 ? 4.914   14.913  -3.368  1.00 20.08 ? 453 THR A C   1 
ATOM   355 O O   . THR A 1 46 ? 4.468   13.855  -2.967  1.00 18.61 ? 453 THR A O   1 
ATOM   356 C CB  . THR A 1 46 ? 5.050   16.907  -1.868  1.00 27.65 ? 453 THR A CB  1 
ATOM   357 O OG1 . THR A 1 46 ? 5.891   17.587  -0.925  1.00 32.33 ? 453 THR A OG1 1 
ATOM   358 C CG2 . THR A 1 46 ? 3.798   16.403  -1.172  1.00 21.12 ? 453 THR A CG2 1 
ATOM   359 N N   . VAL A 1 47 ? 4.651   15.388  -4.575  1.00 20.44 ? 454 VAL A N   1 
ATOM   360 C CA  . VAL A 1 47 ? 3.728   14.713  -5.468  1.00 19.10 ? 454 VAL A CA  1 
ATOM   361 C C   . VAL A 1 47 ? 4.328   13.407  -5.936  1.00 18.31 ? 454 VAL A C   1 
ATOM   362 O O   . VAL A 1 47 ? 3.630   12.413  -6.082  1.00 18.00 ? 454 VAL A O   1 
ATOM   363 C CB  . VAL A 1 47 ? 3.370   15.587  -6.679  1.00 20.39 ? 454 VAL A CB  1 
ATOM   364 C CG1 . VAL A 1 47 ? 2.682   14.762  -7.761  1.00 19.04 ? 454 VAL A CG1 1 
ATOM   365 C CG2 . VAL A 1 47 ? 2.486   16.741  -6.242  1.00 20.80 ? 454 VAL A CG2 1 
ATOM   366 N N   . SER A 1 48 ? 5.637   13.410  -6.152  1.00 22.83 ? 455 SER A N   1 
ATOM   367 C CA  . SER A 1 48 ? 6.335   12.217  -6.621  1.00 20.20 ? 455 SER A CA  1 
ATOM   368 C C   . SER A 1 48 ? 6.392   11.132  -5.536  1.00 22.07 ? 455 SER A C   1 
ATOM   369 O O   . SER A 1 48 ? 6.369   9.939   -5.839  1.00 21.00 ? 455 SER A O   1 
ATOM   370 C CB  . SER A 1 48 ? 7.746   12.583  -7.088  1.00 26.09 ? 455 SER A CB  1 
ATOM   371 O OG  . SER A 1 48 ? 8.478   11.434  -7.476  1.00 38.01 ? 455 SER A OG  1 
ATOM   372 N N   . GLN A 1 49 ? 6.450   11.543  -4.275  1.00 18.35 ? 456 GLN A N   1 
ATOM   373 C CA  . GLN A 1 49 ? 6.507   10.587  -3.188  1.00 17.69 ? 456 GLN A CA  1 
ATOM   374 C C   . GLN A 1 49 ? 5.139   9.928   -3.024  1.00 15.98 ? 456 GLN A C   1 
ATOM   375 O O   . GLN A 1 49 ? 5.051   8.720   -2.818  1.00 18.73 ? 456 GLN A O   1 
ATOM   376 C CB  . GLN A 1 49 ? 6.954   11.260  -1.894  1.00 18.73 ? 456 GLN A CB  1 
ATOM   377 C CG  . GLN A 1 49 ? 7.246   10.290  -0.761  1.00 21.11 ? 456 GLN A CG  1 
ATOM   378 C CD  . GLN A 1 49 ? 8.300   9.259   -1.132  1.00 20.92 ? 456 GLN A CD  1 
ATOM   379 O OE1 . GLN A 1 49 ? 9.478   9.577   -1.261  1.00 21.85 ? 456 GLN A OE1 1 
ATOM   380 N NE2 . GLN A 1 49 ? 7.874   8.016   -1.308  1.00 17.87 ? 456 GLN A NE2 1 
ATOM   381 N N   . ALA A 1 50 ? 4.082   10.730  -3.127  1.00 15.64 ? 457 ALA A N   1 
ATOM   382 C CA  . ALA A 1 50 ? 2.701   10.242  -3.074  1.00 14.33 ? 457 ALA A CA  1 
ATOM   383 C C   . ALA A 1 50 ? 2.417   9.260   -4.216  1.00 15.17 ? 457 ALA A C   1 
ATOM   384 O O   . ALA A 1 50 ? 1.725   8.256   -4.025  1.00 16.17 ? 457 ALA A O   1 
ATOM   385 C CB  . ALA A 1 50 ? 1.718   11.416  -3.116  1.00 14.59 ? 457 ALA A CB  1 
ATOM   386 N N   . ARG A 1 51 ? 2.958   9.560   -5.398  1.00 14.23 ? 458 ARG A N   1 
ATOM   387 C CA  A ARG A 1 51 ? 2.848   8.667   -6.541  0.50 13.89 ? 458 ARG A CA  1 
ATOM   388 C CA  B ARG A 1 51 ? 2.863   8.669   -6.550  0.50 13.91 ? 458 ARG A CA  1 
ATOM   389 C C   . ARG A 1 51 ? 3.588   7.346   -6.296  1.00 16.35 ? 458 ARG A C   1 
ATOM   390 O O   . ARG A 1 51 ? 3.112   6.287   -6.690  1.00 21.96 ? 458 ARG A O   1 
ATOM   391 C CB  A ARG A 1 51 ? 3.382   9.349   -7.797  0.50 15.00 ? 458 ARG A CB  1 
ATOM   392 C CB  B ARG A 1 51 ? 3.433   9.341   -7.799  0.50 15.03 ? 458 ARG A CB  1 
ATOM   393 C CG  A ARG A 1 51 ? 3.332   8.481   -9.032  0.50 22.42 ? 458 ARG A CG  1 
ATOM   394 C CG  B ARG A 1 51 ? 3.561   8.411   -8.994  0.50 26.08 ? 458 ARG A CG  1 
ATOM   395 C CD  A ARG A 1 51 ? 4.170   9.076   -10.154 0.50 31.79 ? 458 ARG A CD  1 
ATOM   396 C CD  B ARG A 1 51 ? 4.262   9.092   -10.165 0.50 33.92 ? 458 ARG A CD  1 
ATOM   397 N NE  A ARG A 1 51 ? 5.465   9.557   -9.675  0.50 36.16 ? 458 ARG A NE  1 
ATOM   398 N NE  B ARG A 1 51 ? 4.182   8.313   -11.400 0.50 37.30 ? 458 ARG A NE  1 
ATOM   399 C CZ  A ARG A 1 51 ? 6.484   8.767   -9.365  0.50 35.24 ? 458 ARG A CZ  1 
ATOM   400 C CZ  B ARG A 1 51 ? 5.229   7.774   -12.018 0.50 46.23 ? 458 ARG A CZ  1 
ATOM   401 N NH1 A ARG A 1 51 ? 6.360   7.451   -9.483  0.50 39.75 ? 458 ARG A NH1 1 
ATOM   402 N NH1 B ARG A 1 51 ? 6.449   7.924   -11.519 0.50 52.84 ? 458 ARG A NH1 1 
ATOM   403 N NH2 A ARG A 1 51 ? 7.625   9.289   -8.934  0.50 28.86 ? 458 ARG A NH2 1 
ATOM   404 N NH2 B ARG A 1 51 ? 5.058   7.086   -13.138 0.50 44.10 ? 458 ARG A NH2 1 
ATOM   405 N N   . ASP A 1 52 ? 4.749   7.403   -5.644  1.00 14.53 ? 459 ASP A N   1 
ATOM   406 C CA  . ASP A 1 52 ? 5.453   6.175   -5.274  1.00 14.66 ? 459 ASP A CA  1 
ATOM   407 C C   . ASP A 1 52 ? 4.627   5.364   -4.285  1.00 13.64 ? 459 ASP A C   1 
ATOM   408 O O   . ASP A 1 52 ? 4.529   4.147   -4.405  1.00 18.93 ? 459 ASP A O   1 
ATOM   409 C CB  . ASP A 1 52 ? 6.832   6.467   -4.664  1.00 16.00 ? 459 ASP A CB  1 
ATOM   410 C CG  . ASP A 1 52 ? 7.842   6.947   -5.696  1.00 25.99 ? 459 ASP A CG  1 
ATOM   411 O OD1 . ASP A 1 52 ? 7.540   6.912   -6.907  1.00 28.41 ? 459 ASP A OD1 1 
ATOM   412 O OD2 . ASP A 1 52 ? 8.952   7.353   -5.300  1.00 27.06 ? 459 ASP A OD2 1 
ATOM   413 N N   . PHE A 1 53 ? 4.053   6.037   -3.292  1.00 14.82 ? 460 PHE A N   1 
ATOM   414 C CA  . PHE A 1 53 ? 3.179   5.374   -2.325  1.00 12.54 ? 460 PHE A CA  1 
ATOM   415 C C   . PHE A 1 53 ? 2.014   4.651   -3.022  1.00 11.62 ? 460 PHE A C   1 
ATOM   416 O O   . PHE A 1 53 ? 1.750   3.480   -2.762  1.00 15.10 ? 460 PHE A O   1 
ATOM   417 C CB  . PHE A 1 53 ? 2.613   6.381   -1.307  1.00 12.54 ? 460 PHE A CB  1 
ATOM   418 C CG  . PHE A 1 53 ? 3.594   6.810   -0.244  1.00 13.58 ? 460 PHE A CG  1 
ATOM   419 C CD1 . PHE A 1 53 ? 3.244   7.777   0.683   1.00 13.97 ? 460 PHE A CD1 1 
ATOM   420 C CD2 . PHE A 1 53 ? 4.856   6.252   -0.172  1.00 16.06 ? 460 PHE A CD2 1 
ATOM   421 C CE1 . PHE A 1 53 ? 4.139   8.182   1.661   1.00 16.93 ? 460 PHE A CE1 1 
ATOM   422 C CE2 . PHE A 1 53 ? 5.757   6.651   0.810   1.00 19.64 ? 460 PHE A CE2 1 
ATOM   423 C CZ  . PHE A 1 53 ? 5.400   7.619   1.724   1.00 16.03 ? 460 PHE A CZ  1 
ATOM   424 N N   . SER A 1 54 ? 1.319   5.365   -3.901  1.00 12.83 ? 461 SER A N   1 
ATOM   425 C CA  A SER A 1 54 ? 0.143   4.841   -4.587  0.50 14.07 ? 461 SER A CA  1 
ATOM   426 C CA  B SER A 1 54 ? 0.134   4.814   -4.548  0.50 14.24 ? 461 SER A CA  1 
ATOM   427 C C   . SER A 1 54 ? 0.473   3.608   -5.419  1.00 12.22 ? 461 SER A C   1 
ATOM   428 O O   . SER A 1 54 ? -0.209  2.597   -5.358  1.00 13.53 ? 461 SER A O   1 
ATOM   429 C CB  A SER A 1 54 ? -0.467  5.927   -5.475  0.50 14.15 ? 461 SER A CB  1 
ATOM   430 C CB  B SER A 1 54 ? -0.566  5.882   -5.385  0.50 14.46 ? 461 SER A CB  1 
ATOM   431 O OG  A SER A 1 54 ? -1.651  5.474   -6.103  0.50 17.66 ? 461 SER A OG  1 
ATOM   432 O OG  B SER A 1 54 ? 0.145   6.121   -6.578  0.50 19.64 ? 461 SER A OG  1 
ATOM   433 N N   . HIS A 1 55 ? 1.535   3.728   -6.203  1.00 11.80 ? 462 HIS A N   1 
ATOM   434 C CA  . HIS A 1 55 ? 2.026   2.669   -7.069  1.00 13.43 ? 462 HIS A CA  1 
ATOM   435 C C   . HIS A 1 55 ? 2.491   1.441   -6.303  1.00 12.26 ? 462 HIS A C   1 
ATOM   436 O O   . HIS A 1 55 ? 2.239   0.310   -6.702  1.00 20.35 ? 462 HIS A O   1 
ATOM   437 C CB  . HIS A 1 55 ? 3.175   3.205   -7.918  1.00 18.06 ? 462 HIS A CB  1 
ATOM   438 C CG  . HIS A 1 55 ? 3.629   2.260   -8.978  1.00 27.81 ? 462 HIS A CG  1 
ATOM   439 N ND1 . HIS A 1 55 ? 4.845   1.609   -8.922  1.00 28.67 ? 462 HIS A ND1 1 
ATOM   440 C CD2 . HIS A 1 55 ? 3.035   1.850   -10.119 1.00 29.34 ? 462 HIS A CD2 1 
ATOM   441 C CE1 . HIS A 1 55 ? 4.977   0.842   -9.984  1.00 29.68 ? 462 HIS A CE1 1 
ATOM   442 N NE2 . HIS A 1 55 ? 3.891   0.970   -10.733 1.00 31.79 ? 462 HIS A NE2 1 
ATOM   443 N N   . THR A 1 56 ? 3.202   1.675   -5.213  1.00 12.81 ? 463 THR A N   1 
ATOM   444 C CA  . THR A 1 56 ? 3.698   0.599   -4.372  1.00 12.94 ? 463 THR A CA  1 
ATOM   445 C C   . THR A 1 56 ? 2.531   -0.165  -3.749  1.00 13.23 ? 463 THR A C   1 
ATOM   446 O O   . THR A 1 56 ? 2.532   -1.385  -3.704  1.00 15.16 ? 463 THR A O   1 
ATOM   447 C CB  . THR A 1 56 ? 4.626   1.167   -3.281  1.00 14.31 ? 463 THR A CB  1 
ATOM   448 O OG1 . THR A 1 56 ? 5.746   1.802   -3.909  1.00 15.37 ? 463 THR A OG1 1 
ATOM   449 C CG2 . THR A 1 56 ? 5.108   0.085   -2.304  1.00 14.24 ? 463 THR A CG2 1 
ATOM   450 N N   . LEU A 1 57 ? 1.533   0.571   -3.277  1.00 12.23 ? 464 LEU A N   1 
ATOM   451 C CA  . LEU A 1 57 ? 0.353   -0.020  -2.681  1.00 13.48 ? 464 LEU A CA  1 
ATOM   452 C C   . LEU A 1 57 ? -0.426  -0.847  -3.715  1.00 14.77 ? 464 LEU A C   1 
ATOM   453 O O   . LEU A 1 57 ? -0.828  -1.978  -3.447  1.00 15.82 ? 464 LEU A O   1 
ATOM   454 C CB  . LEU A 1 57 ? -0.523  1.072   -2.082  1.00 10.50 ? 464 LEU A CB  1 
ATOM   455 C CG  . LEU A 1 57 ? -1.819  0.672   -1.390  1.00 10.89 ? 464 LEU A CG  1 
ATOM   456 C CD1 . LEU A 1 57 ? -1.532  -0.181  -0.204  1.00 10.75 ? 464 LEU A CD1 1 
ATOM   457 C CD2 . LEU A 1 57 ? -2.561  1.913   -0.951  1.00 10.97 ? 464 LEU A CD2 1 
ATOM   458 N N   . SER A 1 58 ? -0.615  -0.284  -4.903  1.00 10.86 ? 465 SER A N   1 
ATOM   459 C CA  . SER A 1 58 ? -1.332  -0.971  -5.976  1.00 11.77 ? 465 SER A CA  1 
ATOM   460 C C   . SER A 1 58 ? -0.632  -2.294  -6.321  1.00 14.05 ? 465 SER A C   1 
ATOM   461 O O   . SER A 1 58 ? -1.253  -3.341  -6.433  1.00 19.60 ? 465 SER A O   1 
ATOM   462 C CB  . SER A 1 58 ? -1.418  -0.073  -7.200  1.00 11.08 ? 465 SER A CB  1 
ATOM   463 O OG  . SER A 1 58 ? -2.249  -0.624  -8.192  1.00 21.42 ? 465 SER A OG  1 
ATOM   464 N N   . LYS A 1 59 ? 0.680   -2.230  -6.451  1.00 13.58 ? 466 LYS A N   1 
ATOM   465 C CA  . LYS A 1 59 ? 1.487   -3.377  -6.814  1.00 15.43 ? 466 LYS A CA  1 
ATOM   466 C C   . LYS A 1 59 ? 1.386   -4.453  -5.729  1.00 21.30 ? 466 LYS A C   1 
ATOM   467 O O   . LYS A 1 59 ? 1.381   -5.653  -6.026  1.00 21.21 ? 466 LYS A O   1 
ATOM   468 C CB  . LYS A 1 59 ? 2.931   -2.919  -7.043  1.00 20.33 ? 466 LYS A CB  1 
ATOM   469 C CG  . LYS A 1 59 ? 3.912   -3.982  -7.407  1.00 38.39 ? 466 LYS A CG  1 
ATOM   470 C CD  . LYS A 1 59 ? 5.333   -3.422  -7.452  1.00 56.30 ? 466 LYS A CD  1 
ATOM   471 C CE  . LYS A 1 59 ? 6.353   -4.559  -7.341  1.00 70.52 ? 466 LYS A CE  1 
ATOM   472 N NZ  . LYS A 1 59 ? 7.736   -4.091  -7.046  1.00 75.35 ? 466 LYS A NZ  1 
ATOM   473 N N   . SER A 1 60 ? 1.253   -4.023  -4.473  1.00 13.40 ? 467 SER A N   1 
ATOM   474 C CA  A SER A 1 60 ? 1.182   -4.975  -3.374  0.50 13.97 ? 467 SER A CA  1 
ATOM   475 C CA  B SER A 1 60 ? 1.164   -4.940  -3.343  0.50 13.93 ? 467 SER A CA  1 
ATOM   476 C C   . SER A 1 60 ? -0.198  -5.623  -3.292  1.00 13.82 ? 467 SER A C   1 
ATOM   477 O O   . SER A 1 60 ? -0.317  -6.779  -2.891  1.00 17.61 ? 467 SER A O   1 
ATOM   478 C CB  A SER A 1 60 ? 1.538   -4.306  -2.045  0.50 13.75 ? 467 SER A CB  1 
ATOM   479 C CB  B SER A 1 60 ? 1.432   -4.203  -2.027  0.50 13.62 ? 467 SER A CB  1 
ATOM   480 O OG  A SER A 1 60 ? 0.425   -3.645  -1.478  0.50 12.81 ? 467 SER A OG  1 
ATOM   481 O OG  B SER A 1 60 ? 2.754   -3.685  -1.973  0.50 14.11 ? 467 SER A OG  1 
ATOM   482 N N   . LEU A 1 61 ? -1.231  -4.896  -3.695  1.00 12.91 ? 468 LEU A N   1 
ATOM   483 C CA  . LEU A 1 61 ? -2.585  -5.450  -3.687  1.00 12.99 ? 468 LEU A CA  1 
ATOM   484 C C   . LEU A 1 61 ? -2.783  -6.440  -4.846  1.00 13.88 ? 468 LEU A C   1 
ATOM   485 O O   . LEU A 1 61 ? -3.519  -7.419  -4.735  1.00 17.10 ? 468 LEU A O   1 
ATOM   486 C CB  . LEU A 1 61 ? -3.615  -4.318  -3.724  1.00 12.05 ? 468 LEU A CB  1 
ATOM   487 C CG  . LEU A 1 61 ? -3.596  -3.454  -2.451  1.00 13.42 ? 468 LEU A CG  1 
ATOM   488 C CD1 . LEU A 1 61 ? -4.766  -2.518  -2.404  1.00 10.95 ? 468 LEU A CD1 1 
ATOM   489 C CD2 . LEU A 1 61 ? -3.597  -4.353  -1.220  1.00 18.04 ? 468 LEU A CD2 1 
ATOM   490 N N   . LYS A 1 62 ? -2.108  -6.190  -5.958  1.00 14.00 ? 469 LYS A N   1 
ATOM   491 C CA  A LYS A 1 62 ? -2.101  -7.132  -7.069  0.50 15.14 ? 469 LYS A CA  1 
ATOM   492 C CA  B LYS A 1 62 ? -2.097  -7.133  -7.068  0.50 15.14 ? 469 LYS A CA  1 
ATOM   493 C C   . LYS A 1 62 ? -1.411  -8.421  -6.632  1.00 18.83 ? 469 LYS A C   1 
ATOM   494 O O   . LYS A 1 62 ? -1.858  -9.518  -6.957  1.00 17.64 ? 469 LYS A O   1 
ATOM   495 C CB  A LYS A 1 62 ? -1.405  -6.530  -8.291  0.50 15.20 ? 469 LYS A CB  1 
ATOM   496 C CB  B LYS A 1 62 ? -1.391  -6.534  -8.284  0.50 15.21 ? 469 LYS A CB  1 
ATOM   497 C CG  A LYS A 1 62 ? -2.117  -5.316  -8.881  0.50 14.29 ? 469 LYS A CG  1 
ATOM   498 C CG  B LYS A 1 62 ? -2.140  -5.382  -8.934  0.50 14.36 ? 469 LYS A CG  1 
ATOM   499 C CD  A LYS A 1 62 ? -1.306  -4.685  -10.011 0.50 17.71 ? 469 LYS A CD  1 
ATOM   500 C CD  B LYS A 1 62 ? -1.378  -4.854  -10.141 0.50 16.79 ? 469 LYS A CD  1 
ATOM   501 C CE  A LYS A 1 62 ? -1.964  -3.406  -10.515 0.50 19.09 ? 469 LYS A CE  1 
ATOM   502 C CE  B LYS A 1 62 ? -2.153  -3.759  -10.863 0.50 18.16 ? 469 LYS A CE  1 
ATOM   503 N NZ  A LYS A 1 62 ? -1.189  -2.716  -11.584 0.50 23.06 ? 469 LYS A NZ  1 
ATOM   504 N NZ  B LYS A 1 62 ? -2.396  -2.562  -10.013 0.50 18.69 ? 469 LYS A NZ  1 
ATOM   505 N N   . SER A 1 63 ? -0.323  -8.277  -5.881  1.00 16.49 ? 470 SER A N   1 
ATOM   506 C CA  A SER A 1 63 ? 0.398   -9.426  -5.355  0.50 17.94 ? 470 SER A CA  1 
ATOM   507 C CA  B SER A 1 63 ? 0.394   -9.428  -5.359  0.50 17.95 ? 470 SER A CA  1 
ATOM   508 C C   . SER A 1 63 ? -0.476  -10.189 -4.364  1.00 19.45 ? 470 SER A C   1 
ATOM   509 O O   . SER A 1 63 ? -0.522  -11.416 -4.377  1.00 20.68 ? 470 SER A O   1 
ATOM   510 C CB  A SER A 1 63 ? 1.699   -8.984  -4.690  0.50 18.03 ? 470 SER A CB  1 
ATOM   511 C CB  B SER A 1 63 ? 1.702   -8.996  -4.702  0.50 18.05 ? 470 SER A CB  1 
ATOM   512 O OG  A SER A 1 63 ? 2.460   -10.096 -4.253  0.50 24.14 ? 470 SER A OG  1 
ATOM   513 O OG  B SER A 1 63 ? 2.599   -8.473  -5.662  0.50 18.18 ? 470 SER A OG  1 
ATOM   514 N N   . ARG A 1 64 ? -1.172  -9.458  -3.503  1.00 17.18 ? 471 ARG A N   1 
ATOM   515 C CA  . ARG A 1 64 ? -2.067  -10.097 -2.551  1.00 17.69 ? 471 ARG A CA  1 
ATOM   516 C C   . ARG A 1 64 ? -3.190  -10.838 -3.273  1.00 18.38 ? 471 ARG A C   1 
ATOM   517 O O   . ARG A 1 64 ? -3.480  -11.981 -2.960  1.00 21.40 ? 471 ARG A O   1 
ATOM   518 C CB  . ARG A 1 64 ? -2.645  -9.070  -1.575  1.00 18.52 ? 471 ARG A CB  1 
ATOM   519 C CG  . ARG A 1 64 ? -3.704  -9.652  -0.660  1.00 17.09 ? 471 ARG A CG  1 
ATOM   520 C CD  . ARG A 1 64 ? -4.197  -8.667  0.378   1.00 16.19 ? 471 ARG A CD  1 
ATOM   521 N NE  . ARG A 1 64 ? -5.201  -9.304  1.211   1.00 17.12 ? 471 ARG A NE  1 
ATOM   522 C CZ  . ARG A 1 64 ? -4.915  -10.087 2.244   1.00 26.28 ? 471 ARG A CZ  1 
ATOM   523 N NH1 . ARG A 1 64 ? -3.649  -10.309 2.586   1.00 18.88 ? 471 ARG A NH1 1 
ATOM   524 N NH2 . ARG A 1 64 ? -5.896  -10.647 2.934   1.00 19.43 ? 471 ARG A NH2 1 
ATOM   525 N N   . ALA A 1 65 ? -3.813  -10.183 -4.249  1.00 18.37 ? 472 ALA A N   1 
ATOM   526 C CA  . ALA A 1 65 ? -4.857  -10.809 -5.070  1.00 18.42 ? 472 ALA A CA  1 
ATOM   527 C C   . ALA A 1 65 ? -4.385  -12.104 -5.713  1.00 20.26 ? 472 ALA A C   1 
ATOM   528 O O   . ALA A 1 65 ? -5.122  -13.089 -5.764  1.00 26.98 ? 472 ALA A O   1 
ATOM   529 C CB  . ALA A 1 65 ? -5.339  -9.850  -6.142  1.00 17.51 ? 472 ALA A CB  1 
ATOM   530 N N   . LYS A 1 66 ? -3.156  -12.101 -6.216  1.00 20.46 ? 473 LYS A N   1 
ATOM   531 C CA  . LYS A 1 66 ? -2.562  -13.312 -6.761  1.00 22.45 ? 473 LYS A CA  1 
ATOM   532 C C   . LYS A 1 66 ? -2.456  -14.420 -5.698  1.00 31.39 ? 473 LYS A C   1 
ATOM   533 O O   . LYS A 1 66 ? -2.933  -15.528 -5.907  1.00 25.71 ? 473 LYS A O   1 
ATOM   534 C CB  . LYS A 1 66 ? -1.186  -13.018 -7.346  1.00 22.54 ? 473 LYS A CB  1 
ATOM   535 C CG  . LYS A 1 66 ? -0.527  -14.254 -7.913  1.00 24.85 ? 473 LYS A CG  1 
ATOM   536 C CD  . LYS A 1 66 ? 0.861   -13.994 -8.448  1.00 25.26 ? 473 LYS A CD  1 
ATOM   537 C CE  . LYS A 1 66 ? 1.322   -15.218 -9.227  1.00 27.83 ? 473 LYS A CE  1 
ATOM   538 N NZ  . LYS A 1 66 ? 2.532   -14.963 -10.027 1.00 30.79 ? 473 LYS A NZ  1 
ATOM   539 N N   . SER A 1 67 ? -1.844  -14.106 -4.557  1.00 29.56 ? 474 SER A N   1 
ATOM   540 C CA  . SER A 1 67 ? -1.705  -15.065 -3.467  1.00 29.03 ? 474 SER A CA  1 
ATOM   541 C C   . SER A 1 67 ? -3.038  -15.616 -3.013  1.00 25.52 ? 474 SER A C   1 
ATOM   542 O O   . SER A 1 67 ? -3.140  -16.795 -2.689  1.00 33.48 ? 474 SER A O   1 
ATOM   543 C CB  . SER A 1 67 ? -0.990  -14.430 -2.280  1.00 28.37 ? 474 SER A CB  1 
ATOM   544 O OG  . SER A 1 67 ? 0.380   -14.242 -2.566  1.00 39.02 ? 474 SER A OG  1 
ATOM   545 N N   . LEU A 1 68 ? -4.060  -14.768 -2.993  1.00 27.17 ? 475 LEU A N   1 
ATOM   546 C CA  . LEU A 1 68 ? -5.378  -15.190 -2.522  1.00 24.68 ? 475 LEU A CA  1 
ATOM   547 C C   . LEU A 1 68 ? -6.066  -16.096 -3.515  1.00 30.04 ? 475 LEU A C   1 
ATOM   548 O O   . LEU A 1 68 ? -6.729  -17.059 -3.133  1.00 32.98 ? 475 LEU A O   1 
ATOM   549 C CB  . LEU A 1 68 ? -6.269  -13.988 -2.239  1.00 22.85 ? 475 LEU A CB  1 
ATOM   550 C CG  . LEU A 1 68 ? -5.924  -13.216 -0.969  1.00 28.13 ? 475 LEU A CG  1 
ATOM   551 C CD1 . LEU A 1 68 ? -6.753  -11.944 -0.894  1.00 23.95 ? 475 LEU A CD1 1 
ATOM   552 C CD2 . LEU A 1 68 ? -6.116  -14.091 0.279   1.00 23.36 ? 475 LEU A CD2 1 
ATOM   553 N N   . SER A 1 69 ? -5.909  -15.784 -4.794  1.00 29.25 ? 476 SER A N   1 
ATOM   554 C CA  A SER A 1 69 ? -6.576  -16.546 -5.836  0.50 27.51 ? 476 SER A CA  1 
ATOM   555 C CA  B SER A 1 69 ? -6.564  -16.539 -5.847  0.50 27.50 ? 476 SER A CA  1 
ATOM   556 C C   . SER A 1 69 ? -5.954  -17.939 -5.957  1.00 34.28 ? 476 SER A C   1 
ATOM   557 O O   . SER A 1 69 ? -6.621  -18.884 -6.363  1.00 35.24 ? 476 SER A O   1 
ATOM   558 C CB  A SER A 1 69 ? -6.514  -15.802 -7.175  0.50 26.58 ? 476 SER A CB  1 
ATOM   559 C CB  B SER A 1 69 ? -6.459  -15.792 -7.180  0.50 26.55 ? 476 SER A CB  1 
ATOM   560 O OG  A SER A 1 69 ? -5.209  -15.829 -7.718  0.50 26.66 ? 476 SER A OG  1 
ATOM   561 O OG  B SER A 1 69 ? -7.625  -15.980 -7.962  0.50 29.80 ? 476 SER A OG  1 
ATOM   562 N N   . GLN A 1 70 ? -4.678  -18.058 -5.593  1.00 33.25 ? 477 GLN A N   1 
ATOM   563 C CA  . GLN A 1 70 ? -3.985  -19.344 -5.576  1.00 39.83 ? 477 GLN A CA  1 
ATOM   564 C C   . GLN A 1 70 ? -4.706  -20.333 -4.662  1.00 50.93 ? 477 GLN A C   1 
ATOM   565 O O   . GLN A 1 70 ? -4.671  -21.538 -4.885  1.00 57.29 ? 477 GLN A O   1 
ATOM   566 C CB  . GLN A 1 70 ? -2.544  -19.176 -5.104  1.00 47.63 ? 477 GLN A CB  1 
ATOM   567 C CG  . GLN A 1 70 ? -1.507  -19.722 -6.052  1.00 62.16 ? 477 GLN A CG  1 
ATOM   568 C CD  . GLN A 1 70 ? -1.081  -18.700 -7.090  1.00 73.67 ? 477 GLN A CD  1 
ATOM   569 O OE1 . GLN A 1 70 ? -0.208  -17.870 -6.828  1.00 79.17 ? 477 GLN A OE1 1 
ATOM   570 N NE2 . GLN A 1 70 ? -1.696  -18.754 -8.277  1.00 70.99 ? 477 GLN A NE2 1 
ATOM   571 N N   . LYS A 1 71 ? -5.353  -19.806 -3.628  1.00 56.15 ? 478 LYS A N   1 
ATOM   572 C CA  . LYS A 1 71 ? -6.196  -20.607 -2.747  1.00 59.04 ? 478 LYS A CA  1 
ATOM   573 C C   . LYS A 1 71 ? -7.575  -19.964 -2.564  1.00 55.86 ? 478 LYS A C   1 
ATOM   574 O O   . LYS A 1 71 ? -8.540  -20.304 -3.250  1.00 55.93 ? 478 LYS A O   1 
ATOM   575 C CB  . LYS A 1 71 ? -5.520  -20.790 -1.392  1.00 57.83 ? 478 LYS A CB  1 
ATOM   576 C CG  . LYS A 1 71 ? -5.223  -19.479 -0.664  1.00 50.82 ? 478 LYS A CG  1 
ATOM   577 C CD  . LYS A 1 71 ? -5.110  -19.704 0.836   1.00 55.54 ? 478 LYS A CD  1 
ATOM   578 C CE  . LYS A 1 71 ? -5.982  -18.717 1.608   1.00 64.79 ? 478 LYS A CE  1 
ATOM   579 N NZ  . LYS A 1 71 ? -6.128  -19.078 3.055   1.00 70.58 ? 478 LYS A NZ  1 
HETATM 580 O O   . HOH B 2 .  ? -3.259  -18.784 4.695   1.00 44.33 ? 501 HOH A O   1 
HETATM 581 O O   . HOH B 2 .  ? -7.888  -7.238  1.190   1.00 24.98 ? 502 HOH A O   1 
HETATM 582 O O   . HOH B 2 .  ? 6.202   17.513  1.551   1.00 28.41 ? 503 HOH A O   1 
HETATM 583 O O   . HOH B 2 .  ? -0.348  0.319   6.096   1.00 25.81 ? 504 HOH A O   1 
HETATM 584 O O   . HOH B 2 .  ? 6.601   4.971   -9.042  1.00 52.54 ? 505 HOH A O   1 
HETATM 585 O O   . HOH B 2 .  ? 8.566   0.834   -3.849  1.00 67.14 ? 506 HOH A O   1 
HETATM 586 O O   . HOH B 2 .  ? 2.013   -12.703 -4.462  1.00 36.13 ? 507 HOH A O   1 
HETATM 587 O O   . HOH B 2 .  ? -0.358  4.299   10.299  1.00 59.67 ? 508 HOH A O   1 
HETATM 588 O O   . HOH B 2 .  ? -6.722  4.133   8.405   1.00 26.80 ? 509 HOH A O   1 
HETATM 589 O O   . HOH B 2 .  ? -2.013  6.174   8.266   1.00 42.52 ? 510 HOH A O   1 
HETATM 590 O O   . HOH B 2 .  ? 9.685   6.538   -2.667  1.00 24.66 ? 511 HOH A O   1 
HETATM 591 O O   . HOH B 2 .  ? 13.097  2.827   -2.060  1.00 27.57 ? 512 HOH A O   1 
HETATM 592 O O   . HOH B 2 .  ? 2.710   -16.345 8.031   1.00 52.71 ? 513 HOH A O   1 
HETATM 593 O O   . HOH B 2 .  ? -7.565  9.580   3.575   1.00 22.95 ? 514 HOH A O   1 
HETATM 594 O O   . HOH B 2 .  ? 5.100   -3.652  -3.407  1.00 44.05 ? 515 HOH A O   1 
HETATM 595 O O   . HOH B 2 .  ? 4.808   -5.508  -0.101  1.00 49.51 ? 516 HOH A O   1 
HETATM 596 O O   . HOH B 2 .  ? 1.105   -1.701  -10.437 1.00 56.96 ? 517 HOH A O   1 
HETATM 597 O O   . HOH B 2 .  ? 2.267   -2.587  8.859   1.00 31.87 ? 518 HOH A O   1 
HETATM 598 O O   . HOH B 2 .  ? 7.740   -8.945  1.529   1.00 61.51 ? 519 HOH A O   1 
HETATM 599 O O   . HOH B 2 .  ? -4.341  -3.654  9.921   1.00 27.65 ? 520 HOH A O   1 
HETATM 600 O O   . HOH B 2 .  ? 4.407   21.337  3.202   1.00 46.54 ? 521 HOH A O   1 
HETATM 601 O O   . HOH B 2 .  ? 2.535   -5.769  6.183   1.00 27.82 ? 522 HOH A O   1 
HETATM 602 O O   . HOH B 2 .  ? 7.411   -2.295  7.549   1.00 29.11 ? 523 HOH A O   1 
HETATM 603 O O   . HOH B 2 .  ? 9.907   10.069  -5.422  1.00 26.42 ? 524 HOH A O   1 
HETATM 604 O O   . HOH B 2 .  ? 0.494   2.704   6.416   1.00 33.94 ? 525 HOH A O   1 
HETATM 605 O O   . HOH B 2 .  ? 1.726   -16.223 -5.437  1.00 49.43 ? 526 HOH A O   1 
HETATM 606 O O   . HOH B 2 .  ? 10.217  12.644  -4.051  1.00 26.81 ? 527 HOH A O   1 
HETATM 607 O O   . HOH B 2 .  ? 10.312  21.557  -6.418  1.00 38.68 ? 528 HOH A O   1 
HETATM 608 O O   . HOH B 2 .  ? 5.365   12.476  -9.988  1.00 37.55 ? 529 HOH A O   1 
HETATM 609 O O   . HOH B 2 .  ? -11.385 -10.418 7.748   1.00 35.57 ? 530 HOH A O   1 
HETATM 610 O O   . HOH B 2 .  ? 4.711   -6.757  -4.439  1.00 36.36 ? 531 HOH A O   1 
HETATM 611 O O   . HOH B 2 .  ? 1.854   11.429  5.197   1.00 38.84 ? 532 HOH A O   1 
HETATM 612 O O   . HOH B 2 .  ? 10.305  15.296  -8.325  1.00 36.36 ? 533 HOH A O   1 
HETATM 613 O O   . HOH B 2 .  ? -4.685  11.982  6.489   1.00 49.49 ? 534 HOH A O   1 
HETATM 614 O O   . HOH B 2 .  ? 0.556   -16.178 1.324   1.00 42.70 ? 535 HOH A O   1 
HETATM 615 O O   . HOH B 2 .  ? 14.222  -0.129  7.469   1.00 31.72 ? 536 HOH A O   1 
HETATM 616 O O   . HOH B 2 .  ? 6.351   -3.375  6.210   1.00 29.30 ? 537 HOH A O   1 
HETATM 617 O O   . HOH B 2 .  ? 4.633   5.106   -10.815 1.00 57.56 ? 538 HOH A O   1 
HETATM 618 O O   . HOH B 2 .  ? -10.917 -12.752 5.573   1.00 41.35 ? 539 HOH A O   1 
HETATM 619 O O   . HOH B 2 .  ? -3.046  -0.711  10.137  1.00 36.56 ? 540 HOH A O   1 
HETATM 620 O O   . HOH B 2 .  ? 9.957   3.274   -2.807  1.00 25.14 ? 541 HOH A O   1 
HETATM 621 O O   . HOH B 2 .  ? -0.300  -18.020 -1.951  1.00 49.22 ? 542 HOH A O   1 
HETATM 622 O O   . HOH B 2 .  ? 5.919   15.269  -9.841  1.00 33.16 ? 543 HOH A O   1 
HETATM 623 O O   . HOH B 2 .  ? 2.695   -14.879 0.336   1.00 56.93 ? 544 HOH A O   1 
HETATM 624 O O   . HOH B 2 .  ? 8.688   3.489   -4.322  1.00 49.26 ? 545 HOH A O   1 
HETATM 625 O O   . HOH B 2 .  ? -6.110  -24.383 -4.092  1.00 49.60 ? 546 HOH A O   1 
HETATM 626 O O   . HOH B 2 .  ? 2.889   24.242  -2.650  1.00 58.30 ? 547 HOH A O   1 
HETATM 627 O O   . HOH B 2 .  ? 7.949   22.024  -7.921  1.00 34.86 ? 548 HOH A O   1 
HETATM 628 O O   . HOH B 2 .  ? 11.597  10.164  -7.715  1.00 53.20 ? 549 HOH A O   1 
HETATM 629 O O   . HOH B 2 .  ? -2.035  21.582  -0.954  1.00 56.97 ? 550 HOH A O   1 
HETATM 630 O O   . HOH B 2 .  ? -11.256 -10.320 10.711  1.00 46.05 ? 551 HOH A O   1 
HETATM 631 O O   . HOH B 2 .  ? 11.305  13.129  -6.362  1.00 28.38 ? 552 HOH A O   1 
HETATM 632 O O   . HOH B 2 .  ? -8.145  -13.253 3.670   1.00 35.69 ? 553 HOH A O   1 
HETATM 633 O O   . HOH B 2 .  ? 7.392   3.358   -6.755  1.00 41.11 ? 554 HOH A O   1 
HETATM 634 O O   . HOH B 2 .  ? -0.391  0.076   9.359   1.00 49.68 ? 555 HOH A O   1 
HETATM 635 O O   . HOH B 2 .  ? 4.912   -4.419  8.859   1.00 43.41 ? 556 HOH A O   1 
HETATM 636 O O   . HOH B 2 .  ? 14.159  -1.622  4.647   1.00 40.20 ? 557 HOH A O   1 
HETATM 637 O O   . HOH B 2 .  ? 12.319  7.130   -2.098  1.00 26.47 ? 558 HOH A O   1 
HETATM 638 O O   . HOH B 2 .  ? -2.174  9.567   8.640   1.00 37.94 ? 559 HOH A O   1 
HETATM 639 O O   . HOH B 2 .  ? -11.116 -13.750 1.158   1.00 32.57 ? 560 HOH A O   1 
# 
loop_
_atom_site_anisotrop.id 
_atom_site_anisotrop.type_symbol 
_atom_site_anisotrop.pdbx_label_atom_id 
_atom_site_anisotrop.pdbx_label_alt_id 
_atom_site_anisotrop.pdbx_label_comp_id 
_atom_site_anisotrop.pdbx_label_asym_id 
_atom_site_anisotrop.pdbx_label_seq_id 
_atom_site_anisotrop.pdbx_PDB_ins_code 
_atom_site_anisotrop.U[1][1] 
_atom_site_anisotrop.U[2][2] 
_atom_site_anisotrop.U[3][3] 
_atom_site_anisotrop.U[1][2] 
_atom_site_anisotrop.U[1][3] 
_atom_site_anisotrop.U[2][3] 
_atom_site_anisotrop.pdbx_auth_seq_id 
_atom_site_anisotrop.pdbx_auth_comp_id 
_atom_site_anisotrop.pdbx_auth_asym_id 
_atom_site_anisotrop.pdbx_auth_atom_id 
1   N N   . ASP A 1  ? 0.4897 0.6225 0.4636 0.1607  -0.0813 0.0590  408 ASP A N   
2   C CA  . ASP A 1  ? 0.5673 0.6900 0.5360 0.1410  -0.0793 0.0528  408 ASP A CA  
3   C C   . ASP A 1  ? 0.4890 0.6469 0.4942 0.1308  -0.0781 0.0530  408 ASP A C   
4   O O   . ASP A 1  ? 0.4984 0.6908 0.5355 0.1293  -0.0862 0.0561  408 ASP A O   
5   C CB  . ASP A 1  ? 0.7290 0.8373 0.6827 0.1262  -0.0918 0.0499  408 ASP A CB  
6   C CG  . ASP A 1  ? 0.8981 0.9663 0.8117 0.1314  -0.0896 0.0493  408 ASP A CG  
7   O OD1 . ASP A 1  ? 0.9608 1.0120 0.8599 0.1483  -0.0813 0.0515  408 ASP A OD1 
8   O OD2 . ASP A 1  ? 0.9244 0.9770 0.8199 0.1183  -0.0954 0.0463  408 ASP A OD2 
9   N N   . THR A 2  ? 0.3769 0.5261 0.3776 0.1233  -0.0684 0.0499  409 THR A N   
10  C CA  . THR A 2  ? 0.2337 0.4108 0.2657 0.1107  -0.0680 0.0508  409 THR A CA  
11  C C   . THR A 2  ? 0.2082 0.3843 0.2452 0.0923  -0.0819 0.0456  409 THR A C   
12  O O   . THR A 2  ? 0.2200 0.3735 0.2331 0.0894  -0.0893 0.0419  409 THR A O   
13  C CB  . THR A 2  ? 0.2023 0.3705 0.2270 0.1084  -0.0546 0.0506  409 THR A CB  
14  O OG1 . THR A 2  ? 0.2524 0.3887 0.2516 0.0981  -0.0565 0.0440  409 THR A OG1 
15  C CG2 . THR A 2  ? 0.3133 0.4737 0.3216 0.1270  -0.0408 0.0531  409 THR A CG2 
16  N N   . PHE A 3  ? 0.2630 0.4629 0.3299 0.0795  -0.0841 0.0453  410 PHE A N   
17  C CA  . PHE A 3  ? 0.2262 0.4241 0.2980 0.0618  -0.0960 0.0384  410 PHE A CA  
18  C C   . PHE A 3  ? 0.1826 0.3457 0.2226 0.0561  -0.0937 0.0322  410 PHE A C   
19  O O   . PHE A 3  ? 0.1920 0.3401 0.2147 0.0487  -0.1025 0.0261  410 PHE A O   
20  C CB  . PHE A 3  ? 0.1707 0.3965 0.2799 0.0486  -0.0952 0.0392  410 PHE A CB  
21  C CG  . PHE A 3  ? 0.1693 0.3918 0.2845 0.0302  -0.1066 0.0297  410 PHE A CG  
22  C CD1 . PHE A 3  ? 0.1583 0.3627 0.2655 0.0204  -0.1031 0.0253  410 PHE A CD1 
23  C CD2 . PHE A 3  ? 0.1825 0.4198 0.3107 0.0231  -0.1212 0.0240  410 PHE A CD2 
24  C CE1 . PHE A 3  ? 0.1613 0.3608 0.2729 0.0038  -0.1121 0.0145  410 PHE A CE1 
25  C CE2 . PHE A 3  ? 0.1864 0.4180 0.3168 0.0060  -0.1306 0.0123  410 PHE A CE2 
26  C CZ  . PHE A 3  ? 0.1762 0.3880 0.2977 -0.0035 -0.1251 0.0067  410 PHE A CZ  
27  N N   . SER A 4  ? 0.1723 0.3236 0.2034 0.0592  -0.0813 0.0339  411 SER A N   
28  C CA  . SER A 4  ? 0.1695 0.2914 0.1742 0.0534  -0.0784 0.0275  411 SER A CA  
29  C C   . SER A 4  ? 0.1876 0.2802 0.1564 0.0588  -0.0770 0.0244  411 SER A C   
30  O O   . SER A 4  ? 0.2642 0.3386 0.2146 0.0498  -0.0795 0.0175  411 SER A O   
31  C CB  . SER A 4  ? 0.1574 0.2762 0.1625 0.0553  -0.0666 0.0309  411 SER A CB  
32  O OG  . SER A 4  ? 0.1867 0.3302 0.2243 0.0475  -0.0666 0.0357  411 SER A OG  
33  N N   . GLU A 5  ? 0.2008 0.2890 0.1601 0.0731  -0.0717 0.0293  412 GLU A N   
34  C CA  A GLU A 5  ? 0.2224 0.2820 0.1496 0.0783  -0.0701 0.0274  412 GLU A CA  
35  C CA  B GLU A 5  ? 0.2223 0.2817 0.1494 0.0782  -0.0700 0.0273  412 GLU A CA  
36  C C   . GLU A 5  ? 0.3161 0.3740 0.2361 0.0719  -0.0815 0.0259  412 GLU A C   
37  O O   . GLU A 5  ? 0.3190 0.3533 0.2138 0.0654  -0.0803 0.0215  412 GLU A O   
38  C CB  A GLU A 5  ? 0.2394 0.2974 0.1614 0.0971  -0.0644 0.0328  412 GLU A CB  
39  C CB  B GLU A 5  ? 0.2392 0.2963 0.1605 0.0970  -0.0640 0.0327  412 GLU A CB  
40  C CG  A GLU A 5  ? 0.2346 0.2885 0.1533 0.1045  -0.0515 0.0332  412 GLU A CG  
41  C CG  B GLU A 5  ? 0.3876 0.4139 0.2773 0.1038  -0.0635 0.0320  412 GLU A CG  
42  C CD  A GLU A 5  ? 0.4347 0.4856 0.3452 0.1251  -0.0449 0.0369  412 GLU A CD  
43  C CD  B GLU A 5  ? 0.4982 0.5128 0.3759 0.1234  -0.0550 0.0347  412 GLU A CD  
44  O OE1 A GLU A 5  ? 0.2697 0.3341 0.1900 0.1343  -0.0509 0.0414  412 GLU A OE1 
45  O OE1 B GLU A 5  ? 0.5384 0.5417 0.4031 0.1350  -0.0581 0.0382  412 GLU A OE1 
46  O OE2 A GLU A 5  ? 0.3883 0.4230 0.2813 0.1327  -0.0341 0.0350  412 GLU A OE2 
47  O OE2 B GLU A 5  ? 0.5247 0.5400 0.4033 0.1280  -0.0451 0.0337  412 GLU A OE2 
48  N N   . ARG A 6  ? 0.2365 0.3218 0.1796 0.0724  -0.0923 0.0293  413 ARG A N   
49  C CA  . ARG A 6  ? 0.2530 0.3403 0.1889 0.0664  -0.1046 0.0285  413 ARG A CA  
50  C C   . ARG A 6  ? 0.2454 0.3288 0.1771 0.0481  -0.1081 0.0193  413 ARG A C   
51  O O   . ARG A 6  ? 0.2677 0.3362 0.1750 0.0416  -0.1099 0.0153  413 ARG A O   
52  C CB  . ARG A 6  ? 0.2581 0.3782 0.2227 0.0712  -0.1163 0.0339  413 ARG A CB  
53  C CG  . ARG A 6  ? 0.2948 0.4197 0.2517 0.0647  -0.1314 0.0337  413 ARG A CG  
54  C CD  . ARG A 6  ? 0.3360 0.4479 0.2698 0.0784  -0.1333 0.0408  413 ARG A CD  
55  N NE  . ARG A 6  ? 0.3989 0.5205 0.3270 0.0726  -0.1495 0.0422  413 ARG A NE  
56  C CZ  . ARG A 6  ? 0.4661 0.5674 0.3602 0.0674  -0.1513 0.0413  413 ARG A CZ  
57  N NH1 . ARG A 6  ? 0.5299 0.5996 0.3957 0.0672  -0.1377 0.0387  413 ARG A NH1 
58  N NH2 . ARG A 6  ? 0.4269 0.5405 0.3155 0.0618  -0.1666 0.0430  413 ARG A NH2 
59  N N   . THR A 7  ? 0.2239 0.3209 0.1791 0.0403  -0.1077 0.0155  414 THR A N   
60  C CA  . THR A 7  ? 0.2195 0.3145 0.1747 0.0241  -0.1110 0.0051  414 THR A CA  
61  C C   . THR A 7  ? 0.3452 0.4114 0.2722 0.0204  -0.1002 -0.0020 414 THR A C   
62  O O   . THR A 7  ? 0.3526 0.4098 0.2659 0.0099  -0.1007 -0.0112 414 THR A O   
63  C CB  . THR A 7  ? 0.1988 0.3136 0.1889 0.0175  -0.1125 0.0035  414 THR A CB  
64  O OG1 . THR A 7  ? 0.2007 0.3436 0.2209 0.0180  -0.1221 0.0086  414 THR A OG1 
65  C CG2 . THR A 7  ? 0.1982 0.3067 0.1884 0.0018  -0.1143 -0.0095 414 THR A CG2 
66  N N   . LEU A 8  ? 0.2362 0.2891 0.1556 0.0283  -0.0895 0.0018  415 LEU A N   
67  C CA  . LEU A 8  ? 0.2385 0.2679 0.1377 0.0233  -0.0789 -0.0043 415 LEU A CA  
68  C C   . LEU A 8  ? 0.2990 0.3086 0.1705 0.0254  -0.0740 -0.0026 415 LEU A C   
69  O O   . LEU A 8  ? 0.3685 0.3622 0.2265 0.0196  -0.0647 -0.0071 415 LEU A O   
70  C CB  . LEU A 8  ? 0.1967 0.2229 0.1023 0.0277  -0.0705 -0.0018 415 LEU A CB  
71  C CG  . LEU A 8  ? 0.1775 0.2220 0.1101 0.0255  -0.0739 -0.0023 415 LEU A CG  
72  C CD1 . LEU A 8  ? 0.1666 0.2075 0.1000 0.0301  -0.0651 0.0014  415 LEU A CD1 
73  C CD2 . LEU A 8  ? 0.1761 0.2190 0.1135 0.0133  -0.0778 -0.0139 415 LEU A CD2 
74  N N   . GLY A 9  ? 0.2823 0.2952 0.1490 0.0337  -0.0806 0.0043  416 GLY A N   
75  C CA  . GLY A 9  ? 0.2752 0.2690 0.1157 0.0367  -0.0784 0.0070  416 GLY A CA  
76  C C   . GLY A 9  ? 0.3223 0.2924 0.1490 0.0430  -0.0678 0.0091  416 GLY A C   
77  O O   . GLY A 9  ? 0.3667 0.3163 0.1731 0.0384  -0.0619 0.0074  416 GLY A O   
78  N N   . LEU A 10 ? 0.2718 0.2453 0.1096 0.0533  -0.0653 0.0126  417 LEU A N   
79  C CA  . LEU A 10 ? 0.3377 0.2894 0.1633 0.0573  -0.0552 0.0120  417 LEU A CA  
80  C C   . LEU A 10 ? 0.3034 0.2384 0.1138 0.0744  -0.0541 0.0177  417 LEU A C   
81  O O   . LEU A 10 ? 0.4334 0.3476 0.2313 0.0789  -0.0462 0.0161  417 LEU A O   
82  C CB  . LEU A 10 ? 0.3040 0.2684 0.1478 0.0563  -0.0508 0.0102  417 LEU A CB  
83  C CG  . LEU A 10 ? 0.3030 0.2770 0.1586 0.0414  -0.0497 0.0041  417 LEU A CG  
84  C CD1 . LEU A 10 ? 0.2570 0.2423 0.1280 0.0434  -0.0464 0.0049  417 LEU A CD1 
85  C CD2 . LEU A 10 ? 0.2739 0.2315 0.1157 0.0296  -0.0431 -0.0017 417 LEU A CD2 
86  N N   . ASN A 11 ? 0.3898 0.3325 0.2003 0.0842  -0.0624 0.0237  418 ASN A N   
87  C CA  . ASN A 11 ? 0.5141 0.4452 0.3147 0.1042  -0.0609 0.0293  418 ASN A CA  
88  C C   . ASN A 11 ? 0.4981 0.3859 0.2631 0.1075  -0.0554 0.0289  418 ASN A C   
89  O O   . ASN A 11 ? 0.5638 0.4341 0.3151 0.1249  -0.0527 0.0322  418 ASN A O   
90  C CB  . ASN A 11 ? 0.5952 0.5510 0.4103 0.1150  -0.0721 0.0371  418 ASN A CB  
91  C CG  . ASN A 11 ? 0.8455 0.7942 0.6450 0.1094  -0.0811 0.0402  418 ASN A CG  
92  O OD1 . ASN A 11 ? 1.0126 0.9330 0.7860 0.1011  -0.0770 0.0376  418 ASN A OD1 
93  N ND2 . ASN A 11 ? 0.9134 0.8897 0.7292 0.1134  -0.0936 0.0460  418 ASN A ND2 
94  N N   . SER A 12 ? 0.4615 0.3313 0.2114 0.0911  -0.0529 0.0250  419 SER A N   
95  C CA  . SER A 12 ? 0.5138 0.3396 0.2297 0.0910  -0.0469 0.0247  419 SER A CA  
96  C C   . SER A 12 ? 0.4951 0.3048 0.2058 0.0750  -0.0378 0.0172  419 SER A C   
97  O O   . SER A 12 ? 0.4563 0.2295 0.1398 0.0699  -0.0327 0.0164  419 SER A O   
98  C CB  . SER A 12 ? 0.5551 0.3700 0.2524 0.0858  -0.0519 0.0293  419 SER A CB  
99  O OG  . SER A 12 ? 0.6167 0.4416 0.3144 0.1014  -0.0614 0.0380  419 SER A OG  
100 N N   . ILE A 13 ? 0.4512 0.2881 0.1881 0.0663  -0.0360 0.0125  420 ILE A N   
101 C CA  . ILE A 13 ? 0.4407 0.2729 0.1796 0.0489  -0.0292 0.0064  420 ILE A CA  
102 C C   . ILE A 13 ? 0.4297 0.2288 0.1485 0.0508  -0.0225 0.0044  420 ILE A C   
103 O O   . ILE A 13 ? 0.4936 0.2827 0.2080 0.0354  -0.0175 0.0007  420 ILE A O   
104 C CB  . ILE A 13 ? 0.3933 0.2628 0.1648 0.0408  -0.0294 0.0025  420 ILE A CB  
105 C CG1 . ILE A 13 ? 0.4111 0.2852 0.1887 0.0228  -0.0240 -0.0032 420 ILE A CG1 
106 C CG2 . ILE A 13 ? 0.3866 0.2634 0.1676 0.0506  -0.0278 0.0028  420 ILE A CG2 
107 C CD1 . ILE A 13 ? 0.4269 0.3346 0.2325 0.0162  -0.0246 -0.0072 420 ILE A CD1 
108 N N   . ASP A 14 ? 0.4316 0.2135 0.1363 0.0698  -0.0222 0.0066  421 ASP A N   
109 C CA  . ASP A 14 ? 0.5600 0.3046 0.2398 0.0721  -0.0157 0.0038  421 ASP A CA  
110 C C   . ASP A 14 ? 0.5976 0.2902 0.2353 0.0793  -0.0138 0.0059  421 ASP A C   
111 O O   . ASP A 14 ? 0.7058 0.3566 0.3133 0.0860  -0.0084 0.0037  421 ASP A O   
112 C CB  . ASP A 14 ? 0.7374 0.4913 0.4231 0.0896  -0.0135 0.0032  421 ASP A CB  
113 C CG  . ASP A 14 ? 0.8733 0.6355 0.5581 0.1144  -0.0162 0.0080  421 ASP A CG  
114 O OD1 . ASP A 14 ? 0.8591 0.6361 0.5524 0.1144  -0.0228 0.0126  421 ASP A OD1 
115 O OD2 . ASP A 14 ? 0.9694 0.7275 0.6467 0.1335  -0.0115 0.0077  421 ASP A OD2 
116 N N   . ASN A 15 ? 0.6026 0.2960 0.2357 0.0777  -0.0182 0.0102  422 ASN A N   
117 C CA  . ASN A 15 ? 0.6078 0.2540 0.2011 0.0800  -0.0167 0.0132  422 ASN A CA  
118 C C   . ASN A 15 ? 0.6072 0.2271 0.1842 0.0547  -0.0107 0.0097  422 ASN A C   
119 O O   . ASN A 15 ? 0.5777 0.2265 0.1761 0.0372  -0.0114 0.0090  422 ASN A O   
120 C CB  . ASN A 15 ? 0.6047 0.2679 0.2020 0.0866  -0.0246 0.0213  422 ASN A CB  
121 C CG  . ASN A 15 ? 0.7569 0.3738 0.3135 0.0904  -0.0237 0.0270  422 ASN A CG  
122 O OD1 . ASN A 15 ? 0.8147 0.3856 0.3387 0.0806  -0.0162 0.0237  422 ASN A OD1 
123 N ND2 . ASN A 15 ? 0.8168 0.4467 0.3752 0.1033  -0.0319 0.0363  422 ASN A ND2 
124 N N   . THR A 16 ? 0.6208 0.1862 0.1590 0.0523  -0.0042 0.0069  423 THR A N   
125 C CA  . THR A 16 ? 0.6372 0.1778 0.1605 0.0249  0.0022  0.0037  423 THR A CA  
126 C C   . THR A 16 ? 0.7412 0.2689 0.2468 0.0121  0.0032  0.0069  423 THR A C   
127 O O   . THR A 16 ? 0.7886 0.3070 0.2878 -0.0130 0.0091  0.0044  423 THR A O   
128 C CB  . THR A 16 ? 0.7852 0.2687 0.2685 0.0227  0.0093  0.0003  423 THR A CB  
129 O OG1 . THR A 16 ? 0.8867 0.3281 0.3262 0.0385  0.0106  0.0003  423 THR A OG1 
130 C CG2 . THR A 16 ? 0.7148 0.2172 0.2163 0.0345  0.0090  0.0006  423 THR A CG2 
131 N N   . GLU A 17 ? 0.6757 0.2063 0.1750 0.0282  -0.0023 0.0140  424 GLU A N   
132 C CA  A GLU A 17 ? 0.7996 0.3216 0.2828 0.0174  -0.0020 0.0195  424 GLU A CA  
133 C CA  B GLU A 17 ? 0.7990 0.3216 0.2827 0.0175  -0.0022 0.0196  424 GLU A CA  
134 C C   . GLU A 17 ? 0.7929 0.3654 0.3113 0.0024  -0.0033 0.0184  424 GLU A C   
135 O O   . GLU A 17 ? 0.8433 0.4120 0.3505 -0.0130 0.0001  0.0203  424 GLU A O   
136 C CB  A GLU A 17 ? 0.7968 0.3121 0.2660 0.0394  -0.0091 0.0301  424 GLU A CB  
137 C CB  B GLU A 17 ? 0.8036 0.3210 0.2744 0.0397  -0.0093 0.0301  424 GLU A CB  
138 C CG  A GLU A 17 ? 0.8108 0.2987 0.2485 0.0297  -0.0072 0.0379  424 GLU A CG  
139 C CG  B GLU A 17 ? 0.8590 0.3245 0.2912 0.0551  -0.0066 0.0328  424 GLU A CG  
140 C CD  A GLU A 17 ? 0.9096 0.3855 0.3307 0.0526  -0.0147 0.0506  424 GLU A CD  
141 C CD  B GLU A 17 ? 0.9546 0.3658 0.3437 0.0359  0.0028  0.0315  424 GLU A CD  
142 O OE1 A GLU A 17 ? 0.9321 0.4276 0.3707 0.0756  -0.0217 0.0531  424 GLU A OE1 
143 O OE1 B GLU A 17 ? 0.9958 0.4094 0.3811 0.0154  0.0054  0.0334  424 GLU A OE1 
144 O OE2 A GLU A 17 ? 0.9460 0.3949 0.3375 0.0472  -0.0134 0.0591  424 GLU A OE2 
145 O OE2 B GLU A 17 ? 1.0128 0.3801 0.3708 0.0406  0.0084  0.0283  424 GLU A OE2 
146 N N   . ILE A 18 ? 0.7443 0.3637 0.3035 0.0074  -0.0074 0.0151  425 ILE A N   
147 C CA  . ILE A 18 ? 0.5449 0.2128 0.1382 -0.0046 -0.0078 0.0119  425 ILE A CA  
148 C C   . ILE A 18 ? 0.5873 0.2559 0.1865 -0.0267 0.0009  0.0055  425 ILE A C   
149 O O   . ILE A 18 ? 0.5827 0.2454 0.1865 -0.0289 0.0034  0.0019  425 ILE A O   
150 C CB  . ILE A 18 ? 0.5131 0.2270 0.1451 0.0077  -0.0144 0.0102  425 ILE A CB  
151 C CG1 . ILE A 18 ? 0.5600 0.2822 0.1901 0.0261  -0.0236 0.0169  425 ILE A CG1 
152 C CG2 . ILE A 18 ? 0.4628 0.2210 0.1273 -0.0043 -0.0132 0.0047  425 ILE A CG2 
153 C CD1 . ILE A 18 ? 0.5646 0.3304 0.2300 0.0348  -0.0298 0.0154  425 ILE A CD1 
154 N N   . SER A 19 ? 0.5385 0.2157 0.1365 -0.0433 0.0059  0.0041  426 SER A N   
155 C CA  . SER A 19 ? 0.5344 0.2151 0.1376 -0.0656 0.0148  -0.0019 426 SER A CA  
156 C C   . SER A 19 ? 0.4765 0.2077 0.1239 -0.0648 0.0134  -0.0080 426 SER A C   
157 O O   . SER A 19 ? 0.4613 0.2249 0.1342 -0.0501 0.0067  -0.0081 426 SER A O   
158 C CB  . SER A 19 ? 0.5566 0.2347 0.1456 -0.0823 0.0218  -0.0022 426 SER A CB  
159 O OG  . SER A 19 ? 0.6084 0.3309 0.2244 -0.0772 0.0193  -0.0044 426 SER A OG  
160 N N   . GLU A 20 ? 0.4823 0.2200 0.1373 -0.0815 0.0198  -0.0133 427 GLU A N   
161 C CA  . GLU A 20 ? 0.4219 0.2054 0.1162 -0.0790 0.0179  -0.0190 427 GLU A CA  
162 C C   . GLU A 20 ? 0.3915 0.2120 0.1096 -0.0748 0.0168  -0.0222 427 GLU A C   
163 O O   . GLU A 20 ? 0.4304 0.2809 0.1762 -0.0619 0.0109  -0.0243 427 GLU A O   
164 C CB  . GLU A 20 ? 0.4270 0.2138 0.1233 -0.0989 0.0247  -0.0244 427 GLU A CB  
165 C CG  . GLU A 20 ? 0.3824 0.2113 0.1152 -0.0927 0.0206  -0.0298 427 GLU A CG  
166 C CD  . GLU A 20 ? 0.3900 0.2250 0.1243 -0.1113 0.0255  -0.0354 427 GLU A CD  
167 O OE1 . GLU A 20 ? 0.5504 0.3600 0.2591 -0.1325 0.0338  -0.0357 427 GLU A OE1 
168 O OE2 . GLU A 20 ? 0.4300 0.2953 0.1897 -0.1062 0.0211  -0.0396 427 GLU A OE2 
169 N N   . VAL A 21 ? 0.4124 0.2278 0.1170 -0.0862 0.0228  -0.0230 428 VAL A N   
170 C CA  . VAL A 21 ? 0.3910 0.2375 0.1136 -0.0829 0.0231  -0.0276 428 VAL A CA  
171 C C   . VAL A 21 ? 0.3763 0.2316 0.1050 -0.0636 0.0135  -0.0246 428 VAL A C   
172 O O   . VAL A 21 ? 0.3453 0.2291 0.0984 -0.0552 0.0095  -0.0292 428 VAL A O   
173 C CB  . VAL A 21 ? 0.4624 0.2999 0.1644 -0.0995 0.0331  -0.0294 428 VAL A CB  
174 C CG1 . VAL A 21 ? 0.4135 0.2732 0.1236 -0.0917 0.0319  -0.0329 428 VAL A CG1 
175 C CG2 . VAL A 21 ? 0.4275 0.2743 0.1355 -0.1209 0.0438  -0.0363 428 VAL A CG2 
176 N N   . VAL A 22 ? 0.4026 0.2320 0.1075 -0.0574 0.0094  -0.0171 429 VAL A N   
177 C CA  . VAL A 22 ? 0.3918 0.2320 0.1021 -0.0414 -0.0001 -0.0142 429 VAL A CA  
178 C C   . VAL A 22 ? 0.3550 0.2153 0.0927 -0.0305 -0.0058 -0.0155 429 VAL A C   
179 O O   . VAL A 22 ? 0.3543 0.2401 0.1110 -0.0232 -0.0111 -0.0182 429 VAL A O   
180 C CB  . VAL A 22 ? 0.4322 0.2391 0.1099 -0.0355 -0.0039 -0.0051 429 VAL A CB  
181 C CG1 . VAL A 22 ? 0.4208 0.2435 0.1066 -0.0196 -0.0146 -0.0019 429 VAL A CG1 
182 C CG2 . VAL A 22 ? 0.4721 0.2602 0.1205 -0.0462 0.0016  -0.0030 429 VAL A CG2 
183 N N   . SER A 23 ? 0.3557 0.2027 0.0924 -0.0309 -0.0042 -0.0141 430 SER A N   
184 C CA  A SER A 23 ? 0.3251 0.1900 0.0848 -0.0222 -0.0079 -0.0152 430 SER A CA  
185 C CA  B SER A 23 ? 0.3248 0.1902 0.0847 -0.0218 -0.0083 -0.0151 430 SER A CA  
186 C C   . SER A 23 ? 0.2887 0.1888 0.0785 -0.0237 -0.0079 -0.0222 430 SER A C   
187 O O   . SER A 23 ? 0.3129 0.2331 0.1210 -0.0158 -0.0127 -0.0230 430 SER A O   
188 C CB  A SER A 23 ? 0.3379 0.1817 0.0880 -0.0251 -0.0049 -0.0143 430 SER A CB  
189 C CB  B SER A 23 ? 0.3373 0.1813 0.0874 -0.0229 -0.0058 -0.0137 430 SER A CB  
190 O OG  A SER A 23 ? 0.3100 0.1736 0.0813 -0.0181 -0.0075 -0.0159 430 SER A OG  
191 O OG  B SER A 23 ? 0.3322 0.1823 0.0890 -0.0360 -0.0003 -0.0188 430 SER A OG  
192 N N   . LEU A 24 ? 0.2902 0.1941 0.0821 -0.0347 -0.0021 -0.0271 431 LEU A N   
193 C CA  . LEU A 24 ? 0.2642 0.1942 0.0798 -0.0347 -0.0020 -0.0341 431 LEU A CA  
194 C C   . LEU A 24 ? 0.2563 0.1992 0.0789 -0.0288 -0.0054 -0.0375 431 LEU A C   
195 O O   . LEU A 24 ? 0.2358 0.1947 0.0767 -0.0237 -0.0087 -0.0421 431 LEU A O   
196 C CB  . LEU A 24 ? 0.2741 0.2047 0.0878 -0.0495 0.0060  -0.0389 431 LEU A CB  
197 C CG  . LEU A 24 ? 0.2794 0.2035 0.0906 -0.0577 0.0083  -0.0383 431 LEU A CG  
198 C CD1 . LEU A 24 ? 0.2928 0.2217 0.1018 -0.0772 0.0174  -0.0439 431 LEU A CD1 
199 C CD2 . LEU A 24 ? 0.2526 0.1933 0.0838 -0.0475 0.0021  -0.0392 431 LEU A CD2 
200 N N   . GLY A 25 ? 0.2778 0.2103 0.0823 -0.0300 -0.0053 -0.0355 432 GLY A N   
201 C CA  . GLY A 25 ? 0.2759 0.2194 0.0832 -0.0250 -0.0097 -0.0393 432 GLY A CA  
202 C C   . GLY A 25 ? 0.2592 0.2134 0.0781 -0.0161 -0.0180 -0.0371 432 GLY A C   
203 O O   . GLY A 25 ? 0.2531 0.2214 0.0843 -0.0136 -0.0222 -0.0431 432 GLY A O   
204 N N   . LEU A 26 ? 0.2627 0.2070 0.0752 -0.0126 -0.0202 -0.0287 433 LEU A N   
205 C CA  . LEU A 26 ? 0.2519 0.2040 0.0727 -0.0059 -0.0274 -0.0247 433 LEU A CA  
206 C C   . LEU A 26 ? 0.2808 0.2478 0.1240 -0.0053 -0.0274 -0.0274 433 LEU A C   
207 O O   . LEU A 26 ? 0.2932 0.2709 0.1470 -0.0039 -0.0330 -0.0277 433 LEU A O   
208 C CB  . LEU A 26 ? 0.2832 0.2151 0.0876 0.0010  -0.0296 -0.0151 433 LEU A CB  
209 C CG  . LEU A 26 ? 0.3040 0.2174 0.0825 0.0031  -0.0321 -0.0101 433 LEU A CG  
210 C CD1 . LEU A 26 ? 0.3263 0.2147 0.0878 0.0130  -0.0338 -0.0020 433 LEU A CD1 
211 C CD2 . LEU A 26 ? 0.3064 0.2354 0.0863 0.0051  -0.0405 -0.0104 433 LEU A CD2 
212 N N   . VAL A 27 ? 0.2172 0.1829 0.0652 -0.0073 -0.0221 -0.0289 434 VAL A N   
213 C CA  . VAL A 27 ? 0.1962 0.1746 0.0615 -0.0065 -0.0226 -0.0306 434 VAL A CA  
214 C C   . VAL A 27 ? 0.1861 0.1770 0.0650 -0.0079 -0.0242 -0.0396 434 VAL A C   
215 O O   . VAL A 27 ? 0.2797 0.2769 0.1691 -0.0094 -0.0279 -0.0388 434 VAL A O   
216 C CB  . VAL A 27 ? 0.1960 0.1702 0.0605 -0.0081 -0.0183 -0.0308 434 VAL A CB  
217 C CG1 . VAL A 27 ? 0.1786 0.1662 0.0574 -0.0064 -0.0200 -0.0317 434 VAL A CG1 
218 C CG2 . VAL A 27 ? 0.2124 0.1681 0.0609 -0.0063 -0.0171 -0.0242 434 VAL A CG2 
219 N N   . SER A 28 ? 0.1967 0.1810 0.0704 -0.0095 -0.0215 -0.0456 435 SER A N   
220 C CA  A SER A 28 ? 0.2351 0.2166 0.1134 -0.0106 -0.0230 -0.0531 435 SER A CA  
221 C CA  B SER A 28 ? 0.2213 0.2030 0.0998 -0.0105 -0.0231 -0.0531 435 SER A CA  
222 C C   . SER A 28 ? 0.1995 0.1838 0.0836 -0.0082 -0.0297 -0.0551 435 SER A C   
223 O O   . SER A 28 ? 0.3439 0.3190 0.2319 -0.0136 -0.0329 -0.0564 435 SER A O   
224 C CB  A SER A 28 ? 0.2985 0.2753 0.1662 -0.0177 -0.0155 -0.0571 435 SER A CB  
225 C CB  B SER A 28 ? 0.2926 0.2696 0.1612 -0.0177 -0.0155 -0.0573 435 SER A CB  
226 O OG  A SER A 28 ? 0.2207 0.1998 0.0947 -0.0216 -0.0128 -0.0656 435 SER A OG  
227 O OG  B SER A 28 ? 0.3929 0.3735 0.2651 -0.0250 -0.0085 -0.0577 435 SER A OG  
228 N N   . SER A 29 ? 0.2484 0.2402 0.1250 -0.0094 -0.0300 -0.0535 436 SER A N   
229 C CA  A SER A 29 ? 0.2092 0.2084 0.0885 -0.0132 -0.0355 -0.0553 436 SER A CA  
230 C CA  B SER A 29 ? 0.2092 0.2083 0.0885 -0.0133 -0.0355 -0.0552 436 SER A CA  
231 C C   . SER A 29 ? 0.2158 0.2140 0.1019 -0.0168 -0.0422 -0.0481 436 SER A C   
232 O O   . SER A 29 ? 0.2065 0.2035 0.1014 -0.0193 -0.0496 -0.0520 436 SER A O   
233 C CB  A SER A 29 ? 0.2276 0.2240 0.0865 -0.0126 -0.0386 -0.0504 436 SER A CB  
234 C CB  B SER A 29 ? 0.2273 0.2239 0.0867 -0.0127 -0.0389 -0.0504 436 SER A CB  
235 O OG  A SER A 29 ? 0.2357 0.2374 0.0944 -0.0158 -0.0472 -0.0513 436 SER A OG  
236 O OG  B SER A 29 ? 0.5226 0.5108 0.3659 -0.0115 -0.0340 -0.0529 436 SER A OG  
237 N N   . ALA A 30 ? 0.1928 0.1894 0.0776 -0.0103 -0.0427 -0.0386 437 ALA A N   
238 C CA  . ALA A 30 ? 0.1825 0.1833 0.0799 -0.0031 -0.0505 -0.0320 437 ALA A CA  
239 C C   . ALA A 30 ? 0.1698 0.1752 0.0852 -0.0033 -0.0520 -0.0369 437 ALA A C   
240 O O   . ALA A 30 ? 0.3059 0.3212 0.2416 -0.0013 -0.0606 -0.0377 437 ALA A O   
241 C CB  . ALA A 30 ? 0.1929 0.1900 0.0832 0.0045  -0.0475 -0.0221 437 ALA A CB  
242 N N   . LEU A 31 ? 0.2224 0.2237 0.1350 -0.0064 -0.0443 -0.0403 438 LEU A N   
243 C CA  . LEU A 31 ? 0.1562 0.1662 0.0898 -0.0044 -0.0460 -0.0458 438 LEU A CA  
244 C C   . LEU A 31 ? 0.1598 0.1700 0.1106 -0.0080 -0.0474 -0.0556 438 LEU A C   
245 O O   . LEU A 31 ? 0.2667 0.2811 0.2437 -0.0058 -0.0485 -0.0531 438 LEU A O   
246 C CB  . LEU A 31 ? 0.1554 0.1655 0.0839 -0.0072 -0.0381 -0.0487 438 LEU A CB  
247 C CG  . LEU A 31 ? 0.1525 0.1618 0.0716 -0.0052 -0.0362 -0.0392 438 LEU A CG  
248 C CD1 . LEU A 31 ? 0.1639 0.1685 0.0754 -0.0111 -0.0294 -0.0426 438 LEU A CD1 
249 C CD2 . LEU A 31 ? 0.2301 0.2523 0.1697 0.0022  -0.0402 -0.0313 438 LEU A CD2 
250 N N   . ASP A 32 ? 0.1754 0.1768 0.1105 -0.0138 -0.0446 -0.0635 439 ASP A N   
251 C CA  . ASP A 32 ? 0.1856 0.1836 0.1312 -0.0173 -0.0455 -0.0750 439 ASP A CA  
252 C C   . ASP A 32 ? 0.2131 0.2141 0.1737 -0.0184 -0.0568 -0.0746 439 ASP A C   
253 O O   . ASP A 32 ? 0.2570 0.2541 0.2375 -0.0207 -0.0587 -0.0821 439 ASP A O   
254 C CB  . ASP A 32 ? 0.2849 0.2693 0.2045 -0.0225 -0.0397 -0.0786 439 ASP A CB  
255 C CG  . ASP A 32 ? 0.3112 0.2942 0.2242 -0.0216 -0.0294 -0.0814 439 ASP A CG  
256 O OD1 . ASP A 32 ? 0.2719 0.2672 0.2023 -0.0192 -0.0257 -0.0829 439 ASP A OD1 
257 O OD2 . ASP A 32 ? 0.3432 0.3171 0.2366 -0.0223 -0.0260 -0.0832 439 ASP A OD2 
258 N N   . LYS A 33 ? 0.1912 0.1979 0.1437 -0.0172 -0.0631 -0.0644 440 LYS A N   
259 C CA  . LYS A 33 ? 0.1825 0.1982 0.1538 -0.0190 -0.0738 -0.0609 440 LYS A CA  
260 C C   . LYS A 33 ? 0.1667 0.1890 0.1681 -0.0161 -0.0712 -0.0492 440 LYS A C   
261 O O   . LYS A 33 ? 0.2874 0.3114 0.3118 -0.0214 -0.0752 -0.0486 440 LYS A O   
262 C CB  . LYS A 33 ? 0.1849 0.2099 0.1424 -0.0158 -0.0792 -0.0512 440 LYS A CB  
263 C CG  . LYS A 33 ? 0.2515 0.2688 0.1812 -0.0202 -0.0761 -0.0546 440 LYS A CG  
264 C CD  . LYS A 33 ? 0.3372 0.3629 0.2558 -0.0146 -0.0809 -0.0438 440 LYS A CD  
265 C CE  . LYS A 33 ? 0.3725 0.3941 0.2672 -0.0195 -0.0801 -0.0474 440 LYS A CE  
266 N NZ  . LYS A 33 ? 0.3837 0.4130 0.2698 -0.0121 -0.0868 -0.0364 440 LYS A NZ  
267 N N   . ILE A 34 ? 0.1670 0.1914 0.1661 -0.0089 -0.0647 -0.0402 441 ILE A N   
268 C CA  . ILE A 34 ? 0.1436 0.1726 0.1652 -0.0054 -0.0615 -0.0286 441 ILE A CA  
269 C C   . ILE A 34 ? 0.1492 0.1680 0.1887 -0.0073 -0.0590 -0.0349 441 ILE A C   
270 O O   . ILE A 34 ? 0.2193 0.2360 0.2813 -0.0089 -0.0601 -0.0282 441 ILE A O   
271 C CB  . ILE A 34 ? 0.1467 0.1795 0.1560 0.0022  -0.0561 -0.0199 441 ILE A CB  
272 C CG1 . ILE A 34 ? 0.1326 0.1724 0.1277 0.0067  -0.0574 -0.0121 441 ILE A CG1 
273 C CG2 . ILE A 34 ? 0.1279 0.1646 0.1552 0.0060  -0.0532 -0.0089 441 ILE A CG2 
274 C CD1 . ILE A 34 ? 0.1312 0.1680 0.1060 0.0126  -0.0522 -0.0082 441 ILE A CD1 
275 N N   . THR A 35 ? 0.1946 0.2064 0.2241 -0.0064 -0.0548 -0.0472 442 THR A N   
276 C CA  . THR A 35 ? 0.1850 0.1869 0.2311 -0.0054 -0.0517 -0.0557 442 THR A CA  
277 C C   . THR A 35 ? 0.1806 0.1698 0.2379 -0.0128 -0.0562 -0.0638 442 THR A C   
278 O O   . THR A 35 ? 0.2142 0.1920 0.2929 -0.0119 -0.0557 -0.0621 442 THR A O   
279 C CB  . THR A 35 ? 0.1686 0.1695 0.2016 -0.0042 -0.0452 -0.0703 442 THR A CB  
280 O OG1 . THR A 35 ? 0.1767 0.1895 0.2011 -0.0002 -0.0416 -0.0635 442 THR A OG1 
281 C CG2 . THR A 35 ? 0.1803 0.1727 0.2329 0.0005  -0.0406 -0.0795 442 THR A CG2 
282 N N   . GLY A 36 ? 0.2242 0.2139 0.2656 -0.0203 -0.0613 -0.0724 443 GLY A N   
283 C CA  . GLY A 36 ? 0.2081 0.1877 0.2573 -0.0301 -0.0675 -0.0823 443 GLY A CA  
284 C C   . GLY A 36 ? 0.2063 0.1885 0.2808 -0.0349 -0.0723 -0.0689 443 GLY A C   
285 O O   . GLY A 36 ? 0.3366 0.3027 0.4283 -0.0410 -0.0732 -0.0736 443 GLY A O   
286 N N   . LEU A 37 ? 0.1883 0.1898 0.2648 -0.0326 -0.0741 -0.0525 444 LEU A N   
287 C CA  . LEU A 37 ? 0.1863 0.1950 0.2877 -0.0374 -0.0759 -0.0379 444 LEU A CA  
288 C C   . LEU A 37 ? 0.1916 0.1845 0.3107 -0.0340 -0.0697 -0.0299 444 LEU A C   
289 O O   . LEU A 37 ? 0.3519 0.3322 0.4908 -0.0427 -0.0709 -0.0280 444 LEU A O   
290 C CB  . LEU A 37 ? 0.1672 0.2002 0.2660 -0.0317 -0.0756 -0.0218 444 LEU A CB  
291 C CG  . LEU A 37 ? 0.1667 0.2177 0.2571 -0.0348 -0.0837 -0.0246 444 LEU A CG  
292 C CD1 . LEU A 37 ? 0.1908 0.2658 0.2878 -0.0282 -0.0818 -0.0075 444 LEU A CD1 
293 C CD2 . LEU A 37 ? 0.1839 0.2354 0.2893 -0.0496 -0.0931 -0.0338 444 LEU A CD2 
294 N N   . LEU A 38 ? 0.1995 0.1918 0.3107 -0.0220 -0.0636 -0.0255 445 LEU A N   
295 C CA  . LEU A 38 ? 0.2078 0.1885 0.3338 -0.0154 -0.0591 -0.0152 445 LEU A CA  
296 C C   . LEU A 38 ? 0.2702 0.2248 0.4055 -0.0147 -0.0577 -0.0285 445 LEU A C   
297 O O   . LEU A 38 ? 0.4400 0.3814 0.5888 -0.0075 -0.0549 -0.0202 445 LEU A O   
298 C CB  . LEU A 38 ? 0.1707 0.1633 0.2852 -0.0030 -0.0552 -0.0076 445 LEU A CB  
299 C CG  . LEU A 38 ? 0.1540 0.1671 0.2570 -0.0020 -0.0551 0.0045  445 LEU A CG  
300 C CD1 . LEU A 38 ? 0.1430 0.1648 0.2310 0.0078  -0.0522 0.0084  445 LEU A CD1 
301 C CD2 . LEU A 38 ? 0.1585 0.1753 0.2776 -0.0059 -0.0544 0.0223  445 LEU A CD2 
302 N N   . SER A 39 ? 0.2912 0.2374 0.4178 -0.0208 -0.0596 -0.0492 446 SER A N   
303 C CA  . SER A 39 ? 0.3148 0.2351 0.4473 -0.0187 -0.0566 -0.0652 446 SER A CA  
304 C C   . SER A 39 ? 0.3998 0.2972 0.5445 -0.0323 -0.0609 -0.0708 446 SER A C   
305 O O   . SER A 39 ? 0.4885 0.3566 0.6427 -0.0305 -0.0581 -0.0796 446 SER A O   
306 C CB  . SER A 39 ? 0.3693 0.2921 0.4809 -0.0169 -0.0539 -0.0868 446 SER A CB  
307 O OG  . SER A 39 ? 0.4255 0.3667 0.5284 -0.0062 -0.0488 -0.0827 446 SER A OG  
308 N N   . ALA A 40 ? 0.5241 0.4352 0.6693 -0.0461 -0.0680 -0.0665 447 ALA A N   
309 C CA  . ALA A 40 ? 0.6888 0.5836 0.8465 -0.0635 -0.0737 -0.0728 447 ALA A CA  
310 C C   . ALA A 40 ? 0.8082 0.6869 0.9905 -0.0668 -0.0709 -0.0542 447 ALA A C   
311 O O   . ALA A 40 ? 1.0183 0.8618 1.2104 -0.0703 -0.0692 -0.0605 447 ALA A O   
312 C CB  . ALA A 40 ? 0.7190 0.6413 0.8727 -0.0767 -0.0831 -0.0732 447 ALA A CB  
313 N N   . ASP A 41 ? 0.7396 0.6417 0.9293 -0.0653 -0.0696 -0.0311 448 ASP A N   
314 C CA  . ASP A 41 ? 0.6778 0.5691 0.8882 -0.0714 -0.0664 -0.0104 448 ASP A CA  
315 C C   . ASP A 41 ? 0.5751 0.4919 0.7842 -0.0610 -0.0614 0.0140  448 ASP A C   
316 O O   . ASP A 41 ? 0.5566 0.4997 0.7501 -0.0513 -0.0615 0.0136  448 ASP A O   
317 C CB  . ASP A 41 ? 0.6848 0.5799 0.9112 -0.0951 -0.0720 -0.0115 448 ASP A CB  
318 C CG  . ASP A 41 ? 0.6146 0.5544 0.8391 -0.0998 -0.0769 -0.0087 448 ASP A CG  
319 O OD1 . ASP A 41 ? 0.5662 0.5300 0.8017 -0.1008 -0.0731 0.0120  448 ASP A OD1 
320 O OD2 . ASP A 41 ? 0.6394 0.5903 0.8503 -0.1015 -0.0843 -0.0269 448 ASP A OD2 
321 N N   . ASN A 42 ? 0.4721 0.3783 0.6948 -0.0637 -0.0568 0.0353  449 ASN A N   
322 C CA  . ASN A 42 ? 0.4344 0.3627 0.6527 -0.0545 -0.0514 0.0586  449 ASN A CA  
323 C C   . ASN A 42 ? 0.4389 0.3851 0.6722 -0.0696 -0.0481 0.0761  449 ASN A C   
324 O O   . ASN A 42 ? 0.4903 0.4424 0.7232 -0.0657 -0.0413 0.0987  449 ASN A O   
325 C CB  . ASN A 42 ? 0.5045 0.4101 0.7206 -0.0398 -0.0475 0.0726  449 ASN A CB  
326 C CG  . ASN A 42 ? 0.6288 0.4912 0.8546 -0.0400 -0.0485 0.0635  449 ASN A CG  
327 O OD1 . ASN A 42 ? 0.7300 0.5659 0.9698 -0.0516 -0.0465 0.0731  449 ASN A OD1 
328 N ND2 . ASN A 42 ? 0.5323 0.3861 0.7506 -0.0270 -0.0502 0.0447  449 ASN A ND2 
329 N N   . LEU A 43 ? 0.3824 0.3391 0.6285 -0.0872 -0.0529 0.0654  450 LEU A N   
330 C CA  . LEU A 43 ? 0.2760 0.2628 0.5396 -0.1012 -0.0499 0.0794  450 LEU A CA  
331 C C   . LEU A 43 ? 0.2453 0.2695 0.4966 -0.0873 -0.0451 0.0901  450 LEU A C   
332 O O   . LEU A 43 ? 0.2290 0.2620 0.4600 -0.0726 -0.0482 0.0794  450 LEU A O   
333 C CB  . LEU A 43 ? 0.3025 0.3038 0.5811 -0.1198 -0.0590 0.0631  450 LEU A CB  
334 C CG  . LEU A 43 ? 0.4591 0.4248 0.7502 -0.1388 -0.0629 0.0520  450 LEU A CG  
335 C CD1 . LEU A 43 ? 0.5552 0.5417 0.8467 -0.1517 -0.0720 0.0318  450 LEU A CD1 
336 C CD2 . LEU A 43 ? 0.4809 0.4342 0.7841 -0.1492 -0.0529 0.0724  450 LEU A CD2 
337 N N   . SER A 44 ? 0.2480 0.2923 0.5107 -0.0927 -0.0364 0.1108  451 SER A N   
338 C CA  . SER A 44 ? 0.2257 0.3037 0.4765 -0.0797 -0.0296 0.1213  451 SER A CA  
339 C C   . SER A 44 ? 0.2003 0.3082 0.4472 -0.0745 -0.0362 0.1056  451 SER A C   
340 O O   . SER A 44 ? 0.2561 0.3728 0.4800 -0.0573 -0.0353 0.1030  451 SER A O   
341 C CB  . SER A 44 ? 0.4168 0.5150 0.6850 -0.0901 -0.0180 0.1440  451 SER A CB  
342 O OG  . SER A 44 ? 0.6347 0.7650 0.8900 -0.0763 -0.0097 0.1528  451 SER A OG  
343 N N   . GLU A 45 ? 0.2031 0.3246 0.4712 -0.0895 -0.0439 0.0955  452 GLU A N   
344 C CA  . GLU A 45 ? 0.1843 0.3357 0.4501 -0.0843 -0.0517 0.0834  452 GLU A CA  
345 C C   . GLU A 45 ? 0.2108 0.3428 0.4473 -0.0714 -0.0594 0.0656  452 GLU A C   
346 O O   . GLU A 45 ? 0.2175 0.3652 0.4369 -0.0575 -0.0606 0.0621  452 GLU A O   
347 C CB  . GLU A 45 ? 0.1937 0.3640 0.4883 -0.1047 -0.0614 0.0754  452 GLU A CB  
348 C CG  . GLU A 45 ? 0.2017 0.4038 0.5224 -0.1147 -0.0528 0.0900  452 GLU A CG  
349 C CD  . GLU A 45 ? 0.3638 0.5405 0.6981 -0.1327 -0.0456 0.0996  452 GLU A CD  
350 O OE1 . GLU A 45 ? 0.3113 0.4451 0.6382 -0.1374 -0.0490 0.0945  452 GLU A OE1 
351 O OE2 . GLU A 45 ? 0.3667 0.5642 0.7175 -0.1414 -0.0360 0.1118  452 GLU A OE2 
352 N N   . THR A 46 ? 0.1885 0.2855 0.4196 -0.0765 -0.0636 0.0544  453 THR A N   
353 C CA  . THR A 46 ? 0.1826 0.2611 0.3873 -0.0656 -0.0682 0.0380  453 THR A CA  
354 C C   . THR A 46 ? 0.1680 0.2445 0.3504 -0.0471 -0.0605 0.0459  453 THR A C   
355 O O   . THR A 46 ? 0.1554 0.2360 0.3159 -0.0365 -0.0624 0.0377  453 THR A O   
356 C CB  . THR A 46 ? 0.2677 0.3092 0.4739 -0.0731 -0.0711 0.0254  453 THR A CB  
357 O OG1 . THR A 46 ? 0.3216 0.3632 0.5436 -0.0917 -0.0799 0.0139  453 THR A OG1 
358 C CG2 . THR A 46 ? 0.1990 0.2245 0.3791 -0.0608 -0.0727 0.0096  453 THR A CG2 
359 N N   . VAL A 47 ? 0.1734 0.2431 0.3602 -0.0444 -0.0523 0.0623  454 VAL A N   
360 C CA  . VAL A 47 ? 0.1643 0.2319 0.3296 -0.0287 -0.0467 0.0693  454 VAL A CA  
361 C C   . VAL A 47 ? 0.1491 0.2440 0.3025 -0.0200 -0.0429 0.0747  454 VAL A C   
362 O O   . VAL A 47 ? 0.1535 0.2476 0.2829 -0.0082 -0.0420 0.0704  454 VAL A O   
363 C CB  . VAL A 47 ? 0.1830 0.2377 0.3540 -0.0279 -0.0402 0.0875  454 VAL A CB  
364 C CG1 . VAL A 47 ? 0.1712 0.2328 0.3192 -0.0130 -0.0353 0.0967  454 VAL A CG1 
365 C CG2 . VAL A 47 ? 0.1968 0.2188 0.3749 -0.0303 -0.0437 0.0813  454 VAL A CG2 
366 N N   . SER A 48 ? 0.1924 0.3115 0.3636 -0.0262 -0.0401 0.0831  455 SER A N   
367 C CA  . SER A 48 ? 0.1528 0.2990 0.3158 -0.0159 -0.0349 0.0883  455 SER A CA  
368 C C   . SER A 48 ? 0.1794 0.3307 0.3285 -0.0089 -0.0428 0.0731  455 SER A C   
369 O O   . SER A 48 ? 0.1705 0.3282 0.2994 0.0047  -0.0393 0.0732  455 SER A O   
370 C CB  . SER A 48 ? 0.2081 0.3838 0.3993 -0.0243 -0.0289 0.1013  455 SER A CB  
371 O OG  . SER A 48 ? 0.3515 0.5554 0.5374 -0.0119 -0.0230 0.1050  455 SER A OG  
372 N N   . GLN A 49 ? 0.1317 0.2769 0.2886 -0.0182 -0.0533 0.0601  456 GLN A N   
373 C CA  . GLN A 49 ? 0.1276 0.2758 0.2686 -0.0124 -0.0615 0.0474  456 GLN A CA  
374 C C   . GLN A 49 ? 0.1252 0.2481 0.2337 -0.0035 -0.0606 0.0388  456 GLN A C   
375 O O   . GLN A 49 ? 0.1675 0.2908 0.2535 0.0071  -0.0608 0.0356  456 GLN A O   
376 C CB  . GLN A 49 ? 0.1357 0.2851 0.2907 -0.0262 -0.0736 0.0355  456 GLN A CB  
377 C CG  . GLN A 49 ? 0.1689 0.3260 0.3074 -0.0205 -0.0835 0.0255  456 GLN A CG  
378 C CD  . GLN A 49 ? 0.1548 0.3422 0.2977 -0.0082 -0.0822 0.0354  456 GLN A CD  
379 O OE1 . GLN A 49 ? 0.1467 0.3646 0.3189 -0.0134 -0.0841 0.0418  456 GLN A OE1 
380 N NE2 . GLN A 49 ? 0.1285 0.3074 0.2430 0.0082  -0.0782 0.0360  456 GLN A NE2 
381 N N   . ALA A 50 ? 0.1286 0.2296 0.2362 -0.0078 -0.0593 0.0355  457 ALA A N   
382 C CA  . ALA A 50 ? 0.1264 0.2087 0.2096 -0.0010 -0.0575 0.0281  457 ALA A CA  
383 C C   . ALA A 50 ? 0.1416 0.2282 0.2069 0.0104  -0.0503 0.0370  457 ALA A C   
384 O O   . ALA A 50 ? 0.1650 0.2436 0.2057 0.0163  -0.0499 0.0302  457 ALA A O   
385 C CB  . ALA A 50 ? 0.1327 0.1962 0.2254 -0.0056 -0.0570 0.0250  457 ALA A CB  
386 N N   . ARG A 51 ? 0.1221 0.2203 0.1983 0.0120  -0.0442 0.0519  458 ARG A N   
387 C CA  A ARG A 51 ? 0.1225 0.2256 0.1799 0.0223  -0.0369 0.0597  458 ARG A CA  
388 C CA  B ARG A 51 ? 0.1225 0.2259 0.1801 0.0223  -0.0368 0.0599  458 ARG A CA  
389 C C   . ARG A 51 ? 0.1553 0.2676 0.1984 0.0310  -0.0357 0.0568  458 ARG A C   
390 O O   . ARG A 51 ? 0.2379 0.3420 0.2545 0.0394  -0.0324 0.0540  458 ARG A O   
391 C CB  A ARG A 51 ? 0.1282 0.2427 0.1991 0.0214  -0.0295 0.0769  458 ARG A CB  
392 C CB  B ARG A 51 ? 0.1283 0.2434 0.1995 0.0215  -0.0293 0.0772  458 ARG A CB  
393 C CG  A ARG A 51 ? 0.2277 0.3478 0.2761 0.0319  -0.0213 0.0842  458 ARG A CG  
394 C CG  B ARG A 51 ? 0.2724 0.3957 0.3226 0.0322  -0.0207 0.0846  458 ARG A CG  
395 C CD  A ARG A 51 ? 0.3368 0.4731 0.3978 0.0307  -0.0119 0.1020  458 ARG A CD  
396 C CD  B ARG A 51 ? 0.3629 0.5006 0.4253 0.0304  -0.0116 0.1026  458 ARG A CD  
397 N NE  A ARG A 51 ? 0.3759 0.5312 0.4669 0.0234  -0.0109 0.1060  458 ARG A NE  
398 N NE  B ARG A 51 ? 0.4128 0.5550 0.4494 0.0405  -0.0028 0.1087  458 ARG A NE  
399 C CZ  A ARG A 51 ? 0.3558 0.5315 0.4517 0.0289  -0.0088 0.1033  458 ARG A CZ  
400 C CZ  B ARG A 51 ? 0.5199 0.6815 0.5551 0.0470  0.0078  0.1151  458 ARG A CZ  
401 N NH1 A ARG A 51 ? 0.4224 0.5959 0.4920 0.0428  -0.0064 0.0968  458 ARG A NH1 
402 N NH1 B ARG A 51 ? 0.5876 0.7705 0.6496 0.0444  0.0101  0.1174  458 ARG A NH1 
403 N NH2 A ARG A 51 ? 0.2570 0.4551 0.3844 0.0208  -0.0094 0.1071  458 ARG A NH2 
404 N NH2 B ARG A 51 ? 0.5023 0.6640 0.5093 0.0562  0.0161  0.1183  458 ARG A NH2 
405 N N   . ASP A 52 ? 0.1209 0.2496 0.1814 0.0292  -0.0390 0.0570  459 ASP A N   
406 C CA  . ASP A 52 ? 0.1238 0.2606 0.1723 0.0401  -0.0396 0.0546  459 ASP A CA  
407 C C   . ASP A 52 ? 0.1276 0.2418 0.1488 0.0421  -0.0456 0.0418  459 ASP A C   
408 O O   . ASP A 52 ? 0.2064 0.3107 0.2023 0.0526  -0.0427 0.0400  459 ASP A O   
409 C CB  . ASP A 52 ? 0.1226 0.2865 0.1991 0.0376  -0.0447 0.0573  459 ASP A CB  
410 C CG  . ASP A 52 ? 0.2309 0.4229 0.3338 0.0371  -0.0358 0.0713  459 ASP A CG  
411 O OD1 . ASP A 52 ? 0.2656 0.4545 0.3593 0.0413  -0.0249 0.0793  459 ASP A OD1 
412 O OD2 . ASP A 52 ? 0.2256 0.4448 0.3579 0.0318  -0.0396 0.0744  459 ASP A OD2 
413 N N   . PHE A 53 ? 0.1449 0.2486 0.1697 0.0314  -0.0530 0.0327  460 PHE A N   
414 C CA  . PHE A 53 ? 0.1317 0.2146 0.1302 0.0311  -0.0568 0.0210  460 PHE A CA  
415 C C   . PHE A 53 ? 0.1341 0.1997 0.1078 0.0348  -0.0500 0.0193  460 PHE A C   
416 O O   . PHE A 53 ? 0.1919 0.2428 0.1389 0.0394  -0.0486 0.0154  460 PHE A O   
417 C CB  . PHE A 53 ? 0.1316 0.2066 0.1385 0.0189  -0.0627 0.0107  460 PHE A CB  
418 C CG  . PHE A 53 ? 0.1365 0.2230 0.1565 0.0132  -0.0724 0.0069  460 PHE A CG  
419 C CD1 . PHE A 53 ? 0.1418 0.2205 0.1684 0.0018  -0.0778 -0.0040 460 PHE A CD1 
420 C CD2 . PHE A 53 ? 0.1594 0.2655 0.1853 0.0199  -0.0764 0.0136  460 PHE A CD2 
421 C CE1 . PHE A 53 ? 0.1726 0.2619 0.2089 -0.0053 -0.0882 -0.0091 460 PHE A CE1 
422 C CE2 . PHE A 53 ? 0.1952 0.3164 0.2347 0.0136  -0.0877 0.0100  460 PHE A CE2 
423 C CZ  . PHE A 53 ? 0.1511 0.2635 0.1945 -0.0001 -0.0941 -0.0017 460 PHE A CZ  
424 N N   . SER A 54 ? 0.1464 0.2121 0.1289 0.0314  -0.0463 0.0226  461 SER A N   
425 C CA  A SER A 54 ? 0.1723 0.2267 0.1355 0.0327  -0.0422 0.0204  461 SER A CA  
426 C CA  B SER A 54 ? 0.1749 0.2288 0.1375 0.0326  -0.0423 0.0200  461 SER A CA  
427 C C   . SER A 54 ? 0.1576 0.2076 0.0990 0.0411  -0.0361 0.0236  461 SER A C   
428 O O   . SER A 54 ? 0.1872 0.2192 0.1078 0.0387  -0.0329 0.0163  461 SER A O   
429 C CB  A SER A 54 ? 0.1660 0.2259 0.1459 0.0298  -0.0410 0.0262  461 SER A CB  
430 C CB  B SER A 54 ? 0.1707 0.2293 0.1493 0.0295  -0.0413 0.0250  461 SER A CB  
431 O OG  A SER A 54 ? 0.2179 0.2717 0.1815 0.0303  -0.0395 0.0236  461 SER A OG  
432 O OG  B SER A 54 ? 0.2302 0.3004 0.2158 0.0341  -0.0370 0.0382  461 SER A OG  
433 N N   . HIS A 55 ? 0.1439 0.2087 0.0957 0.0477  -0.0321 0.0336  462 HIS A N   
434 C CA  . HIS A 55 ? 0.1711 0.2321 0.1070 0.0562  -0.0237 0.0351  462 HIS A CA  
435 C C   . HIS A 55 ? 0.1657 0.2135 0.0865 0.0622  -0.0234 0.0289  462 HIS A C   
436 O O   . HIS A 55 ? 0.2813 0.3115 0.1806 0.0661  -0.0183 0.0241  462 HIS A O   
437 C CB  . HIS A 55 ? 0.2154 0.3016 0.1691 0.0629  -0.0185 0.0481  462 HIS A CB  
438 C CG  . HIS A 55 ? 0.3450 0.4307 0.2810 0.0740  -0.0084 0.0500  462 HIS A CG  
439 N ND1 . HIS A 55 ? 0.3513 0.4490 0.2891 0.0875  -0.0037 0.0533  462 HIS A ND1 
440 C CD2 . HIS A 55 ? 0.3742 0.4496 0.2911 0.0745  -0.0024 0.0478  462 HIS A CD2 
441 C CE1 . HIS A 55 ? 0.3723 0.4656 0.2899 0.0976  0.0062  0.0533  462 HIS A CE1 
442 N NE2 . HIS A 55 ? 0.4079 0.4868 0.3131 0.0882  0.0066  0.0491  462 HIS A NE2 
443 N N   . THR A 56 ? 0.1660 0.2219 0.0991 0.0628  -0.0298 0.0294  463 THR A N   
444 C CA  . THR A 56 ? 0.1759 0.2201 0.0958 0.0692  -0.0311 0.0257  463 THR A CA  
445 C C   . THR A 56 ? 0.1971 0.2120 0.0934 0.0613  -0.0311 0.0166  463 THR A C   
446 O O   . THR A 56 ? 0.2345 0.2301 0.1114 0.0669  -0.0275 0.0140  463 THR A O   
447 C CB  . THR A 56 ? 0.1805 0.2424 0.1207 0.0683  -0.0403 0.0280  463 THR A CB  
448 O OG1 . THR A 56 ? 0.1743 0.2672 0.1424 0.0730  -0.0388 0.0370  463 THR A OG1 
449 C CG2 . THR A 56 ? 0.1886 0.2382 0.1142 0.0748  -0.0434 0.0257  463 THR A CG2 
450 N N   . LEU A 57 ? 0.1839 0.1968 0.0838 0.0487  -0.0346 0.0121  464 LEU A N   
451 C CA  . LEU A 57 ? 0.2115 0.2046 0.0959 0.0389  -0.0328 0.0045  464 LEU A CA  
452 C C   . LEU A 57 ? 0.2358 0.2170 0.1084 0.0367  -0.0260 0.0024  464 LEU A C   
453 O O   . LEU A 57 ? 0.2601 0.2235 0.1174 0.0344  -0.0229 -0.0011 464 LEU A O   
454 C CB  . LEU A 57 ? 0.1686 0.1678 0.0624 0.0282  -0.0366 -0.0002 464 LEU A CB  
455 C CG  . LEU A 57 ? 0.1805 0.1687 0.0649 0.0168  -0.0328 -0.0079 464 LEU A CG  
456 C CD1 . LEU A 57 ? 0.1864 0.1636 0.0586 0.0162  -0.0324 -0.0090 464 LEU A CD1 
457 C CD2 . LEU A 57 ? 0.1749 0.1717 0.0704 0.0105  -0.0360 -0.0136 464 LEU A CD2 
458 N N   . SER A 58 ? 0.1804 0.1722 0.0600 0.0373  -0.0245 0.0051  465 SER A N   
459 C CA  . SER A 58 ? 0.1981 0.1822 0.0668 0.0340  -0.0200 0.0027  465 SER A CA  
460 C C   . SER A 58 ? 0.2381 0.2062 0.0896 0.0438  -0.0154 0.0022  465 SER A C   
461 O O   . SER A 58 ? 0.3190 0.2699 0.1557 0.0391  -0.0130 -0.0029 465 SER A O   
462 C CB  . SER A 58 ? 0.1813 0.1806 0.0589 0.0354  -0.0200 0.0077  465 SER A CB  
463 O OG  . SER A 58 ? 0.3178 0.3119 0.1842 0.0297  -0.0178 0.0045  465 SER A OG  
464 N N   . LYS A 59 ? 0.2290 0.2040 0.0829 0.0586  -0.0142 0.0075  466 LYS A N   
465 C CA  . LYS A 59 ? 0.2629 0.2239 0.0996 0.0735  -0.0092 0.0077  466 LYS A CA  
466 C C   . LYS A 59 ? 0.3516 0.2861 0.1714 0.0745  -0.0109 0.0041  466 LYS A C   
467 O O   . LYS A 59 ? 0.3669 0.2751 0.1640 0.0810  -0.0071 0.0014  466 LYS A O   
468 C CB  . LYS A 59 ? 0.3132 0.2977 0.1617 0.0906  -0.0071 0.0158  466 LYS A CB  
469 C CG  . LYS A 59 ? 0.5504 0.5261 0.3822 0.1117  -0.0007 0.0172  466 LYS A CG  
470 C CD  . LYS A 59 ? 0.7588 0.7694 0.6110 0.1270  0.0013  0.0272  466 LYS A CD  
471 C CE  . LYS A 59 ? 0.9464 0.9491 0.7840 0.1510  0.0059  0.0287  466 LYS A CE  
472 N NZ  . LYS A 59 ? 0.9841 1.0259 0.8532 0.1606  0.0050  0.0379  466 LYS A NZ  
473 N N   . SER A 60 ? 0.2474 0.1861 0.0758 0.0675  -0.0166 0.0044  467 SER A N   
474 C CA  A SER A 60 ? 0.2683 0.1829 0.0795 0.0681  -0.0181 0.0028  467 SER A CA  
475 C CA  B SER A 60 ? 0.2675 0.1826 0.0792 0.0675  -0.0183 0.0028  467 SER A CA  
476 C C   . SER A 60 ? 0.2771 0.1717 0.0762 0.0525  -0.0156 -0.0026 467 SER A C   
477 O O   . SER A 60 ? 0.3430 0.2072 0.1189 0.0548  -0.0140 -0.0035 467 SER A O   
478 C CB  A SER A 60 ? 0.2573 0.1850 0.0800 0.0650  -0.0249 0.0051  467 SER A CB  
479 C CB  B SER A 60 ? 0.2547 0.1838 0.0788 0.0631  -0.0250 0.0047  467 SER A CB  
480 O OG  A SER A 60 ? 0.2409 0.1742 0.0716 0.0473  -0.0261 0.0011  467 SER A OG  
481 O OG  B SER A 60 ? 0.2491 0.1998 0.0871 0.0756  -0.0290 0.0105  467 SER A OG  
482 N N   . LEU A 61 ? 0.2548 0.1668 0.0689 0.0381  -0.0152 -0.0057 468 LEU A N   
483 C CA  . LEU A 61 ? 0.2608 0.1642 0.0687 0.0241  -0.0128 -0.0110 468 LEU A CA  
484 C C   . LEU A 61 ? 0.2837 0.1694 0.0745 0.0255  -0.0092 -0.0138 468 LEU A C   
485 O O   . LEU A 61 ? 0.3373 0.2008 0.1115 0.0181  -0.0072 -0.0172 468 LEU A O   
486 C CB  . LEU A 61 ? 0.2322 0.1637 0.0618 0.0124  -0.0140 -0.0141 468 LEU A CB  
487 C CG  . LEU A 61 ? 0.2421 0.1849 0.0829 0.0095  -0.0166 -0.0138 468 LEU A CG  
488 C CD1 . LEU A 61 ? 0.1988 0.1622 0.0552 0.0009  -0.0167 -0.0187 468 LEU A CD1 
489 C CD2 . LEU A 61 ? 0.3130 0.2348 0.1378 0.0084  -0.0158 -0.0138 468 LEU A CD2 
490 N N   . LYS A 62 ? 0.2817 0.1756 0.0747 0.0347  -0.0081 -0.0121 469 LYS A N   
491 C CA  A LYS A 62 ? 0.3083 0.1846 0.0821 0.0382  -0.0043 -0.0153 469 LYS A CA  
492 C CA  B LYS A 62 ? 0.3083 0.1846 0.0822 0.0383  -0.0043 -0.0152 469 LYS A CA  
493 C C   . LYS A 62 ? 0.3781 0.2145 0.1231 0.0507  -0.0017 -0.0143 469 LYS A C   
494 O O   . LYS A 62 ? 0.3805 0.1875 0.1020 0.0471  0.0010  -0.0184 469 LYS A O   
495 C CB  A LYS A 62 ? 0.3009 0.1954 0.0812 0.0473  -0.0024 -0.0128 469 LYS A CB  
496 C CB  B LYS A 62 ? 0.3010 0.1954 0.0813 0.0475  -0.0024 -0.0128 469 LYS A CB  
497 C CG  A LYS A 62 ? 0.2719 0.1981 0.0730 0.0361  -0.0052 -0.0122 469 LYS A CG  
498 C CG  B LYS A 62 ? 0.2736 0.1986 0.0734 0.0359  -0.0049 -0.0126 469 LYS A CG  
499 C CD  A LYS A 62 ? 0.3093 0.2499 0.1137 0.0458  -0.0027 -0.0072 469 LYS A CD  
500 C CD  B LYS A 62 ? 0.2995 0.2376 0.1008 0.0454  -0.0022 -0.0083 469 LYS A CD  
501 C CE  A LYS A 62 ? 0.3131 0.2783 0.1339 0.0363  -0.0064 -0.0039 469 LYS A CE  
502 C CE  B LYS A 62 ? 0.3048 0.2664 0.1187 0.0348  -0.0055 -0.0061 469 LYS A CE  
503 N NZ  A LYS A 62 ? 0.3579 0.3369 0.1815 0.0456  -0.0035 0.0032  469 LYS A NZ  
504 N NZ  B LYS A 62 ? 0.2997 0.2760 0.1344 0.0304  -0.0103 -0.0018 469 LYS A NZ  
505 N N   . SER A 63 ? 0.3490 0.1834 0.0940 0.0662  -0.0030 -0.0089 470 SER A N   
506 C CA  A SER A 63 ? 0.3902 0.1862 0.1055 0.0825  -0.0014 -0.0066 470 SER A CA  
507 C CA  B SER A 63 ? 0.3902 0.1861 0.1055 0.0825  -0.0014 -0.0067 470 SER A CA  
508 C C   . SER A 63 ? 0.4257 0.1907 0.1227 0.0692  -0.0024 -0.0078 470 SER A C   
509 O O   . SER A 63 ? 0.4675 0.1880 0.1305 0.0733  0.0008  -0.0080 470 SER A O   
510 C CB  A SER A 63 ? 0.3835 0.1944 0.1072 0.1023  -0.0040 -0.0010 470 SER A CB  
511 C CB  B SER A 63 ? 0.3840 0.1944 0.1073 0.1025  -0.0039 -0.0010 470 SER A CB  
512 O OG  A SER A 63 ? 0.4828 0.2583 0.1761 0.1231  -0.0022 0.0012  470 SER A OG  
513 O OG  B SER A 63 ? 0.3730 0.2092 0.1085 0.1173  -0.0006 0.0013  470 SER A OG  
514 N N   . ARG A 64 ? 0.3832 0.1697 0.1000 0.0534  -0.0059 -0.0080 471 ARG A N   
515 C CA  . ARG A 64 ? 0.4035 0.1649 0.1037 0.0394  -0.0052 -0.0086 471 ARG A CA  
516 C C   . ARG A 64 ? 0.4227 0.1665 0.1094 0.0240  -0.0011 -0.0135 471 ARG A C   
517 O O   . ARG A 64 ? 0.4868 0.1863 0.1402 0.0199  0.0020  -0.0129 471 ARG A O   
518 C CB  . ARG A 64 ? 0.3949 0.1884 0.1205 0.0266  -0.0082 -0.0087 471 ARG A CB  
519 C CG  . ARG A 64 ? 0.3889 0.1616 0.0989 0.0106  -0.0057 -0.0096 471 ARG A CG  
520 C CD  . ARG A 64 ? 0.3604 0.1630 0.0917 0.0014  -0.0074 -0.0103 471 ARG A CD  
521 N NE  . ARG A 64 ? 0.3858 0.1664 0.0984 -0.0138 -0.0032 -0.0108 471 ARG A NE  
522 C CZ  . ARG A 64 ? 0.5228 0.2694 0.2065 -0.0128 -0.0026 -0.0067 471 ARG A CZ  
523 N NH1 . ARG A 64 ? 0.4368 0.1711 0.1095 0.0049  -0.0073 -0.0020 471 ARG A NH1 
524 N NH2 . ARG A 64 ? 0.4493 0.1748 0.1140 -0.0296 0.0027  -0.0073 471 ARG A NH2 
525 N N   . ALA A 65 ? 0.4037 0.1808 0.1136 0.0155  -0.0013 -0.0184 472 ALA A N   
526 C CA  . ALA A 65 ? 0.4105 0.1788 0.1107 0.0016  0.0012  -0.0247 472 ALA A CA  
527 C C   . ALA A 65 ? 0.4604 0.1844 0.1250 0.0090  0.0051  -0.0257 472 ALA A C   
528 O O   . ALA A 65 ? 0.5639 0.2571 0.2042 -0.0037 0.0082  -0.0290 472 ALA A O   
529 C CB  . ALA A 65 ? 0.3752 0.1869 0.1030 -0.0022 -0.0011 -0.0294 472 ALA A CB  
530 N N   . LYS A 66 ? 0.4656 0.1861 0.1257 0.0297  0.0058  -0.0232 473 LYS A N   
531 C CA  . LYS A 66 ? 0.5173 0.1941 0.1415 0.0418  0.0105  -0.0239 473 LYS A CA  
532 C C   . LYS A 66 ? 0.6614 0.2837 0.2475 0.0445  0.0126  -0.0185 473 LYS A C   
533 O O   . LYS A 66 ? 0.6132 0.1959 0.1678 0.0362  0.0168  -0.0211 473 LYS A O   
534 C CB  . LYS A 66 ? 0.5138 0.2009 0.1416 0.0674  0.0120  -0.0209 473 LYS A CB  
535 C CG  . LYS A 66 ? 0.5696 0.2140 0.1607 0.0834  0.0181  -0.0218 473 LYS A CG  
536 C CD  . LYS A 66 ? 0.5688 0.2270 0.1639 0.1111  0.0213  -0.0183 473 LYS A CD  
537 C CE  . LYS A 66 ? 0.6247 0.2462 0.1865 0.1242  0.0290  -0.0221 473 LYS A CE  
538 N NZ  . LYS A 66 ? 0.6524 0.2955 0.2220 0.1483  0.0345  -0.0207 473 LYS A NZ  
539 N N   . SER A 67 ? 0.6390 0.2586 0.2258 0.0555  0.0096  -0.0112 474 SER A N   
540 C CA  . SER A 67 ? 0.6634 0.2295 0.2101 0.0598  0.0107  -0.0048 474 SER A CA  
541 C C   . SER A 67 ? 0.6317 0.1755 0.1625 0.0316  0.0137  -0.0063 474 SER A C   
542 O O   . SER A 67 ? 0.7664 0.2550 0.2508 0.0298  0.0181  -0.0022 474 SER A O   
543 C CB  . SER A 67 ? 0.6466 0.2256 0.2057 0.0729  0.0054  -0.0010 474 SER A CB  
544 O OG  . SER A 67 ? 0.7771 0.3657 0.3398 0.1030  0.0042  0.0008  474 SER A OG  
545 N N   . LEU A 68 ? 0.6262 0.2138 0.1923 0.0102  0.0120  -0.0114 475 LEU A N   
546 C CA  . LEU A 68 ? 0.6031 0.1771 0.1577 -0.0169 0.0159  -0.0130 475 LEU A CA  
547 C C   . LEU A 68 ? 0.6840 0.2381 0.2194 -0.0302 0.0205  -0.0193 475 LEU A C   
548 O O   . LEU A 68 ? 0.7456 0.2602 0.2471 -0.0467 0.0260  -0.0184 475 LEU A O   
549 C CB  . LEU A 68 ? 0.5465 0.1769 0.1447 -0.0319 0.0132  -0.0169 475 LEU A CB  
550 C CG  . LEU A 68 ? 0.6028 0.2502 0.2159 -0.0267 0.0100  -0.0125 475 LEU A CG  
551 C CD1 . LEU A 68 ? 0.5163 0.2214 0.1724 -0.0375 0.0081  -0.0168 475 LEU A CD1 
552 C CD2 . LEU A 68 ? 0.5717 0.1697 0.1461 -0.0352 0.0139  -0.0077 475 LEU A CD2 
553 N N   . SER A 69 ? 0.6581 0.2396 0.2135 -0.0239 0.0184  -0.0264 476 SER A N   
554 C CA  A SER A 69 ? 0.6448 0.2138 0.1866 -0.0364 0.0212  -0.0354 476 SER A CA  
555 C CA  B SER A 69 ? 0.6445 0.2137 0.1864 -0.0361 0.0211  -0.0353 476 SER A CA  
556 C C   . SER A 69 ? 0.7673 0.2743 0.2608 -0.0270 0.0267  -0.0339 476 SER A C   
557 O O   . SER A 69 ? 0.7966 0.2758 0.2666 -0.0423 0.0307  -0.0404 476 SER A O   
558 C CB  A SER A 69 ? 0.6079 0.2217 0.1801 -0.0307 0.0170  -0.0434 476 SER A CB  
559 C CB  B SER A 69 ? 0.6075 0.2213 0.1799 -0.0297 0.0170  -0.0432 476 SER A CB  
560 O OG  A SER A 69 ? 0.6130 0.2203 0.1796 -0.0060 0.0179  -0.0415 476 SER A OG  
561 O OG  B SER A 69 ? 0.6434 0.2695 0.2194 -0.0495 0.0160  -0.0532 476 SER A OG  
562 N N   . GLN A 70 ? 0.7660 0.2527 0.2447 -0.0010 0.0270  -0.0259 477 GLN A N   
563 C CA  . GLN A 70 ? 0.8842 0.3132 0.3159 0.0133  0.0325  -0.0234 477 GLN A CA  
564 C C   . GLN A 70 ? 1.0537 0.4355 0.4459 -0.0048 0.0373  -0.0202 477 GLN A C   
565 O O   . GLN A 70 ? 1.1618 0.4974 0.5176 -0.0046 0.0429  -0.0233 477 GLN A O   
566 C CB  . GLN A 70 ? 0.9873 0.4106 0.4117 0.0461  0.0308  -0.0138 477 GLN A CB  
567 C CG  . GLN A 70 ? 1.1790 0.5905 0.5923 0.0710  0.0346  -0.0174 477 GLN A CG  
568 C CD  . GLN A 70 ? 1.2942 0.7574 0.7476 0.0798  0.0324  -0.0224 477 GLN A CD  
569 O OE1 . GLN A 70 ? 1.3473 0.8398 0.8210 0.0985  0.0291  -0.0159 477 GLN A OE1 
570 N NE2 . GLN A 70 ? 1.2528 0.7286 0.7158 0.0659  0.0341  -0.0340 477 GLN A NE2 
571 N N   . LYS A 71 ? 1.1129 0.5073 0.5131 -0.0206 0.0358  -0.0146 478 LYS A N   
572 C CA  . LYS A 71 ? 1.1736 0.5313 0.5382 -0.0427 0.0417  -0.0123 478 LYS A CA  
573 C C   . LYS A 71 ? 1.1111 0.5060 0.5051 -0.0737 0.0421  -0.0163 478 LYS A C   
574 O O   . LYS A 71 ? 1.1080 0.5097 0.5075 -0.0946 0.0445  -0.0259 478 LYS A O   
575 C CB  . LYS A 71 ? 1.1788 0.5086 0.5100 -0.0288 0.0417  -0.0017 478 LYS A CB  
576 C CG  . LYS A 71 ? 1.0552 0.4380 0.4379 -0.0212 0.0335  0.0004  478 LYS A CG  
577 C CD  . LYS A 71 ? 1.1230 0.4960 0.4913 -0.0200 0.0328  0.0008  478 LYS A CD  
578 C CE  . LYS A 71 ? 1.2153 0.6220 0.6243 -0.0409 0.0311  0.0016  478 LYS A CE  
579 N NZ  . LYS A 71 ? 1.3056 0.6884 0.6876 -0.0463 0.0321  -0.0059 478 LYS A NZ  
580 O O   . HOH B .  ? 0.8544 0.2852 0.5448 -0.0105 -0.0598 0.0684  501 HOH A O   
581 O O   . HOH B .  ? 0.4975 0.2109 0.2406 -0.0556 0.0365  -0.0285 502 HOH A O   
582 O O   . HOH B .  ? 0.3182 0.3019 0.4595 -0.0827 -0.0025 -0.0772 503 HOH A O   
583 O O   . HOH B .  ? 0.4298 0.3119 0.2389 -0.0223 0.0379  -0.0520 504 HOH A O   
584 O O   . HOH B .  ? 0.6741 0.7235 0.5989 0.0005  0.0523  -0.0213 505 HOH A O   
585 O O   . HOH B .  ? 0.8884 0.8802 0.7825 0.0534  0.0434  -0.0481 506 HOH A O   
586 O O   . HOH B .  ? 0.6544 0.2957 0.4227 0.0926  0.0132  -0.0863 507 HOH A O   
587 O O   . HOH B .  ? 0.8238 0.7895 0.6539 -0.0525 0.0441  -0.0968 508 HOH A O   
588 O O   . HOH B .  ? 0.4082 0.3456 0.2646 -0.0689 0.0710  -0.1103 509 HOH A O   
589 O O   . HOH B .  ? 0.5947 0.5451 0.4759 -0.0510 0.0531  -0.1131 510 HOH A O   
590 O O   . HOH B .  ? 0.3063 0.3609 0.2697 0.0053  0.0342  -0.0317 511 HOH A O   
591 O O   . HOH B .  ? 0.3363 0.4282 0.2829 0.0567  0.0328  -0.0378 512 HOH A O   
592 O O   . HOH B .  ? 0.9066 0.4700 0.6262 0.0499  -0.0749 0.0978  513 HOH A O   
593 O O   . HOH B .  ? 0.3153 0.2358 0.3208 -0.0492 0.0608  -0.1235 514 HOH A O   
594 O O   . HOH B .  ? 0.6575 0.5263 0.4898 0.0649  0.0390  -0.0591 515 HOH A O   
595 O O   . HOH B .  ? 0.7502 0.5699 0.5609 0.0676  0.0227  -0.0424 516 HOH A O   
596 O O   . HOH B .  ? 0.8115 0.7206 0.6320 0.0185  0.0567  -0.0684 517 HOH A O   
597 O O   . HOH B .  ? 0.5219 0.4032 0.2858 -0.0106 0.0137  -0.0177 518 HOH A O   
598 O O   . HOH B .  ? 0.9102 0.6990 0.7277 0.1155  -0.0042 -0.0259 519 HOH A O   
599 O O   . HOH B .  ? 0.4900 0.3461 0.2145 -0.0692 0.0377  -0.0188 520 HOH A O   
600 O O   . HOH B .  ? 0.5340 0.4672 0.7669 -0.0986 -0.0174 -0.1241 521 HOH A O   
601 O O   . HOH B .  ? 0.4965 0.3029 0.2575 0.0197  0.0060  -0.0037 522 HOH A O   
602 O O   . HOH B .  ? 0.4571 0.3823 0.2666 0.0353  -0.0027 -0.0136 523 HOH A O   
603 O O   . HOH B .  ? 0.2971 0.3927 0.3140 -0.0320 0.0311  -0.0037 524 HOH A O   
604 O O   . HOH B .  ? 0.5112 0.4271 0.3513 -0.0256 0.0392  -0.0680 525 HOH A O   
605 O O   . HOH B .  ? 0.8561 0.4017 0.6204 0.1115  -0.0019 -0.1100 526 HOH A O   
606 O O   . HOH B .  ? 0.2891 0.3801 0.3494 -0.0551 0.0182  -0.0024 527 HOH A O   
607 O O   . HOH B .  ? 0.3853 0.4535 0.6311 -0.1546 -0.0360 0.0730  528 HOH A O   
608 O O   . HOH B .  ? 0.4397 0.5059 0.4809 -0.0710 0.0213  0.0444  529 HOH A O   
609 O O   . HOH B .  ? 0.6534 0.3710 0.3271 -0.1380 0.0304  0.0359  530 HOH A O   
610 O O   . HOH B .  ? 0.5859 0.3988 0.3968 0.0851  0.0358  -0.0735 531 HOH A O   
611 O O   . HOH B .  ? 0.5052 0.4681 0.5025 -0.0475 0.0328  -0.1153 532 HOH A O   
612 O O   . HOH B .  ? 0.3804 0.5144 0.4869 -0.0961 0.0100  0.0571  533 HOH A O   
613 O O   . HOH B .  ? 0.6365 0.5833 0.6608 -0.0530 0.0565  -0.1613 534 HOH A O   
614 O O   . HOH B .  ? 0.7885 0.3059 0.5281 0.0648  -0.0332 -0.0039 535 HOH A O   
615 O O   . HOH B .  ? 0.4166 0.4831 0.3057 0.0658  -0.0222 -0.0128 536 HOH A O   
616 O O   . HOH B .  ? 0.4741 0.3613 0.2777 0.0411  0.0024  -0.0140 537 HOH A O   
617 O O   . HOH B .  ? 0.7442 0.7846 0.6583 -0.0133 0.0521  -0.0141 538 HOH A O   
618 O O   . HOH B .  ? 0.7570 0.3863 0.4279 -0.1244 0.0125  0.0406  539 HOH A O   
619 O O   . HOH B .  ? 0.5755 0.4790 0.3346 -0.0609 0.0436  -0.0489 540 HOH A O   
620 O O   . HOH B .  ? 0.3307 0.3669 0.2575 0.0375  0.0383  -0.0395 541 HOH A O   
621 O O   . HOH B .  ? 0.8909 0.3455 0.6340 0.0760  -0.0303 -0.0511 542 HOH A O   
622 O O   . HOH B .  ? 0.3644 0.4328 0.4629 -0.0952 0.0052  0.0669  543 HOH A O   
623 O O   . HOH B .  ? 0.9417 0.5159 0.7053 0.0954  -0.0231 -0.0252 544 HOH A O   
624 O O   . HOH B .  ? 0.6413 0.6668 0.5635 0.0297  0.0437  -0.0385 545 HOH A O   
625 O O   . HOH B .  ? 0.9389 0.2474 0.6981 0.0008  -0.0585 -0.0649 546 HOH A O   
626 O O   . HOH B .  ? 0.6626 0.5503 1.0025 -0.1178 -0.0507 -0.0206 547 HOH A O   
627 O O   . HOH B .  ? 0.3441 0.3776 0.6027 -0.1545 -0.0425 0.0944  548 HOH A O   
628 O O   . HOH B .  ? 0.6128 0.7715 0.6369 -0.0371 0.0368  0.0146  549 HOH A O   
629 O O   . HOH B .  ? 0.6661 0.5370 0.9614 -0.0734 -0.0192 -0.0791 550 HOH A O   
630 O O   . HOH B .  ? 0.7792 0.5437 0.4268 -0.1597 0.0314  0.0566  551 HOH A O   
631 O O   . HOH B .  ? 0.2898 0.4262 0.3622 -0.0665 0.0200  0.0237  552 HOH A O   
632 O O   . HOH B .  ? 0.6951 0.2820 0.3790 -0.0763 0.0020  0.0238  553 HOH A O   
633 O O   . HOH B .  ? 0.5420 0.5653 0.4546 0.0228  0.0507  -0.0369 554 HOH A O   
634 O O   . HOH B .  ? 0.7326 0.6427 0.5123 -0.0395 0.0344  -0.0500 555 HOH A O   
635 O O   . HOH B .  ? 0.6706 0.5433 0.4353 0.0186  -0.0060 0.0045  556 HOH A O   
636 O O   . HOH B .  ? 0.5295 0.5684 0.4296 0.0943  -0.0101 -0.0175 557 HOH A O   
637 O O   . HOH B .  ? 0.3041 0.4114 0.2902 0.0067  0.0291  -0.0279 558 HOH A O   
638 O O   . HOH B .  ? 0.5097 0.4790 0.4529 -0.0569 0.0543  -0.1497 559 HOH A O   
639 O O   . HOH B .  ? 0.6610 0.2280 0.3487 -0.1030 0.0079  0.0035  560 HOH A O   
# 
